data_8J8R
#
_entry.id   8J8R
#
_cell.length_a   1.00
_cell.length_b   1.00
_cell.length_c   1.00
_cell.angle_alpha   90.00
_cell.angle_beta   90.00
_cell.angle_gamma   90.00
#
_symmetry.space_group_name_H-M   'P 1'
#
loop_
_entity.id
_entity.type
_entity.pdbx_description
1 polymer Beta-arrestin-2
2 polymer 'Fab30 Heavy Chain'
3 polymer 'Fab30 Light Chain'
4 polymer 'Muscarinic acetylcholine receptor M2'
#
loop_
_entity_poly.entity_id
_entity_poly.type
_entity_poly.pdbx_seq_one_letter_code
_entity_poly.pdbx_strand_id
1 'polypeptide(L)'
;MGEKPGTRVFKKSSPNGKLTVYLGKRDFVDHLDKVDPVDGVVLVDPDYLKDRKVFVTLTVAFRYGREDCDVLGLSFRKDL
FIANYQAFPPTPNPPRPPTRLQERLLRKLGQHAHPFFFTIPQNLPSSVTLQPGPEDTGKALGVDFEIRAFVAKSLEEKSH
KRNSVRLVIRKVQFAPEKPGPQPSAETTRHFLMSDRSLHLEASLDKELYYHGEPLNVNVHVTNNSTKTVKKIKVSVRQYA
DIVLFSTAQYKVPVAQVEQDDQVSPSSTFSKVYTITPFLANNREKRGLALDGKLKHEDTNLASSTIVKEGANKEVLGILV
SYRVKVKLVVSRGGDVSVELPFVLMHPKPHDHIALPRPQSAATHPPTLLPSAVPETDAPVDTNLIEFETNYATDDDIVFE
DFARLRLKGLKDEDYDDQFC
;
A,B,C
2 'polypeptide(L)'
;EISEVQLVESGGGLVQPGGSLRLSCAASGFNVYSSSIHWVRQAPGKGLEWVASISSYYGYTYYADSVKGRFTISADTSKN
TAYLQMNSLRAEDTAVYYCARSRQFWYSGLDYWGQGTLVTVSSASTKGPSVFPLAPSSKSTSGGTAALGCLVKDYFPEPV
TVSWNSGALTSGVHTFPAVLQSSGLYSLSSVVTVPSSSLGTQTYICNVNHKPSNTKVDKKVEPKSCDKTHHHHHHHH
;
D,H,M
3 'polypeptide(L)'
;SDIQMTQSPSSLSASVGDRVTITCRASQSVSSAVAWYQQKPGKAPKLLIYSASSLYSGVPSRFSGSRSGTDFTLTISSLQ
PEDFATYYCQQYKYVPVTFGQGTKVEIKRTVAAPSVFIFPPSDSQLKSGTASVVCLLNNFYPREAKVQWKVDNALQSGNS
QESVTEQDSKDSTYSLSSTLTLSKADYEKHKVYACEVTHQGLSSPVTKSFNRGEC
;
E,L,N
4 'polypeptide(L)' EI(TPO)QDEN(TPO)V(SEP)(TPO)SLGH(SEP)KD G,U,V
#
# COMPACT_ATOMS: atom_id res chain seq x y z
N THR A 7 4.08 -10.53 -48.27
CA THR A 7 3.73 -10.15 -46.91
C THR A 7 4.87 -9.41 -46.23
N ARG A 8 4.74 -9.20 -44.93
CA ARG A 8 5.76 -8.54 -44.12
C ARG A 8 5.97 -9.33 -42.83
N VAL A 9 7.11 -9.08 -42.20
CA VAL A 9 7.45 -9.75 -40.94
C VAL A 9 8.25 -8.77 -40.09
N PHE A 10 7.99 -8.78 -38.79
CA PHE A 10 8.66 -7.89 -37.85
C PHE A 10 9.99 -8.48 -37.40
N LYS A 11 10.98 -7.62 -37.21
CA LYS A 11 12.29 -8.05 -36.74
C LYS A 11 12.83 -7.04 -35.74
N LYS A 12 13.65 -7.53 -34.81
CA LYS A 12 14.31 -6.70 -33.83
C LYS A 12 15.64 -7.35 -33.46
N SER A 13 16.62 -6.51 -33.12
CA SER A 13 17.97 -6.99 -32.89
C SER A 13 18.49 -6.45 -31.56
N SER A 14 19.47 -7.17 -31.02
CA SER A 14 20.13 -6.75 -29.80
C SER A 14 20.94 -5.47 -30.04
N PRO A 15 21.16 -4.67 -29.00
CA PRO A 15 21.96 -3.44 -29.19
C PRO A 15 23.36 -3.72 -29.71
N ASN A 16 23.95 -4.88 -29.40
CA ASN A 16 25.21 -5.26 -30.00
C ASN A 16 25.07 -5.66 -31.46
N GLY A 17 23.84 -5.82 -31.95
CA GLY A 17 23.61 -6.13 -33.35
C GLY A 17 24.11 -7.50 -33.79
N LYS A 18 23.92 -8.52 -32.97
CA LYS A 18 24.38 -9.85 -33.33
C LYS A 18 23.26 -10.88 -33.18
N LEU A 19 22.31 -10.60 -32.30
CA LEU A 19 21.17 -11.48 -32.04
C LEU A 19 19.91 -10.79 -32.55
N THR A 20 19.19 -11.47 -33.45
CA THR A 20 18.00 -10.92 -34.08
C THR A 20 16.89 -11.95 -34.05
N VAL A 21 15.69 -11.50 -33.69
CA VAL A 21 14.51 -12.35 -33.58
C VAL A 21 13.45 -11.84 -34.56
N TYR A 22 12.84 -12.78 -35.30
CA TYR A 22 11.80 -12.45 -36.27
C TYR A 22 10.45 -12.94 -35.78
N LEU A 23 9.44 -12.09 -35.92
CA LEU A 23 8.08 -12.43 -35.53
C LEU A 23 7.12 -12.02 -36.64
N GLY A 24 6.20 -12.92 -36.99
CA GLY A 24 5.25 -12.63 -38.06
C GLY A 24 4.12 -11.71 -37.67
N LYS A 25 3.75 -11.67 -36.39
CA LYS A 25 2.66 -10.83 -35.92
C LYS A 25 3.03 -10.20 -34.58
N ARG A 26 2.29 -9.17 -34.22
CA ARG A 26 2.39 -8.57 -32.90
C ARG A 26 1.16 -8.80 -32.03
N ASP A 27 -0.01 -8.97 -32.64
CA ASP A 27 -1.25 -9.23 -31.92
C ASP A 27 -1.72 -10.64 -32.23
N PHE A 28 -1.91 -11.45 -31.20
CA PHE A 28 -2.37 -12.82 -31.34
C PHE A 28 -3.78 -12.92 -30.78
N VAL A 29 -4.73 -13.33 -31.62
CA VAL A 29 -6.14 -13.31 -31.28
C VAL A 29 -6.52 -14.62 -30.59
N ASP A 30 -7.35 -14.51 -29.56
CA ASP A 30 -7.80 -15.65 -28.78
C ASP A 30 -9.21 -16.00 -29.28
N HIS A 31 -9.39 -17.24 -29.72
CA HIS A 31 -10.65 -17.70 -30.28
C HIS A 31 -11.51 -18.47 -29.28
N LEU A 32 -11.14 -18.45 -27.99
CA LEU A 32 -11.84 -19.07 -26.87
C LEU A 32 -11.70 -20.59 -26.86
N ASP A 33 -11.09 -21.20 -27.88
CA ASP A 33 -10.79 -22.62 -27.85
C ASP A 33 -9.30 -22.83 -28.09
N LYS A 34 -8.70 -21.90 -28.83
CA LYS A 34 -7.26 -21.90 -29.05
C LYS A 34 -6.84 -20.50 -29.48
N VAL A 35 -5.67 -20.09 -29.02
CA VAL A 35 -5.11 -18.79 -29.37
C VAL A 35 -3.97 -19.02 -30.36
N ASP A 36 -3.69 -18.00 -31.17
CA ASP A 36 -2.68 -18.14 -32.22
C ASP A 36 -1.33 -18.51 -31.62
N PRO A 37 -0.68 -19.56 -32.09
CA PRO A 37 0.66 -19.90 -31.58
C PRO A 37 1.68 -18.87 -32.00
N VAL A 38 2.70 -18.70 -31.16
CA VAL A 38 3.76 -17.74 -31.42
C VAL A 38 4.84 -18.43 -32.25
N ASP A 39 4.90 -18.09 -33.53
CA ASP A 39 5.86 -18.68 -34.46
C ASP A 39 6.87 -17.63 -34.88
N GLY A 40 8.14 -18.02 -34.91
CA GLY A 40 9.19 -17.12 -35.33
C GLY A 40 10.52 -17.83 -35.33
N VAL A 41 11.53 -17.13 -35.86
CA VAL A 41 12.90 -17.62 -35.91
C VAL A 41 13.81 -16.56 -35.32
N VAL A 42 14.96 -17.02 -34.84
CA VAL A 42 15.98 -16.15 -34.25
C VAL A 42 17.28 -16.35 -35.00
N LEU A 43 17.90 -15.25 -35.42
CA LEU A 43 19.12 -15.27 -36.21
C LEU A 43 20.31 -14.89 -35.34
N VAL A 44 21.34 -15.73 -35.35
CA VAL A 44 22.56 -15.46 -34.59
C VAL A 44 23.70 -16.18 -35.29
N ASP A 45 24.85 -15.52 -35.37
CA ASP A 45 26.04 -16.13 -35.96
C ASP A 45 26.53 -17.27 -35.07
N PRO A 46 26.81 -18.44 -35.63
CA PRO A 46 27.19 -19.59 -34.79
C PRO A 46 28.57 -19.45 -34.16
N ASP A 47 29.33 -18.42 -34.54
CA ASP A 47 30.67 -18.24 -34.02
C ASP A 47 30.66 -17.34 -32.78
N TYR A 48 29.80 -16.33 -32.77
CA TYR A 48 29.71 -15.40 -31.65
C TYR A 48 29.27 -16.15 -30.39
N LEU A 49 28.45 -17.19 -30.56
CA LEU A 49 27.99 -17.96 -29.41
C LEU A 49 29.16 -18.60 -28.67
N LYS A 50 30.08 -19.23 -29.40
CA LYS A 50 31.22 -19.93 -28.79
C LYS A 50 30.74 -20.93 -27.75
N ASP A 51 29.95 -21.92 -28.21
CA ASP A 51 29.38 -22.97 -27.37
C ASP A 51 28.35 -22.44 -26.38
N ARG A 52 27.91 -21.18 -26.55
CA ARG A 52 26.79 -20.69 -25.76
C ARG A 52 25.47 -21.12 -26.41
N LYS A 53 24.40 -21.03 -25.62
CA LYS A 53 23.09 -21.45 -26.06
C LYS A 53 22.16 -20.25 -26.17
N VAL A 54 21.34 -20.26 -27.21
CA VAL A 54 20.35 -19.21 -27.46
C VAL A 54 19.03 -19.65 -26.86
N PHE A 55 18.50 -18.85 -25.94
CA PHE A 55 17.26 -19.17 -25.25
C PHE A 55 16.23 -18.07 -25.51
N VAL A 56 14.99 -18.49 -25.75
CA VAL A 56 13.87 -17.59 -25.96
C VAL A 56 12.80 -17.91 -24.94
N THR A 57 12.30 -16.88 -24.24
CA THR A 57 11.32 -17.05 -23.19
C THR A 57 10.12 -16.16 -23.44
N LEU A 58 8.93 -16.71 -23.18
CA LEU A 58 7.68 -15.97 -23.27
C LEU A 58 7.15 -15.77 -21.86
N THR A 59 6.89 -14.51 -21.49
CA THR A 59 6.46 -14.18 -20.14
C THR A 59 5.33 -13.17 -20.17
N VAL A 60 4.33 -13.39 -19.31
CA VAL A 60 3.25 -12.44 -19.08
C VAL A 60 3.23 -12.15 -17.58
N ALA A 61 3.22 -10.88 -17.22
CA ALA A 61 3.41 -10.52 -15.82
C ALA A 61 2.74 -9.20 -15.51
N PHE A 62 2.23 -9.09 -14.28
CA PHE A 62 1.84 -7.79 -13.74
C PHE A 62 3.06 -6.89 -13.66
N ARG A 63 2.92 -5.66 -14.16
CA ARG A 63 4.04 -4.72 -14.17
C ARG A 63 3.54 -3.33 -13.82
N TYR A 64 4.25 -2.65 -12.94
CA TYR A 64 4.03 -1.24 -12.63
C TYR A 64 5.29 -0.51 -13.09
N GLY A 65 5.32 -0.12 -14.36
CA GLY A 65 6.48 0.52 -14.93
C GLY A 65 7.54 -0.47 -15.36
N ARG A 66 8.02 -0.35 -16.59
CA ARG A 66 9.04 -1.23 -17.13
C ARG A 66 10.43 -0.65 -16.86
N GLU A 67 11.45 -1.23 -17.49
CA GLU A 67 12.82 -0.73 -17.37
C GLU A 67 13.00 0.48 -18.29
N ASP A 68 12.29 1.55 -17.95
CA ASP A 68 12.25 2.77 -18.74
C ASP A 68 13.34 3.76 -18.35
N CYS A 69 14.26 3.36 -17.47
CA CYS A 69 15.35 4.21 -16.98
C CYS A 69 14.82 5.41 -16.22
N ASP A 70 13.55 5.39 -15.84
CA ASP A 70 12.96 6.48 -15.06
C ASP A 70 13.55 6.50 -13.67
N VAL A 71 13.91 7.70 -13.19
CA VAL A 71 14.51 7.85 -11.88
C VAL A 71 13.54 7.52 -10.74
N LEU A 72 12.25 7.41 -11.04
CA LEU A 72 11.30 7.02 -10.01
C LEU A 72 11.64 5.64 -9.48
N GLY A 73 11.54 5.49 -8.16
CA GLY A 73 12.00 4.28 -7.52
C GLY A 73 11.16 3.05 -7.79
N LEU A 74 9.93 3.04 -7.28
CA LEU A 74 9.13 1.81 -7.24
C LEU A 74 8.78 1.34 -8.64
N SER A 75 8.98 0.04 -8.89
CA SER A 75 8.54 -0.60 -10.13
C SER A 75 8.34 -2.07 -9.82
N PHE A 76 7.08 -2.46 -9.57
CA PHE A 76 6.78 -3.83 -9.20
C PHE A 76 6.73 -4.73 -10.42
N ARG A 77 6.75 -6.04 -10.17
CA ARG A 77 6.68 -7.03 -11.24
C ARG A 77 6.29 -8.37 -10.63
N LYS A 78 5.18 -8.94 -11.09
CA LYS A 78 4.70 -10.23 -10.61
C LYS A 78 4.40 -11.12 -11.81
N ASP A 79 5.13 -12.23 -11.92
CA ASP A 79 4.94 -13.14 -13.04
C ASP A 79 3.58 -13.84 -12.95
N LEU A 80 3.07 -14.25 -14.11
CA LEU A 80 1.82 -14.98 -14.17
C LEU A 80 2.00 -16.28 -14.94
N PHE A 81 2.97 -16.30 -15.86
CA PHE A 81 3.26 -17.48 -16.65
C PHE A 81 4.64 -17.33 -17.25
N ILE A 82 5.41 -18.42 -17.26
CA ILE A 82 6.77 -18.44 -17.77
C ILE A 82 6.93 -19.65 -18.67
N ALA A 83 7.51 -19.45 -19.85
CA ALA A 83 7.82 -20.53 -20.77
C ALA A 83 9.23 -20.34 -21.32
N ASN A 84 9.88 -21.44 -21.66
CA ASN A 84 11.25 -21.41 -22.14
C ASN A 84 11.38 -22.29 -23.39
N TYR A 85 12.39 -21.97 -24.20
CA TYR A 85 12.65 -22.70 -25.43
C TYR A 85 14.12 -22.56 -25.77
N GLN A 86 14.78 -23.68 -26.07
CA GLN A 86 16.18 -23.69 -26.43
C GLN A 86 16.30 -23.57 -27.94
N ALA A 87 16.64 -22.36 -28.42
CA ALA A 87 16.72 -22.13 -29.85
C ALA A 87 17.91 -22.84 -30.47
N PHE A 88 19.08 -22.72 -29.84
CA PHE A 88 20.30 -23.32 -30.36
C PHE A 88 21.11 -23.83 -29.17
N PRO A 89 21.53 -25.11 -29.17
CA PRO A 89 21.29 -26.12 -30.20
C PRO A 89 19.84 -26.59 -30.23
N PRO A 90 19.40 -27.14 -31.36
CA PRO A 90 17.99 -27.52 -31.49
C PRO A 90 17.57 -28.59 -30.47
N THR A 91 16.33 -28.49 -30.04
CA THR A 91 15.73 -29.46 -29.13
C THR A 91 15.26 -30.66 -29.95
N PRO A 92 14.70 -31.70 -29.29
CA PRO A 92 14.05 -32.78 -30.04
C PRO A 92 13.00 -32.29 -31.04
N ASN A 93 12.59 -33.19 -31.93
CA ASN A 93 11.77 -32.79 -33.08
C ASN A 93 10.47 -32.08 -32.71
N PRO A 94 9.65 -32.59 -31.79
CA PRO A 94 8.32 -31.96 -31.56
C PRO A 94 8.46 -30.53 -31.05
N PRO A 95 7.73 -29.58 -31.64
CA PRO A 95 6.82 -29.74 -32.78
C PRO A 95 7.55 -30.00 -34.09
N ARG A 96 7.33 -31.18 -34.67
CA ARG A 96 8.13 -31.62 -35.82
C ARG A 96 8.01 -30.71 -37.03
N PRO A 97 6.82 -30.36 -37.53
CA PRO A 97 6.76 -29.53 -38.73
C PRO A 97 6.82 -28.05 -38.40
N PRO A 98 7.81 -27.33 -38.93
CA PRO A 98 7.78 -25.88 -38.79
C PRO A 98 6.64 -25.27 -39.59
N THR A 99 6.16 -24.12 -39.12
CA THR A 99 5.09 -23.44 -39.83
C THR A 99 5.61 -22.88 -41.16
N ARG A 100 4.67 -22.53 -42.03
CA ARG A 100 5.04 -21.99 -43.33
C ARG A 100 5.83 -20.69 -43.19
N LEU A 101 5.42 -19.83 -42.26
CA LEU A 101 6.17 -18.61 -42.00
C LEU A 101 7.59 -18.94 -41.52
N GLN A 102 7.72 -19.93 -40.62
CA GLN A 102 9.02 -20.30 -40.11
C GLN A 102 9.93 -20.83 -41.22
N GLU A 103 9.41 -21.72 -42.07
CA GLU A 103 10.23 -22.29 -43.12
C GLU A 103 10.59 -21.25 -44.18
N ARG A 104 9.66 -20.34 -44.48
CA ARG A 104 9.98 -19.27 -45.42
C ARG A 104 11.06 -18.35 -44.86
N LEU A 105 10.99 -18.03 -43.57
CA LEU A 105 12.02 -17.21 -42.96
C LEU A 105 13.37 -17.92 -42.94
N LEU A 106 13.36 -19.23 -42.67
CA LEU A 106 14.60 -19.99 -42.69
C LEU A 106 15.20 -20.03 -44.09
N ARG A 107 14.35 -20.16 -45.12
CA ARG A 107 14.83 -20.10 -46.50
C ARG A 107 15.41 -18.73 -46.81
N LYS A 108 14.76 -17.67 -46.33
CA LYS A 108 15.23 -16.31 -46.61
C LYS A 108 16.56 -16.01 -45.94
N LEU A 109 16.73 -16.48 -44.70
CA LEU A 109 17.90 -16.12 -43.90
C LEU A 109 19.03 -17.14 -43.98
N GLY A 110 18.72 -18.43 -44.07
CA GLY A 110 19.76 -19.44 -44.17
C GLY A 110 19.90 -20.31 -42.93
N GLN A 111 21.10 -20.86 -42.72
CA GLN A 111 21.30 -21.79 -41.61
C GLN A 111 21.55 -21.09 -40.29
N HIS A 112 21.77 -19.77 -40.30
CA HIS A 112 22.03 -19.04 -39.06
C HIS A 112 20.76 -18.66 -38.31
N ALA A 113 19.59 -18.97 -38.87
CA ALA A 113 18.32 -18.74 -38.20
C ALA A 113 17.78 -20.05 -37.64
N HIS A 114 17.12 -19.96 -36.48
CA HIS A 114 16.60 -21.15 -35.82
C HIS A 114 15.17 -20.91 -35.35
N PRO A 115 14.21 -21.73 -35.79
CA PRO A 115 12.83 -21.52 -35.38
C PRO A 115 12.61 -21.76 -33.90
N PHE A 116 11.69 -20.99 -33.33
CA PHE A 116 11.25 -21.18 -31.95
C PHE A 116 9.73 -21.09 -31.91
N PHE A 117 9.11 -21.99 -31.14
CA PHE A 117 7.67 -22.14 -31.11
C PHE A 117 7.17 -21.98 -29.68
N PHE A 118 6.05 -21.28 -29.54
CA PHE A 118 5.41 -21.08 -28.25
C PHE A 118 3.91 -21.34 -28.37
N THR A 119 3.32 -21.75 -27.26
CA THR A 119 1.88 -21.95 -27.18
C THR A 119 1.36 -21.28 -25.91
N ILE A 120 0.33 -20.46 -26.05
CA ILE A 120 -0.22 -19.69 -24.95
C ILE A 120 -1.40 -20.47 -24.37
N PRO A 121 -1.37 -20.84 -23.09
CA PRO A 121 -2.49 -21.60 -22.50
C PRO A 121 -3.79 -20.79 -22.50
N GLN A 122 -4.90 -21.51 -22.38
CA GLN A 122 -6.22 -20.90 -22.50
C GLN A 122 -6.49 -19.90 -21.39
N ASN A 123 -6.11 -20.23 -20.16
CA ASN A 123 -6.53 -19.46 -19.00
C ASN A 123 -5.80 -18.12 -18.84
N LEU A 124 -4.81 -17.83 -19.68
CA LEU A 124 -4.05 -16.61 -19.52
C LEU A 124 -4.92 -15.39 -19.82
N PRO A 125 -4.66 -14.27 -19.14
CA PRO A 125 -5.46 -13.07 -19.35
C PRO A 125 -5.06 -12.35 -20.63
N SER A 126 -5.88 -11.37 -21.02
CA SER A 126 -5.61 -10.54 -22.17
C SER A 126 -4.71 -9.37 -21.77
N SER A 127 -4.44 -8.49 -22.72
CA SER A 127 -3.59 -7.32 -22.49
C SER A 127 -4.47 -6.17 -22.01
N VAL A 128 -4.29 -5.76 -20.76
CA VAL A 128 -5.03 -4.66 -20.17
C VAL A 128 -4.04 -3.71 -19.51
N THR A 129 -4.25 -2.41 -19.72
CA THR A 129 -3.41 -1.38 -19.13
C THR A 129 -4.26 -0.45 -18.27
N LEU A 130 -3.87 -0.27 -17.02
CA LEU A 130 -4.54 0.67 -16.14
C LEU A 130 -4.06 2.08 -16.46
N GLN A 131 -4.98 3.04 -16.42
CA GLN A 131 -4.63 4.41 -16.76
C GLN A 131 -3.77 5.04 -15.66
N PRO A 132 -2.62 5.61 -16.01
CA PRO A 132 -1.79 6.25 -14.97
C PRO A 132 -2.47 7.47 -14.38
N GLY A 133 -2.20 7.71 -13.10
CA GLY A 133 -2.73 8.86 -12.42
C GLY A 133 -1.79 10.06 -12.52
N PRO A 134 -2.24 11.21 -12.02
CA PRO A 134 -1.36 12.39 -12.04
C PRO A 134 -0.05 12.19 -11.28
N GLU A 135 -0.09 11.46 -10.17
CA GLU A 135 1.13 11.24 -9.41
C GLU A 135 2.05 10.22 -10.06
N ASP A 136 1.49 9.28 -10.83
CA ASP A 136 2.31 8.30 -11.54
C ASP A 136 2.92 8.93 -12.79
N THR A 137 4.22 8.72 -12.96
CA THR A 137 4.93 9.16 -14.15
C THR A 137 5.27 7.94 -15.00
N GLY A 138 5.42 8.18 -16.30
CA GLY A 138 5.70 7.07 -17.21
C GLY A 138 4.53 6.12 -17.28
N LYS A 139 4.83 4.82 -17.17
CA LYS A 139 3.81 3.79 -17.29
C LYS A 139 3.11 3.57 -15.95
N ALA A 140 2.17 2.63 -15.95
CA ALA A 140 1.38 2.31 -14.76
C ALA A 140 1.14 0.80 -14.74
N LEU A 141 0.23 0.38 -13.88
CA LEU A 141 -0.06 -1.04 -13.72
C LEU A 141 -0.73 -1.61 -14.97
N GLY A 142 -0.50 -2.89 -15.20
CA GLY A 142 -1.12 -3.56 -16.33
C GLY A 142 -0.50 -4.92 -16.54
N VAL A 143 -1.16 -5.70 -17.38
CA VAL A 143 -0.72 -7.04 -17.75
C VAL A 143 -0.30 -7.02 -19.21
N ASP A 144 0.91 -7.51 -19.51
CA ASP A 144 1.43 -7.46 -20.86
C ASP A 144 2.27 -8.70 -21.13
N PHE A 145 2.39 -9.04 -22.40
CA PHE A 145 3.14 -10.19 -22.85
C PHE A 145 4.50 -9.74 -23.38
N GLU A 146 5.49 -10.63 -23.30
CA GLU A 146 6.86 -10.29 -23.63
C GLU A 146 7.57 -11.51 -24.21
N ILE A 147 8.42 -11.27 -25.20
CA ILE A 147 9.27 -12.29 -25.78
C ILE A 147 10.71 -11.81 -25.71
N ARG A 148 11.58 -12.61 -25.10
CA ARG A 148 12.97 -12.25 -24.89
C ARG A 148 13.89 -13.33 -25.45
N ALA A 149 14.90 -12.91 -26.19
CA ALA A 149 15.93 -13.81 -26.71
C ALA A 149 17.27 -13.38 -26.15
N PHE A 150 18.05 -14.35 -25.66
CA PHE A 150 19.34 -14.05 -25.06
C PHE A 150 20.25 -15.25 -25.21
N VAL A 151 21.56 -15.01 -25.02
CA VAL A 151 22.58 -16.03 -25.17
C VAL A 151 23.20 -16.29 -23.80
N ALA A 152 23.18 -17.55 -23.38
CA ALA A 152 23.74 -17.95 -22.10
C ALA A 152 24.00 -19.45 -22.12
N LYS A 153 24.81 -19.91 -21.17
CA LYS A 153 25.06 -21.34 -21.05
C LYS A 153 23.86 -22.08 -20.47
N SER A 154 23.10 -21.42 -19.59
CA SER A 154 21.93 -22.03 -18.98
C SER A 154 20.92 -20.93 -18.70
N LEU A 155 19.68 -21.35 -18.40
CA LEU A 155 18.60 -20.40 -18.15
C LEU A 155 18.86 -19.56 -16.91
N GLU A 156 19.59 -20.10 -15.93
CA GLU A 156 19.80 -19.41 -14.66
C GLU A 156 21.08 -18.61 -14.62
N GLU A 157 21.86 -18.57 -15.70
CA GLU A 157 23.15 -17.90 -15.68
C GLU A 157 22.97 -16.39 -15.69
N LYS A 158 23.72 -15.70 -14.82
CA LYS A 158 23.74 -14.24 -14.78
C LYS A 158 24.89 -13.76 -15.67
N SER A 159 24.56 -13.54 -16.94
CA SER A 159 25.54 -13.12 -17.92
C SER A 159 25.45 -11.61 -18.17
N HIS A 160 26.20 -11.14 -19.15
CA HIS A 160 26.11 -9.75 -19.60
C HIS A 160 24.79 -9.59 -20.34
N LYS A 161 23.78 -9.05 -19.66
CA LYS A 161 22.42 -9.04 -20.16
C LYS A 161 22.16 -7.96 -21.20
N ARG A 162 23.19 -7.33 -21.76
CA ARG A 162 22.97 -6.37 -22.84
C ARG A 162 22.90 -7.03 -24.21
N ASN A 163 23.26 -8.30 -24.33
CA ASN A 163 23.12 -9.03 -25.57
C ASN A 163 21.79 -9.78 -25.63
N SER A 164 20.71 -9.07 -25.38
CA SER A 164 19.37 -9.65 -25.39
C SER A 164 18.41 -8.68 -26.08
N VAL A 165 17.36 -9.24 -26.67
CA VAL A 165 16.35 -8.47 -27.37
C VAL A 165 14.99 -8.79 -26.77
N ARG A 166 14.23 -7.75 -26.42
CA ARG A 166 12.90 -7.88 -25.84
C ARG A 166 11.87 -7.36 -26.83
N LEU A 167 10.82 -8.13 -27.05
CA LEU A 167 9.75 -7.75 -27.97
C LEU A 167 8.41 -7.89 -27.26
N VAL A 168 7.57 -6.86 -27.39
CA VAL A 168 6.27 -6.81 -26.74
C VAL A 168 5.22 -7.29 -27.72
N ILE A 169 4.43 -8.28 -27.32
CA ILE A 169 3.33 -8.79 -28.12
C ILE A 169 2.05 -8.64 -27.31
N ARG A 170 0.92 -8.86 -27.97
CA ARG A 170 -0.38 -8.64 -27.36
C ARG A 170 -1.29 -9.85 -27.57
N LYS A 171 -2.14 -10.10 -26.58
CA LYS A 171 -3.19 -11.10 -26.67
C LYS A 171 -4.52 -10.36 -26.66
N VAL A 172 -5.34 -10.57 -27.69
CA VAL A 172 -6.55 -9.79 -27.90
C VAL A 172 -7.72 -10.72 -28.17
N GLN A 173 -8.93 -10.16 -28.01
CA GLN A 173 -10.16 -10.86 -28.31
C GLN A 173 -11.07 -9.94 -29.13
N PHE A 174 -11.96 -10.55 -29.91
CA PHE A 174 -12.88 -9.81 -30.75
C PHE A 174 -14.30 -10.23 -30.43
N ALA A 175 -15.26 -9.48 -31.00
CA ALA A 175 -16.66 -9.71 -30.70
C ALA A 175 -17.09 -11.09 -31.23
N PRO A 176 -17.72 -11.92 -30.41
CA PRO A 176 -18.26 -13.19 -30.92
C PRO A 176 -19.31 -12.94 -31.98
N GLU A 177 -19.32 -13.81 -32.99
CA GLU A 177 -20.20 -13.64 -34.15
C GLU A 177 -21.59 -14.25 -33.92
N LYS A 178 -22.22 -13.88 -32.81
CA LYS A 178 -23.56 -14.36 -32.51
C LYS A 178 -24.24 -13.35 -31.59
N PRO A 179 -25.52 -13.08 -31.77
CA PRO A 179 -26.21 -12.15 -30.87
C PRO A 179 -26.60 -12.83 -29.56
N GLY A 180 -26.29 -12.16 -28.45
CA GLY A 180 -26.62 -12.67 -27.14
C GLY A 180 -28.02 -12.27 -26.72
N PRO A 181 -28.43 -12.71 -25.52
CA PRO A 181 -29.76 -12.35 -25.03
C PRO A 181 -29.87 -10.84 -24.80
N GLN A 182 -31.07 -10.32 -25.05
CA GLN A 182 -31.31 -8.89 -24.87
C GLN A 182 -31.37 -8.55 -23.39
N PRO A 183 -30.57 -7.60 -22.91
CA PRO A 183 -30.62 -7.25 -21.48
C PRO A 183 -31.97 -6.69 -21.09
N SER A 184 -32.39 -7.01 -19.87
CA SER A 184 -33.65 -6.53 -19.31
C SER A 184 -33.68 -6.85 -17.82
N ALA A 185 -34.22 -5.93 -17.03
CA ALA A 185 -34.29 -6.13 -15.59
C ALA A 185 -35.44 -5.30 -15.03
N GLU A 186 -36.22 -5.90 -14.15
CA GLU A 186 -37.36 -5.25 -13.51
C GLU A 186 -37.23 -5.35 -12.01
N THR A 187 -37.67 -4.30 -11.32
CA THR A 187 -37.64 -4.27 -9.86
C THR A 187 -38.82 -3.46 -9.37
N THR A 188 -39.69 -4.10 -8.58
CA THR A 188 -40.89 -3.45 -8.05
C THR A 188 -40.65 -3.09 -6.60
N ARG A 189 -40.85 -1.83 -6.26
CA ARG A 189 -40.69 -1.34 -4.89
C ARG A 189 -42.05 -1.41 -4.21
N HIS A 190 -42.20 -2.33 -3.27
CA HIS A 190 -43.44 -2.51 -2.54
C HIS A 190 -43.46 -1.64 -1.29
N PHE A 191 -44.66 -1.27 -0.86
CA PHE A 191 -44.86 -0.47 0.35
C PHE A 191 -45.66 -1.28 1.36
N LEU A 192 -45.20 -1.27 2.61
CA LEU A 192 -45.89 -2.03 3.66
C LEU A 192 -47.20 -1.38 4.07
N MET A 193 -47.28 -0.05 3.99
CA MET A 193 -48.43 0.67 4.53
C MET A 193 -49.70 0.45 3.72
N SER A 194 -49.59 -0.01 2.47
CA SER A 194 -50.76 -0.17 1.61
C SER A 194 -50.39 -1.13 0.48
N ASP A 195 -51.26 -1.20 -0.53
CA ASP A 195 -51.02 -2.02 -1.71
C ASP A 195 -50.32 -1.25 -2.82
N ARG A 196 -49.96 0.01 -2.58
CA ARG A 196 -49.23 0.78 -3.57
C ARG A 196 -47.85 0.19 -3.81
N SER A 197 -47.38 0.28 -5.05
CA SER A 197 -46.07 -0.25 -5.42
C SER A 197 -45.52 0.54 -6.58
N LEU A 198 -44.24 0.90 -6.51
CA LEU A 198 -43.56 1.59 -7.60
C LEU A 198 -42.78 0.55 -8.41
N HIS A 199 -43.05 0.51 -9.72
CA HIS A 199 -42.44 -0.46 -10.62
C HIS A 199 -41.50 0.25 -11.58
N LEU A 200 -40.31 -0.31 -11.75
CA LEU A 200 -39.29 0.24 -12.63
C LEU A 200 -38.81 -0.85 -13.58
N GLU A 201 -38.78 -0.54 -14.87
CA GLU A 201 -38.30 -1.46 -15.89
C GLU A 201 -37.16 -0.81 -16.67
N ALA A 202 -36.22 -1.64 -17.10
CA ALA A 202 -35.10 -1.17 -17.92
C ALA A 202 -34.62 -2.31 -18.79
N SER A 203 -34.34 -2.00 -20.05
CA SER A 203 -33.87 -3.01 -20.99
C SER A 203 -33.08 -2.33 -22.10
N LEU A 204 -32.04 -3.01 -22.56
CA LEU A 204 -31.25 -2.54 -23.68
C LEU A 204 -31.81 -3.14 -24.97
N ASP A 205 -31.09 -2.97 -26.08
CA ASP A 205 -31.51 -3.52 -27.36
C ASP A 205 -30.57 -4.60 -27.90
N LYS A 206 -29.35 -4.68 -27.41
CA LYS A 206 -28.39 -5.69 -27.85
C LYS A 206 -27.53 -6.13 -26.67
N GLU A 207 -27.00 -7.34 -26.77
CA GLU A 207 -26.05 -7.82 -25.77
C GLU A 207 -24.66 -7.22 -25.98
N LEU A 208 -24.23 -7.09 -27.23
CA LEU A 208 -22.89 -6.63 -27.56
C LEU A 208 -22.94 -5.28 -28.26
N TYR A 209 -22.03 -4.39 -27.88
CA TYR A 209 -21.91 -3.08 -28.48
C TYR A 209 -20.48 -2.84 -28.91
N TYR A 210 -20.30 -2.17 -30.04
CA TYR A 210 -18.97 -1.84 -30.52
C TYR A 210 -18.44 -0.60 -29.80
N HIS A 211 -17.16 -0.34 -29.97
CA HIS A 211 -16.54 0.84 -29.36
C HIS A 211 -16.97 2.09 -30.11
N GLY A 212 -17.59 3.02 -29.39
CA GLY A 212 -18.14 4.21 -29.98
C GLY A 212 -19.58 4.11 -30.42
N GLU A 213 -20.18 2.92 -30.33
CA GLU A 213 -21.58 2.74 -30.72
C GLU A 213 -22.49 3.18 -29.59
N PRO A 214 -23.52 3.98 -29.86
CA PRO A 214 -24.42 4.42 -28.78
C PRO A 214 -25.24 3.29 -28.20
N LEU A 215 -25.61 3.45 -26.94
CA LEU A 215 -26.45 2.49 -26.23
C LEU A 215 -27.82 3.11 -26.01
N ASN A 216 -28.86 2.36 -26.36
CA ASN A 216 -30.24 2.79 -26.17
C ASN A 216 -30.84 2.01 -25.01
N VAL A 217 -31.31 2.72 -23.99
CA VAL A 217 -31.89 2.12 -22.80
C VAL A 217 -33.35 2.54 -22.71
N ASN A 218 -34.24 1.55 -22.67
CA ASN A 218 -35.68 1.79 -22.57
C ASN A 218 -36.10 1.61 -21.12
N VAL A 219 -36.72 2.63 -20.55
CA VAL A 219 -37.14 2.62 -19.15
C VAL A 219 -38.63 2.88 -19.08
N HIS A 220 -39.35 2.03 -18.34
CA HIS A 220 -40.78 2.18 -18.11
C HIS A 220 -41.02 2.24 -16.61
N VAL A 221 -41.70 3.29 -16.16
CA VAL A 221 -41.96 3.54 -14.75
C VAL A 221 -43.47 3.62 -14.53
N THR A 222 -43.96 2.87 -13.54
CA THR A 222 -45.36 2.89 -13.14
C THR A 222 -45.42 3.34 -11.69
N ASN A 223 -45.46 4.65 -11.46
CA ASN A 223 -45.42 5.22 -10.12
C ASN A 223 -46.84 5.28 -9.56
N ASN A 224 -47.32 4.13 -9.12
CA ASN A 224 -48.65 4.03 -8.51
C ASN A 224 -48.56 4.21 -7.00
N SER A 225 -48.00 5.36 -6.60
CA SER A 225 -47.82 5.68 -5.20
C SER A 225 -47.80 7.18 -5.02
N THR A 226 -47.99 7.62 -3.77
CA THR A 226 -47.96 9.04 -3.46
C THR A 226 -46.58 9.64 -3.58
N LYS A 227 -45.52 8.82 -3.47
CA LYS A 227 -44.17 9.33 -3.59
C LYS A 227 -43.89 9.76 -5.03
N THR A 228 -43.12 10.82 -5.18
CA THR A 228 -42.81 11.40 -6.48
C THR A 228 -41.35 11.14 -6.81
N VAL A 229 -41.09 10.67 -8.02
CA VAL A 229 -39.72 10.49 -8.50
C VAL A 229 -39.17 11.85 -8.90
N LYS A 230 -38.03 12.23 -8.32
CA LYS A 230 -37.47 13.55 -8.55
C LYS A 230 -36.48 13.58 -9.70
N LYS A 231 -35.70 12.52 -9.90
CA LYS A 231 -34.67 12.52 -10.92
C LYS A 231 -34.41 11.09 -11.37
N ILE A 232 -33.99 10.95 -12.63
CA ILE A 232 -33.66 9.67 -13.22
C ILE A 232 -32.23 9.73 -13.72
N LYS A 233 -31.40 8.77 -13.31
CA LYS A 233 -30.00 8.73 -13.67
C LYS A 233 -29.69 7.43 -14.40
N VAL A 234 -29.05 7.55 -15.57
CA VAL A 234 -28.59 6.41 -16.34
C VAL A 234 -27.09 6.53 -16.50
N SER A 235 -26.36 5.47 -16.17
CA SER A 235 -24.91 5.50 -16.17
C SER A 235 -24.36 4.15 -16.65
N VAL A 236 -23.12 4.18 -17.11
CA VAL A 236 -22.38 2.98 -17.50
C VAL A 236 -21.15 2.89 -16.61
N ARG A 237 -20.94 1.72 -16.01
CA ARG A 237 -19.83 1.50 -15.09
C ARG A 237 -18.92 0.41 -15.63
N GLN A 238 -17.64 0.51 -15.30
CA GLN A 238 -16.64 -0.46 -15.67
C GLN A 238 -16.16 -1.17 -14.41
N TYR A 239 -16.24 -2.49 -14.39
CA TYR A 239 -15.80 -3.30 -13.26
C TYR A 239 -14.51 -4.00 -13.64
N ALA A 240 -13.44 -3.72 -12.90
CA ALA A 240 -12.14 -4.34 -13.13
C ALA A 240 -11.82 -5.27 -11.96
N ASP A 241 -11.61 -6.54 -12.25
CA ASP A 241 -11.32 -7.54 -11.22
C ASP A 241 -9.82 -7.81 -11.23
N ILE A 242 -9.10 -7.15 -10.33
CA ILE A 242 -7.66 -7.32 -10.18
C ILE A 242 -7.45 -8.41 -9.13
N VAL A 243 -7.08 -9.60 -9.60
CA VAL A 243 -6.88 -10.75 -8.72
C VAL A 243 -5.44 -11.24 -8.92
N LEU A 244 -4.59 -10.97 -7.95
CA LEU A 244 -3.23 -11.48 -7.94
C LEU A 244 -2.89 -12.23 -6.66
N PHE A 245 -3.35 -11.74 -5.52
CA PHE A 245 -3.26 -12.43 -4.24
C PHE A 245 -4.62 -12.48 -3.53
N SER A 246 -5.41 -11.42 -3.63
CA SER A 246 -6.77 -11.40 -3.13
C SER A 246 -7.65 -10.74 -4.19
N THR A 247 -8.93 -11.12 -4.21
CA THR A 247 -9.85 -10.61 -5.22
C THR A 247 -10.22 -9.17 -4.94
N ALA A 248 -9.47 -8.23 -5.52
CA ALA A 248 -9.74 -6.80 -5.38
C ALA A 248 -10.46 -6.31 -6.64
N GLN A 249 -11.55 -5.57 -6.44
CA GLN A 249 -12.37 -5.07 -7.53
C GLN A 249 -12.39 -3.54 -7.51
N TYR A 250 -12.17 -2.95 -8.68
CA TYR A 250 -12.22 -1.50 -8.85
C TYR A 250 -13.32 -1.18 -9.85
N LYS A 251 -14.29 -0.38 -9.44
CA LYS A 251 -15.38 0.03 -10.30
C LYS A 251 -15.39 1.55 -10.44
N VAL A 252 -15.57 2.02 -11.67
CA VAL A 252 -15.50 3.45 -11.97
C VAL A 252 -16.49 3.78 -13.07
N PRO A 253 -17.29 4.84 -12.92
CA PRO A 253 -18.23 5.22 -13.98
C PRO A 253 -17.49 5.78 -15.18
N VAL A 254 -17.89 5.34 -16.38
CA VAL A 254 -17.26 5.78 -17.61
C VAL A 254 -18.17 6.64 -18.47
N ALA A 255 -19.46 6.74 -18.14
CA ALA A 255 -20.39 7.55 -18.90
C ALA A 255 -21.64 7.75 -18.07
N GLN A 256 -22.21 8.96 -18.15
CA GLN A 256 -23.40 9.29 -17.39
C GLN A 256 -24.30 10.19 -18.22
N VAL A 257 -25.60 10.11 -17.95
CA VAL A 257 -26.58 11.03 -18.52
C VAL A 257 -27.63 11.32 -17.45
N GLU A 258 -27.93 12.60 -17.27
CA GLU A 258 -28.85 13.05 -16.22
C GLU A 258 -30.02 13.79 -16.87
N GLN A 259 -31.23 13.37 -16.54
CA GLN A 259 -32.44 14.02 -17.02
C GLN A 259 -33.35 14.30 -15.83
N ASP A 260 -33.82 15.54 -15.72
CA ASP A 260 -34.71 15.94 -14.64
C ASP A 260 -36.16 15.57 -14.98
N ASP A 261 -36.36 14.27 -15.20
CA ASP A 261 -37.67 13.72 -15.59
C ASP A 261 -38.41 13.32 -14.32
N GLN A 262 -39.24 14.23 -13.82
CA GLN A 262 -40.04 13.97 -12.62
C GLN A 262 -41.26 13.14 -13.00
N VAL A 263 -41.45 12.02 -12.31
CA VAL A 263 -42.60 11.15 -12.55
C VAL A 263 -43.66 11.50 -11.50
N SER A 264 -44.78 12.06 -11.96
CA SER A 264 -45.83 12.47 -11.04
C SER A 264 -46.49 11.27 -10.40
N PRO A 265 -47.03 11.42 -9.18
CA PRO A 265 -47.70 10.30 -8.52
C PRO A 265 -48.90 9.82 -9.32
N SER A 266 -49.13 8.50 -9.27
CA SER A 266 -50.22 7.86 -9.99
C SER A 266 -50.16 8.16 -11.49
N SER A 267 -48.98 7.96 -12.06
CA SER A 267 -48.76 8.19 -13.47
C SER A 267 -47.73 7.22 -14.00
N THR A 268 -47.74 7.03 -15.32
CA THR A 268 -46.83 6.11 -16.00
C THR A 268 -45.85 6.91 -16.85
N PHE A 269 -44.62 6.42 -16.93
CA PHE A 269 -43.54 7.12 -17.61
C PHE A 269 -42.76 6.13 -18.47
N SER A 270 -42.42 6.56 -19.68
CA SER A 270 -41.64 5.75 -20.61
C SER A 270 -40.74 6.66 -21.43
N LYS A 271 -39.47 6.28 -21.56
CA LYS A 271 -38.50 7.08 -22.29
C LYS A 271 -37.36 6.19 -22.75
N VAL A 272 -36.59 6.70 -23.71
CA VAL A 272 -35.41 6.03 -24.25
C VAL A 272 -34.23 6.98 -24.12
N TYR A 273 -33.17 6.53 -23.45
CA TYR A 273 -31.95 7.32 -23.28
C TYR A 273 -30.83 6.77 -24.15
N THR A 274 -30.04 7.67 -24.72
CA THR A 274 -28.89 7.33 -25.53
C THR A 274 -27.62 7.73 -24.79
N ILE A 275 -26.74 6.76 -24.53
CA ILE A 275 -25.50 6.99 -23.82
C ILE A 275 -24.39 6.25 -24.55
N THR A 276 -23.25 6.92 -24.70
CA THR A 276 -22.11 6.36 -25.44
C THR A 276 -20.85 6.53 -24.59
N PRO A 277 -20.21 5.44 -24.17
CA PRO A 277 -18.96 5.55 -23.41
C PRO A 277 -17.78 5.79 -24.35
N PHE A 278 -16.95 6.78 -24.00
CA PHE A 278 -15.73 7.05 -24.74
C PHE A 278 -14.68 7.58 -23.77
N LEU A 279 -13.49 7.88 -24.31
CA LEU A 279 -12.32 8.18 -23.50
C LEU A 279 -12.06 9.66 -23.29
N ALA A 280 -12.61 10.54 -24.13
CA ALA A 280 -12.28 11.95 -24.06
C ALA A 280 -12.72 12.57 -22.74
N ASN A 281 -13.90 12.20 -22.24
CA ASN A 281 -14.44 12.83 -21.05
C ASN A 281 -13.85 12.29 -19.76
N ASN A 282 -13.05 11.23 -19.81
CA ASN A 282 -12.62 10.51 -18.62
C ASN A 282 -11.13 10.17 -18.66
N ARG A 283 -10.33 11.08 -19.23
CA ARG A 283 -8.89 10.90 -19.22
C ARG A 283 -8.31 10.94 -17.81
N GLU A 284 -8.95 11.67 -16.90
CA GLU A 284 -8.42 11.90 -15.57
C GLU A 284 -8.64 10.74 -14.61
N LYS A 285 -9.50 9.79 -14.95
CA LYS A 285 -9.92 8.74 -14.02
C LYS A 285 -8.77 7.75 -13.83
N ARG A 286 -8.07 7.89 -12.71
CA ARG A 286 -6.97 6.99 -12.39
C ARG A 286 -7.50 5.58 -12.11
N GLY A 287 -6.77 4.58 -12.59
CA GLY A 287 -7.19 3.21 -12.43
C GLY A 287 -8.19 2.71 -13.46
N LEU A 288 -8.44 3.49 -14.51
CA LEU A 288 -9.35 3.07 -15.56
C LEU A 288 -8.68 2.03 -16.44
N ALA A 289 -9.40 0.94 -16.72
CA ALA A 289 -8.86 -0.12 -17.56
C ALA A 289 -8.87 0.30 -19.02
N LEU A 290 -7.71 0.19 -19.66
CA LEU A 290 -7.56 0.48 -21.08
C LEU A 290 -7.01 -0.75 -21.79
N ASP A 291 -7.16 -0.76 -23.12
CA ASP A 291 -6.63 -1.86 -23.90
C ASP A 291 -5.10 -1.86 -23.85
N GLY A 292 -4.52 -3.02 -24.10
CA GLY A 292 -3.08 -3.16 -24.06
C GLY A 292 -2.35 -2.31 -25.09
N LYS A 293 -1.42 -1.49 -24.63
CA LYS A 293 -0.60 -0.68 -25.51
C LYS A 293 0.68 -1.43 -25.88
N LEU A 294 1.25 -1.07 -27.02
CA LEU A 294 2.54 -1.63 -27.40
C LEU A 294 3.66 -0.97 -26.61
N LYS A 295 3.89 0.33 -26.84
CA LYS A 295 4.77 1.09 -25.97
C LYS A 295 4.06 2.23 -25.27
N HIS A 296 3.50 3.20 -26.01
CA HIS A 296 2.81 4.32 -25.40
C HIS A 296 1.60 4.81 -26.17
N GLU A 297 1.27 4.22 -27.32
CA GLU A 297 0.27 4.82 -28.19
C GLU A 297 -1.11 4.83 -27.54
N ASP A 298 -1.92 5.79 -27.97
CA ASP A 298 -3.26 5.95 -27.40
C ASP A 298 -4.15 4.79 -27.79
N THR A 299 -4.96 4.33 -26.84
CA THR A 299 -5.88 3.21 -27.07
C THR A 299 -7.18 3.49 -26.35
N ASN A 300 -8.22 2.77 -26.75
CA ASN A 300 -9.58 3.03 -26.27
C ASN A 300 -9.80 2.37 -24.92
N LEU A 301 -11.06 2.37 -24.47
CA LEU A 301 -11.42 1.70 -23.23
C LEU A 301 -11.23 0.20 -23.37
N ALA A 302 -10.92 -0.45 -22.24
CA ALA A 302 -10.67 -1.88 -22.26
C ALA A 302 -11.90 -2.65 -22.70
N SER A 303 -11.71 -3.58 -23.62
CA SER A 303 -12.80 -4.45 -24.04
C SER A 303 -13.11 -5.47 -22.96
N SER A 304 -14.37 -5.88 -22.91
CA SER A 304 -14.77 -6.89 -21.94
C SER A 304 -14.04 -8.20 -22.20
N THR A 305 -13.75 -8.92 -21.13
CA THR A 305 -13.00 -10.19 -21.21
C THR A 305 -13.99 -11.34 -21.05
N ILE A 306 -14.38 -11.94 -22.17
CA ILE A 306 -15.20 -13.14 -22.12
C ILE A 306 -14.36 -14.30 -21.61
N VAL A 307 -15.02 -15.23 -20.93
CA VAL A 307 -14.35 -16.32 -20.24
C VAL A 307 -14.81 -17.64 -20.87
N LYS A 308 -13.95 -18.66 -20.76
CA LYS A 308 -14.28 -19.98 -21.29
C LYS A 308 -15.59 -20.48 -20.69
N GLU A 309 -16.39 -21.14 -21.54
CA GLU A 309 -17.71 -21.62 -21.14
C GLU A 309 -17.65 -22.72 -20.11
N GLY A 310 -16.49 -23.29 -19.85
CA GLY A 310 -16.33 -24.32 -18.84
C GLY A 310 -16.27 -23.84 -17.42
N ALA A 311 -16.57 -22.56 -17.18
CA ALA A 311 -16.56 -21.97 -15.84
C ALA A 311 -15.20 -22.15 -15.17
N ASN A 312 -14.13 -21.94 -15.93
CA ASN A 312 -12.79 -22.07 -15.38
C ASN A 312 -12.50 -20.93 -14.41
N LYS A 313 -11.63 -21.20 -13.45
CA LYS A 313 -11.30 -20.29 -12.38
C LYS A 313 -9.82 -19.91 -12.44
N GLU A 314 -9.34 -19.26 -11.37
CA GLU A 314 -7.94 -18.92 -11.17
C GLU A 314 -7.34 -18.14 -12.34
N VAL A 315 -8.15 -17.32 -13.00
CA VAL A 315 -7.64 -16.41 -14.02
C VAL A 315 -6.91 -15.28 -13.31
N LEU A 316 -5.59 -15.38 -13.24
CA LEU A 316 -4.78 -14.47 -12.43
C LEU A 316 -4.34 -13.29 -13.30
N GLY A 317 -5.23 -12.30 -13.40
CA GLY A 317 -4.97 -11.12 -14.18
C GLY A 317 -5.95 -10.00 -13.89
N ILE A 318 -6.38 -9.29 -14.93
CA ILE A 318 -7.39 -8.24 -14.81
C ILE A 318 -8.55 -8.60 -15.72
N LEU A 319 -9.74 -8.68 -15.13
CA LEU A 319 -10.96 -8.94 -15.88
C LEU A 319 -11.85 -7.70 -15.83
N VAL A 320 -12.30 -7.25 -17.00
CA VAL A 320 -13.05 -6.01 -17.12
C VAL A 320 -14.42 -6.33 -17.71
N SER A 321 -15.47 -5.79 -17.09
CA SER A 321 -16.84 -5.95 -17.57
C SER A 321 -17.56 -4.62 -17.42
N TYR A 322 -18.70 -4.51 -18.11
CA TYR A 322 -19.47 -3.28 -18.14
C TYR A 322 -20.92 -3.55 -17.78
N ARG A 323 -21.54 -2.61 -17.08
CA ARG A 323 -22.94 -2.69 -16.70
C ARG A 323 -23.56 -1.30 -16.79
N VAL A 324 -24.88 -1.28 -17.03
CA VAL A 324 -25.64 -0.04 -17.10
C VAL A 324 -26.53 0.03 -15.87
N LYS A 325 -26.42 1.11 -15.11
CA LYS A 325 -27.19 1.29 -13.89
C LYS A 325 -28.20 2.40 -14.07
N VAL A 326 -29.47 2.10 -13.80
CA VAL A 326 -30.55 3.07 -13.86
C VAL A 326 -31.10 3.24 -12.45
N LYS A 327 -31.03 4.45 -11.93
CA LYS A 327 -31.47 4.75 -10.57
C LYS A 327 -32.55 5.82 -10.60
N LEU A 328 -33.60 5.63 -9.81
CA LEU A 328 -34.71 6.57 -9.69
C LEU A 328 -34.60 7.30 -8.37
N VAL A 329 -34.51 8.62 -8.43
CA VAL A 329 -34.43 9.44 -7.22
C VAL A 329 -35.84 9.70 -6.72
N VAL A 330 -36.18 9.11 -5.58
CA VAL A 330 -37.52 9.18 -5.02
C VAL A 330 -37.50 10.05 -3.78
N SER A 331 -38.51 10.91 -3.64
CA SER A 331 -38.60 11.78 -2.48
C SER A 331 -38.76 10.95 -1.20
N ARG A 332 -38.32 11.54 -0.09
CA ARG A 332 -38.31 10.86 1.22
C ARG A 332 -37.51 9.56 1.16
N GLY A 333 -36.41 9.58 0.42
CA GLY A 333 -35.55 8.42 0.32
C GLY A 333 -36.21 7.28 -0.46
N GLY A 334 -35.72 6.07 -0.19
CA GLY A 334 -36.26 4.88 -0.80
C GLY A 334 -36.08 4.80 -2.31
N ASP A 335 -34.87 5.09 -2.77
CA ASP A 335 -34.58 5.02 -4.21
C ASP A 335 -34.54 3.57 -4.67
N VAL A 336 -34.76 3.38 -5.97
CA VAL A 336 -34.76 2.07 -6.60
C VAL A 336 -33.79 2.09 -7.77
N SER A 337 -33.04 1.01 -7.95
CA SER A 337 -32.00 0.93 -8.97
C SER A 337 -32.14 -0.36 -9.76
N VAL A 338 -31.65 -0.33 -11.00
CA VAL A 338 -31.65 -1.47 -11.89
C VAL A 338 -30.32 -1.51 -12.63
N GLU A 339 -29.72 -2.69 -12.74
CA GLU A 339 -28.43 -2.87 -13.39
C GLU A 339 -28.59 -3.81 -14.58
N LEU A 340 -28.04 -3.41 -15.73
CA LEU A 340 -28.08 -4.21 -16.94
C LEU A 340 -26.65 -4.44 -17.44
N PRO A 341 -26.16 -5.67 -17.48
CA PRO A 341 -24.80 -5.92 -17.97
C PRO A 341 -24.74 -6.12 -19.48
N PHE A 342 -23.72 -5.53 -20.09
CA PHE A 342 -23.48 -5.66 -21.52
C PHE A 342 -21.99 -5.81 -21.76
N VAL A 343 -21.64 -6.27 -22.96
CA VAL A 343 -20.25 -6.51 -23.33
C VAL A 343 -19.84 -5.50 -24.39
N LEU A 344 -18.61 -5.01 -24.28
CA LEU A 344 -18.03 -4.05 -25.21
C LEU A 344 -16.85 -4.71 -25.91
N MET A 345 -16.90 -4.74 -27.24
CA MET A 345 -15.90 -5.45 -28.04
C MET A 345 -15.65 -4.70 -29.33
N HIS A 346 -14.64 -5.20 -30.08
CA HIS A 346 -14.28 -4.82 -31.42
C HIS A 346 -14.80 -5.86 -32.40
N PRO A 347 -15.33 -5.43 -33.56
CA PRO A 347 -15.76 -6.41 -34.56
C PRO A 347 -14.57 -7.18 -35.13
N LYS A 348 -14.83 -8.42 -35.52
CA LYS A 348 -13.78 -9.26 -36.07
C LYS A 348 -13.27 -8.66 -37.37
N PRO A 349 -11.96 -8.49 -37.54
CA PRO A 349 -11.44 -7.90 -38.77
C PRO A 349 -11.68 -8.80 -39.97
N HIS A 350 -11.80 -8.15 -41.14
CA HIS A 350 -12.02 -8.87 -42.39
C HIS A 350 -10.68 -9.26 -43.03
N THR B 7 -40.88 -19.50 20.32
CA THR B 7 -39.63 -18.86 19.90
C THR B 7 -39.78 -18.20 18.54
N ARG B 8 -38.67 -17.70 18.01
CA ARG B 8 -38.66 -17.04 16.70
C ARG B 8 -37.45 -17.52 15.92
N VAL B 9 -37.54 -17.39 14.59
CA VAL B 9 -36.44 -17.71 13.70
C VAL B 9 -36.32 -16.58 12.67
N PHE B 10 -35.14 -16.50 12.06
CA PHE B 10 -34.84 -15.46 11.09
C PHE B 10 -35.01 -16.01 9.68
N LYS B 11 -35.73 -15.26 8.85
CA LYS B 11 -36.04 -15.68 7.49
C LYS B 11 -35.63 -14.60 6.51
N LYS B 12 -34.85 -14.98 5.50
CA LYS B 12 -34.48 -14.10 4.41
C LYS B 12 -34.64 -14.84 3.10
N SER B 13 -35.14 -14.14 2.08
CA SER B 13 -35.47 -14.75 0.80
C SER B 13 -34.69 -14.10 -0.33
N SER B 14 -34.55 -14.85 -1.43
CA SER B 14 -33.86 -14.35 -2.60
C SER B 14 -34.66 -13.21 -3.24
N PRO B 15 -33.99 -12.31 -3.96
CA PRO B 15 -34.72 -11.21 -4.60
C PRO B 15 -35.82 -11.67 -5.54
N ASN B 16 -35.64 -12.80 -6.23
CA ASN B 16 -36.73 -13.32 -7.05
C ASN B 16 -37.84 -13.94 -6.21
N GLY B 17 -37.57 -14.22 -4.93
CA GLY B 17 -38.56 -14.77 -4.03
C GLY B 17 -38.73 -16.27 -4.11
N LYS B 18 -37.98 -16.96 -4.96
CA LYS B 18 -38.12 -18.40 -5.10
C LYS B 18 -37.19 -19.19 -4.19
N LEU B 19 -36.25 -18.53 -3.52
CA LEU B 19 -35.30 -19.18 -2.63
C LEU B 19 -35.30 -18.46 -1.29
N THR B 20 -35.48 -19.23 -0.22
CA THR B 20 -35.55 -18.66 1.13
C THR B 20 -34.77 -19.54 2.08
N VAL B 21 -33.98 -18.92 2.95
CA VAL B 21 -33.15 -19.63 3.92
C VAL B 21 -33.61 -19.23 5.32
N TYR B 22 -33.77 -20.22 6.19
CA TYR B 22 -34.20 -20.00 7.56
C TYR B 22 -33.07 -20.32 8.52
N LEU B 23 -32.84 -19.44 9.49
CA LEU B 23 -31.75 -19.57 10.44
C LEU B 23 -32.28 -19.32 11.84
N GLY B 24 -31.74 -20.05 12.81
CA GLY B 24 -32.21 -19.94 14.18
C GLY B 24 -31.64 -18.76 14.95
N LYS B 25 -30.34 -18.50 14.77
CA LYS B 25 -29.67 -17.43 15.48
C LYS B 25 -28.81 -16.63 14.50
N ARG B 26 -28.45 -15.42 14.92
CA ARG B 26 -27.53 -14.58 14.17
C ARG B 26 -26.14 -14.54 14.77
N ASP B 27 -26.01 -14.69 16.09
CA ASP B 27 -24.72 -14.68 16.76
C ASP B 27 -24.45 -16.08 17.32
N PHE B 28 -23.33 -16.66 16.92
CA PHE B 28 -22.92 -17.99 17.36
C PHE B 28 -21.69 -17.87 18.25
N VAL B 29 -21.77 -18.42 19.45
CA VAL B 29 -20.69 -18.27 20.42
C VAL B 29 -19.82 -19.52 20.38
N ASP B 30 -18.60 -19.37 20.87
CA ASP B 30 -17.69 -20.49 21.05
C ASP B 30 -17.22 -20.50 22.51
N HIS B 31 -17.31 -21.68 23.14
CA HIS B 31 -16.98 -21.84 24.55
C HIS B 31 -15.54 -22.30 24.76
N LEU B 32 -14.63 -21.87 23.88
CA LEU B 32 -13.19 -22.15 23.94
C LEU B 32 -12.88 -23.59 23.57
N ASP B 33 -13.91 -24.42 23.44
CA ASP B 33 -13.74 -25.81 23.03
C ASP B 33 -14.75 -26.28 22.01
N LYS B 34 -15.90 -25.61 21.86
CA LYS B 34 -16.90 -25.99 20.88
C LYS B 34 -17.68 -24.75 20.48
N VAL B 35 -17.77 -24.51 19.18
CA VAL B 35 -18.53 -23.39 18.64
C VAL B 35 -19.95 -23.86 18.38
N ASP B 36 -20.89 -22.94 18.48
CA ASP B 36 -22.29 -23.27 18.22
C ASP B 36 -22.46 -23.70 16.78
N PRO B 37 -23.02 -24.88 16.51
CA PRO B 37 -23.21 -25.30 15.13
C PRO B 37 -24.23 -24.44 14.41
N VAL B 38 -24.00 -24.24 13.11
CA VAL B 38 -24.86 -23.42 12.28
C VAL B 38 -25.82 -24.37 11.56
N ASP B 39 -27.07 -24.40 12.01
CA ASP B 39 -28.09 -25.26 11.43
C ASP B 39 -29.27 -24.43 10.95
N GLY B 40 -29.96 -24.93 9.94
CA GLY B 40 -31.10 -24.24 9.38
C GLY B 40 -31.66 -25.03 8.21
N VAL B 41 -32.73 -24.48 7.63
CA VAL B 41 -33.37 -25.09 6.49
C VAL B 41 -33.50 -24.04 5.39
N VAL B 42 -33.59 -24.51 4.15
CA VAL B 42 -33.71 -23.65 2.98
C VAL B 42 -34.93 -24.09 2.19
N LEU B 43 -35.77 -23.13 1.81
CA LEU B 43 -37.01 -23.38 1.08
C LEU B 43 -36.87 -22.92 -0.36
N VAL B 44 -37.31 -23.76 -1.29
CA VAL B 44 -37.23 -23.47 -2.71
C VAL B 44 -38.49 -24.00 -3.39
N ASP B 45 -38.94 -23.27 -4.41
CA ASP B 45 -40.10 -23.69 -5.19
C ASP B 45 -39.75 -24.95 -5.98
N PRO B 46 -40.48 -26.06 -5.80
CA PRO B 46 -40.10 -27.29 -6.51
C PRO B 46 -40.12 -27.17 -8.03
N ASP B 47 -41.07 -26.40 -8.58
CA ASP B 47 -41.17 -26.24 -10.02
C ASP B 47 -40.12 -25.29 -10.58
N TYR B 48 -39.55 -24.42 -9.75
CA TYR B 48 -38.56 -23.47 -10.24
C TYR B 48 -37.30 -24.18 -10.73
N LEU B 49 -36.87 -25.21 -10.02
CA LEU B 49 -35.66 -25.96 -10.37
C LEU B 49 -36.04 -27.38 -10.76
N LYS B 50 -35.52 -27.83 -11.91
CA LYS B 50 -35.68 -29.21 -12.34
C LYS B 50 -34.35 -29.95 -12.39
N ASP B 51 -33.37 -29.42 -13.12
CA ASP B 51 -32.02 -29.97 -13.14
C ASP B 51 -31.06 -29.20 -12.25
N ARG B 52 -31.54 -28.17 -11.56
CA ARG B 52 -30.70 -27.32 -10.73
C ARG B 52 -30.50 -27.94 -9.36
N LYS B 53 -29.49 -27.45 -8.66
CA LYS B 53 -29.17 -27.91 -7.31
C LYS B 53 -28.99 -26.70 -6.41
N VAL B 54 -29.30 -26.89 -5.13
CA VAL B 54 -29.22 -25.83 -4.13
C VAL B 54 -27.98 -26.05 -3.29
N PHE B 55 -27.11 -25.05 -3.23
CA PHE B 55 -25.87 -25.11 -2.46
C PHE B 55 -25.84 -23.99 -1.45
N VAL B 56 -25.38 -24.31 -0.24
CA VAL B 56 -25.20 -23.33 0.82
C VAL B 56 -23.73 -23.32 1.22
N THR B 57 -23.13 -22.13 1.24
CA THR B 57 -21.71 -21.97 1.54
C THR B 57 -21.53 -21.02 2.72
N LEU B 58 -20.64 -21.39 3.63
CA LEU B 58 -20.26 -20.55 4.76
C LEU B 58 -18.82 -20.08 4.54
N THR B 59 -18.63 -18.76 4.57
CA THR B 59 -17.33 -18.18 4.29
C THR B 59 -17.01 -17.08 5.30
N VAL B 60 -15.76 -17.07 5.77
CA VAL B 60 -15.23 -16.00 6.61
C VAL B 60 -14.01 -15.43 5.91
N ALA B 61 -13.97 -14.12 5.75
CA ALA B 61 -12.95 -13.53 4.90
C ALA B 61 -12.64 -12.10 5.32
N PHE B 62 -11.39 -11.71 5.15
CA PHE B 62 -11.02 -10.30 5.23
C PHE B 62 -11.72 -9.52 4.13
N ARG B 63 -12.32 -8.39 4.50
CA ARG B 63 -13.06 -7.57 3.53
C ARG B 63 -12.81 -6.10 3.82
N TYR B 64 -12.36 -5.37 2.81
CA TYR B 64 -12.33 -3.91 2.86
C TYR B 64 -13.51 -3.39 2.04
N GLY B 65 -14.67 -3.36 2.68
CA GLY B 65 -15.88 -2.92 2.01
C GLY B 65 -16.47 -4.01 1.15
N ARG B 66 -17.79 -4.17 1.22
CA ARG B 66 -18.46 -5.18 0.41
C ARG B 66 -18.37 -4.81 -1.07
N GLU B 67 -18.03 -5.80 -1.90
CA GLU B 67 -17.93 -5.58 -3.34
C GLU B 67 -19.15 -6.14 -4.05
N ASP B 68 -20.29 -6.17 -3.35
CA ASP B 68 -21.57 -6.54 -3.95
C ASP B 68 -22.60 -5.43 -3.78
N CYS B 69 -22.12 -4.21 -3.45
CA CYS B 69 -23.00 -3.05 -3.12
C CYS B 69 -22.81 -1.90 -4.12
N ASP B 70 -23.09 -0.64 -3.75
CA ASP B 70 -23.00 0.39 -4.81
C ASP B 70 -22.23 1.63 -4.37
N VAL B 71 -20.93 1.50 -4.22
CA VAL B 71 -20.02 2.63 -3.90
C VAL B 71 -18.86 2.38 -4.84
N LEU B 72 -18.16 3.40 -5.32
CA LEU B 72 -17.13 3.07 -6.30
C LEU B 72 -15.75 3.19 -5.66
N GLY B 73 -14.84 2.29 -6.05
CA GLY B 73 -13.49 2.30 -5.54
C GLY B 73 -12.93 0.92 -5.35
N LEU B 74 -11.92 0.79 -4.48
CA LEU B 74 -11.30 -0.49 -4.22
C LEU B 74 -12.10 -1.29 -3.20
N SER B 75 -12.04 -2.62 -3.34
CA SER B 75 -12.75 -3.51 -2.42
C SER B 75 -11.98 -4.84 -2.39
N PHE B 76 -11.20 -5.03 -1.32
CA PHE B 76 -10.43 -6.26 -1.18
C PHE B 76 -11.30 -7.37 -0.60
N ARG B 77 -10.83 -8.61 -0.79
CA ARG B 77 -11.50 -9.77 -0.19
C ARG B 77 -10.50 -10.92 -0.17
N LYS B 78 -10.13 -11.36 1.02
CA LYS B 78 -9.20 -12.48 1.21
C LYS B 78 -9.90 -13.54 2.03
N ASP B 79 -10.17 -14.69 1.42
CA ASP B 79 -10.86 -15.78 2.13
C ASP B 79 -9.97 -16.33 3.23
N LEU B 80 -10.59 -16.74 4.33
CA LEU B 80 -9.90 -17.40 5.43
C LEU B 80 -10.38 -18.82 5.67
N PHE B 81 -11.64 -19.12 5.35
CA PHE B 81 -12.18 -20.47 5.46
C PHE B 81 -13.45 -20.54 4.63
N ILE B 82 -13.61 -21.65 3.92
CA ILE B 82 -14.77 -21.83 3.04
C ILE B 82 -15.30 -23.25 3.22
N ALA B 83 -16.62 -23.38 3.27
CA ALA B 83 -17.28 -24.67 3.40
C ALA B 83 -18.47 -24.71 2.47
N ASN B 84 -18.85 -25.92 2.06
CA ASN B 84 -19.94 -26.12 1.12
C ASN B 84 -20.86 -27.22 1.62
N TYR B 85 -22.10 -27.18 1.15
CA TYR B 85 -23.12 -28.15 1.55
C TYR B 85 -24.17 -28.24 0.45
N GLN B 86 -24.55 -29.47 0.12
CA GLN B 86 -25.52 -29.73 -0.94
C GLN B 86 -26.91 -29.81 -0.32
N ALA B 87 -27.69 -28.75 -0.48
CA ALA B 87 -29.03 -28.71 0.10
C ALA B 87 -29.98 -29.67 -0.62
N PHE B 88 -30.00 -29.62 -1.95
CA PHE B 88 -30.91 -30.44 -2.74
C PHE B 88 -30.20 -30.89 -4.01
N PRO B 89 -30.25 -32.19 -4.35
CA PRO B 89 -30.87 -33.25 -3.55
C PRO B 89 -30.03 -33.61 -2.33
N PRO B 90 -30.66 -34.13 -1.27
CA PRO B 90 -29.93 -34.40 -0.04
C PRO B 90 -28.84 -35.44 -0.24
N THR B 91 -27.74 -35.24 0.49
CA THR B 91 -26.65 -36.20 0.59
C THR B 91 -27.00 -37.19 1.68
N PRO B 92 -26.16 -38.20 1.96
CA PRO B 92 -26.41 -39.03 3.15
C PRO B 92 -26.52 -38.18 4.40
N ASN B 93 -27.51 -38.53 5.23
CA ASN B 93 -27.84 -37.69 6.39
C ASN B 93 -26.68 -37.50 7.36
N PRO B 94 -25.94 -38.53 7.77
CA PRO B 94 -24.81 -38.29 8.66
C PRO B 94 -23.69 -37.58 7.92
N PRO B 95 -22.87 -36.77 8.63
CA PRO B 95 -22.97 -36.49 10.06
C PRO B 95 -24.05 -35.47 10.41
N ARG B 96 -24.31 -35.29 11.70
CA ARG B 96 -25.24 -34.29 12.22
C ARG B 96 -26.65 -34.49 11.69
N PRO B 97 -27.38 -35.50 12.15
CA PRO B 97 -28.80 -35.64 11.79
C PRO B 97 -29.58 -34.40 12.21
N PRO B 98 -30.77 -34.19 11.66
CA PRO B 98 -31.51 -32.96 11.94
C PRO B 98 -31.76 -32.75 13.44
N THR B 99 -31.64 -31.51 13.87
CA THR B 99 -31.81 -31.14 15.27
C THR B 99 -33.27 -30.79 15.54
N ARG B 100 -33.56 -30.39 16.78
CA ARG B 100 -34.92 -30.04 17.15
C ARG B 100 -35.42 -28.82 16.37
N LEU B 101 -34.56 -27.80 16.23
CA LEU B 101 -34.93 -26.62 15.46
C LEU B 101 -35.17 -26.98 14.00
N GLN B 102 -34.28 -27.78 13.42
CA GLN B 102 -34.44 -28.18 12.01
C GLN B 102 -35.69 -29.01 11.82
N GLU B 103 -35.95 -29.97 12.72
CA GLU B 103 -37.14 -30.80 12.57
C GLU B 103 -38.41 -29.99 12.75
N ARG B 104 -38.40 -29.01 13.67
CA ARG B 104 -39.56 -28.16 13.85
C ARG B 104 -39.81 -27.30 12.62
N LEU B 105 -38.75 -26.75 12.03
CA LEU B 105 -38.92 -25.98 10.80
C LEU B 105 -39.45 -26.85 9.66
N LEU B 106 -38.91 -28.07 9.52
CA LEU B 106 -39.38 -28.97 8.47
C LEU B 106 -40.84 -29.34 8.68
N ARG B 107 -41.25 -29.50 9.94
CA ARG B 107 -42.67 -29.69 10.23
C ARG B 107 -43.48 -28.47 9.85
N LYS B 108 -42.92 -27.27 10.08
CA LYS B 108 -43.67 -26.04 9.86
C LYS B 108 -43.93 -25.80 8.38
N LEU B 109 -42.89 -25.92 7.53
CA LEU B 109 -43.05 -25.64 6.11
C LEU B 109 -43.08 -26.90 5.24
N GLY B 110 -43.36 -28.06 5.82
CA GLY B 110 -43.55 -29.25 5.01
C GLY B 110 -42.26 -29.80 4.45
N GLN B 111 -42.39 -30.51 3.32
CA GLN B 111 -41.30 -31.26 2.74
C GLN B 111 -40.53 -30.50 1.67
N HIS B 112 -40.87 -29.24 1.42
CA HIS B 112 -40.17 -28.45 0.42
C HIS B 112 -39.02 -27.64 1.00
N ALA B 113 -38.72 -27.80 2.29
CA ALA B 113 -37.55 -27.23 2.93
C ALA B 113 -36.55 -28.33 3.20
N HIS B 114 -35.27 -27.97 3.19
CA HIS B 114 -34.19 -28.94 3.30
C HIS B 114 -33.15 -28.45 4.31
N PRO B 115 -32.84 -29.23 5.33
CA PRO B 115 -31.87 -28.79 6.34
C PRO B 115 -30.46 -28.70 5.78
N PHE B 116 -29.69 -27.76 6.33
CA PHE B 116 -28.28 -27.63 6.02
C PHE B 116 -27.52 -27.42 7.32
N PHE B 117 -26.34 -28.03 7.42
CA PHE B 117 -25.57 -28.04 8.66
C PHE B 117 -24.15 -27.57 8.41
N PHE B 118 -23.61 -26.83 9.35
CA PHE B 118 -22.22 -26.36 9.28
C PHE B 118 -21.57 -26.50 10.65
N THR B 119 -20.24 -26.60 10.63
CA THR B 119 -19.44 -26.62 11.84
C THR B 119 -18.32 -25.60 11.70
N ILE B 120 -18.15 -24.76 12.71
CA ILE B 120 -17.13 -23.72 12.71
C ILE B 120 -15.88 -24.27 13.39
N PRO B 121 -14.76 -24.40 12.68
CA PRO B 121 -13.54 -24.91 13.31
C PRO B 121 -13.04 -23.97 14.40
N GLN B 122 -12.28 -24.54 15.34
CA GLN B 122 -11.86 -23.80 16.52
C GLN B 122 -10.94 -22.64 16.19
N ASN B 123 -10.01 -22.83 15.25
CA ASN B 123 -8.98 -21.83 14.97
C ASN B 123 -9.52 -20.57 14.31
N LEU B 124 -10.77 -20.55 13.88
CA LEU B 124 -11.29 -19.39 13.16
C LEU B 124 -11.37 -18.18 14.09
N PRO B 125 -11.17 -16.99 13.55
CA PRO B 125 -11.22 -15.78 14.37
C PRO B 125 -12.66 -15.34 14.64
N SER B 126 -12.79 -14.38 15.55
CA SER B 126 -14.08 -13.79 15.87
C SER B 126 -14.40 -12.67 14.89
N SER B 127 -15.53 -12.00 15.11
CA SER B 127 -15.96 -10.90 14.26
C SER B 127 -15.38 -9.60 14.80
N VAL B 128 -14.48 -8.99 14.04
CA VAL B 128 -13.86 -7.72 14.40
C VAL B 128 -13.94 -6.79 13.20
N THR B 129 -14.38 -5.56 13.44
CA THR B 129 -14.48 -4.55 12.39
C THR B 129 -13.60 -3.36 12.76
N LEU B 130 -12.72 -2.97 11.85
CA LEU B 130 -11.88 -1.81 12.06
C LEU B 130 -12.65 -0.53 11.76
N GLN B 131 -12.31 0.53 12.46
CA GLN B 131 -13.05 1.78 12.35
C GLN B 131 -12.68 2.49 11.05
N PRO B 132 -13.65 2.87 10.23
CA PRO B 132 -13.33 3.61 9.00
C PRO B 132 -12.81 5.00 9.28
N GLY B 133 -11.95 5.47 8.40
CA GLY B 133 -11.44 6.82 8.47
C GLY B 133 -12.24 7.77 7.61
N PRO B 134 -11.83 9.04 7.56
CA PRO B 134 -12.55 10.00 6.69
C PRO B 134 -12.53 9.62 5.22
N GLU B 135 -11.42 9.05 4.74
CA GLU B 135 -11.30 8.63 3.36
C GLU B 135 -11.88 7.25 3.09
N ASP B 136 -12.13 6.45 4.13
CA ASP B 136 -12.71 5.12 3.97
C ASP B 136 -14.23 5.22 3.95
N THR B 137 -14.74 5.82 2.89
CA THR B 137 -16.18 5.98 2.73
C THR B 137 -16.85 4.62 2.59
N GLY B 138 -18.06 4.52 3.16
CA GLY B 138 -18.83 3.29 3.06
C GLY B 138 -18.54 2.30 4.17
N LYS B 139 -17.38 1.65 4.12
CA LYS B 139 -17.02 0.63 5.09
C LYS B 139 -15.50 0.53 5.17
N ALA B 140 -15.02 -0.27 6.11
CA ALA B 140 -13.59 -0.43 6.31
C ALA B 140 -13.19 -1.90 6.43
N LEU B 141 -11.93 -2.14 6.77
CA LEU B 141 -11.43 -3.51 6.86
C LEU B 141 -12.05 -4.24 8.05
N GLY B 142 -12.25 -5.54 7.88
CA GLY B 142 -12.79 -6.36 8.95
C GLY B 142 -12.94 -7.77 8.48
N VAL B 143 -13.12 -8.67 9.46
CA VAL B 143 -13.34 -10.09 9.22
C VAL B 143 -14.75 -10.43 9.68
N ASP B 144 -15.53 -11.07 8.81
CA ASP B 144 -16.92 -11.33 9.10
C ASP B 144 -17.34 -12.66 8.47
N PHE B 145 -18.41 -13.23 9.00
CA PHE B 145 -18.94 -14.50 8.56
C PHE B 145 -20.15 -14.28 7.66
N GLU B 146 -20.37 -15.22 6.74
CA GLU B 146 -21.42 -15.07 5.75
C GLU B 146 -21.99 -16.43 5.41
N ILE B 147 -23.30 -16.49 5.19
CA ILE B 147 -23.99 -17.68 4.71
C ILE B 147 -24.68 -17.31 3.40
N ARG B 148 -24.39 -18.07 2.35
CA ARG B 148 -24.94 -17.81 1.02
C ARG B 148 -25.65 -19.06 0.52
N ALA B 149 -26.92 -18.91 0.16
CA ALA B 149 -27.71 -19.98 -0.44
C ALA B 149 -28.02 -19.59 -1.89
N PHE B 150 -27.67 -20.46 -2.83
CA PHE B 150 -27.86 -20.18 -4.24
C PHE B 150 -28.23 -21.47 -4.97
N VAL B 151 -28.83 -21.31 -6.13
CA VAL B 151 -29.23 -22.43 -6.98
C VAL B 151 -28.40 -22.39 -8.25
N ALA B 152 -27.83 -23.53 -8.62
CA ALA B 152 -26.95 -23.63 -9.77
C ALA B 152 -26.75 -25.10 -10.10
N LYS B 153 -26.23 -25.36 -11.31
CA LYS B 153 -25.93 -26.72 -11.72
C LYS B 153 -24.66 -27.25 -11.06
N SER B 154 -23.72 -26.37 -10.74
CA SER B 154 -22.45 -26.78 -10.15
C SER B 154 -21.94 -25.70 -9.23
N LEU B 155 -21.01 -26.09 -8.34
CA LEU B 155 -20.42 -25.13 -7.42
C LEU B 155 -19.64 -24.04 -8.16
N GLU B 156 -19.02 -24.38 -9.28
CA GLU B 156 -18.24 -23.43 -10.05
C GLU B 156 -19.09 -22.54 -10.95
N GLU B 157 -20.39 -22.82 -11.07
CA GLU B 157 -21.25 -22.00 -11.91
C GLU B 157 -21.37 -20.59 -11.36
N LYS B 158 -21.31 -19.61 -12.26
CA LYS B 158 -21.40 -18.22 -11.85
C LYS B 158 -22.81 -17.90 -11.35
N SER B 159 -22.89 -17.10 -10.31
CA SER B 159 -24.17 -16.77 -9.68
C SER B 159 -24.91 -15.71 -10.48
N HIS B 160 -26.22 -15.87 -10.59
CA HIS B 160 -27.05 -14.87 -11.24
C HIS B 160 -27.15 -13.60 -10.40
N LYS B 161 -27.00 -13.72 -9.09
CA LYS B 161 -27.13 -12.67 -8.07
C LYS B 161 -28.60 -12.34 -7.84
N ARG B 162 -29.50 -12.89 -8.65
CA ARG B 162 -30.94 -12.71 -8.43
C ARG B 162 -31.63 -13.98 -7.97
N ASN B 163 -30.90 -15.10 -7.86
CA ASN B 163 -31.43 -16.33 -7.28
C ASN B 163 -30.60 -16.79 -6.08
N SER B 164 -29.85 -15.86 -5.46
CA SER B 164 -29.02 -16.18 -4.31
C SER B 164 -29.35 -15.23 -3.17
N VAL B 165 -29.21 -15.73 -1.95
CA VAL B 165 -29.47 -14.97 -0.73
C VAL B 165 -28.25 -15.05 0.17
N ARG B 166 -27.80 -13.90 0.69
CA ARG B 166 -26.65 -13.82 1.56
C ARG B 166 -27.11 -13.37 2.94
N LEU B 167 -26.62 -14.05 3.98
CA LEU B 167 -26.94 -13.73 5.36
C LEU B 167 -25.65 -13.53 6.15
N VAL B 168 -25.64 -12.50 7.00
CA VAL B 168 -24.47 -12.17 7.80
C VAL B 168 -24.69 -12.69 9.22
N ILE B 169 -23.71 -13.43 9.73
CA ILE B 169 -23.73 -13.95 11.08
C ILE B 169 -22.44 -13.56 11.78
N ARG B 170 -22.41 -13.75 13.09
CA ARG B 170 -21.29 -13.32 13.91
C ARG B 170 -20.80 -14.46 14.78
N LYS B 171 -19.49 -14.47 15.03
CA LYS B 171 -18.87 -15.36 15.99
C LYS B 171 -18.35 -14.51 17.14
N VAL B 172 -18.85 -14.77 18.35
CA VAL B 172 -18.60 -13.92 19.50
C VAL B 172 -18.10 -14.75 20.67
N GLN B 173 -17.46 -14.07 21.61
CA GLN B 173 -16.96 -14.67 22.83
C GLN B 173 -17.43 -13.86 24.03
N PHE B 174 -17.51 -14.52 25.18
CA PHE B 174 -17.96 -13.87 26.41
C PHE B 174 -16.92 -14.09 27.51
N ALA B 175 -17.10 -13.38 28.61
CA ALA B 175 -16.12 -13.41 29.68
C ALA B 175 -16.08 -14.78 30.34
N PRO B 176 -14.91 -15.40 30.45
CA PRO B 176 -14.82 -16.66 31.20
C PRO B 176 -15.19 -16.46 32.66
N GLU B 177 -15.86 -17.46 33.23
CA GLU B 177 -16.34 -17.36 34.61
C GLU B 177 -15.25 -17.53 35.63
N LYS B 178 -14.08 -18.05 35.24
CA LYS B 178 -12.99 -18.27 36.17
C LYS B 178 -12.09 -17.03 36.21
N PRO B 179 -11.99 -16.33 37.33
CA PRO B 179 -11.11 -15.15 37.40
C PRO B 179 -9.65 -15.53 37.23
N GLY B 180 -8.89 -14.63 36.62
CA GLY B 180 -7.48 -14.84 36.39
C GLY B 180 -6.61 -14.22 37.46
N PRO B 181 -5.29 -14.32 37.28
CA PRO B 181 -4.37 -13.73 38.26
C PRO B 181 -4.47 -12.21 38.27
N GLN B 182 -4.23 -11.64 39.44
CA GLN B 182 -4.27 -10.19 39.58
C GLN B 182 -3.08 -9.56 38.86
N PRO B 183 -3.31 -8.62 37.96
CA PRO B 183 -2.18 -7.97 37.28
C PRO B 183 -1.28 -7.23 38.26
N SER B 184 0.02 -7.30 38.00
CA SER B 184 1.03 -6.64 38.83
C SER B 184 2.37 -6.68 38.10
N ALA B 185 3.07 -5.55 38.10
CA ALA B 185 4.36 -5.46 37.45
C ALA B 185 5.14 -4.30 38.04
N GLU B 186 6.41 -4.55 38.36
CA GLU B 186 7.28 -3.53 38.96
C GLU B 186 8.61 -3.51 38.23
N THR B 187 9.20 -2.32 38.10
CA THR B 187 10.48 -2.14 37.44
C THR B 187 11.29 -1.11 38.22
N THR B 188 12.55 -1.44 38.51
CA THR B 188 13.43 -0.58 39.28
C THR B 188 14.47 0.03 38.36
N ARG B 189 14.50 1.35 38.29
CA ARG B 189 15.52 2.08 37.54
C ARG B 189 16.70 2.33 38.47
N HIS B 190 17.89 1.91 38.05
CA HIS B 190 19.08 1.98 38.87
C HIS B 190 20.11 2.89 38.20
N PHE B 191 20.84 3.63 39.03
CA PHE B 191 21.91 4.51 38.57
C PHE B 191 23.26 3.94 39.01
N LEU B 192 24.22 3.98 38.09
CA LEU B 192 25.54 3.40 38.35
C LEU B 192 26.36 4.20 39.34
N MET B 193 25.93 5.41 39.70
CA MET B 193 26.71 6.22 40.65
C MET B 193 26.78 5.56 42.02
N SER B 194 25.62 5.21 42.58
CA SER B 194 25.55 4.54 43.87
C SER B 194 24.16 3.93 44.00
N ASP B 195 23.83 3.48 45.21
CA ASP B 195 22.52 2.86 45.48
C ASP B 195 21.47 3.96 45.62
N ARG B 196 21.08 4.52 44.47
CA ARG B 196 20.03 5.52 44.39
C ARG B 196 18.92 5.05 43.44
N SER B 197 18.55 3.77 43.56
CA SER B 197 17.60 3.19 42.63
C SER B 197 16.21 3.81 42.79
N LEU B 198 15.55 4.03 41.66
CA LEU B 198 14.17 4.50 41.64
C LEU B 198 13.27 3.30 41.33
N HIS B 199 12.31 3.04 42.22
CA HIS B 199 11.46 1.87 42.13
C HIS B 199 10.00 2.28 42.10
N LEU B 200 9.23 1.70 41.18
CA LEU B 200 7.80 1.88 41.12
C LEU B 200 7.11 0.53 40.95
N GLU B 201 5.93 0.41 41.52
CA GLU B 201 5.12 -0.80 41.42
C GLU B 201 3.71 -0.42 40.98
N ALA B 202 3.21 -1.11 39.97
CA ALA B 202 1.87 -0.87 39.44
C ALA B 202 1.10 -2.17 39.38
N SER B 203 -0.18 -2.12 39.78
CA SER B 203 -1.02 -3.31 39.77
C SER B 203 -2.48 -2.88 39.63
N LEU B 204 -3.30 -3.82 39.18
CA LEU B 204 -4.73 -3.62 39.05
C LEU B 204 -5.45 -4.40 40.15
N ASP B 205 -6.79 -4.31 40.15
CA ASP B 205 -7.58 -5.01 41.15
C ASP B 205 -8.15 -6.34 40.65
N LYS B 206 -8.19 -6.55 39.34
CA LYS B 206 -8.66 -7.81 38.77
C LYS B 206 -8.14 -7.93 37.35
N GLU B 207 -8.32 -9.11 36.77
CA GLU B 207 -7.80 -9.39 35.43
C GLU B 207 -8.81 -9.16 34.32
N LEU B 208 -10.10 -9.30 34.60
CA LEU B 208 -11.14 -9.15 33.59
C LEU B 208 -12.04 -7.97 33.96
N TYR B 209 -12.30 -7.11 32.98
CA TYR B 209 -13.15 -5.94 33.16
C TYR B 209 -14.25 -5.95 32.11
N TYR B 210 -15.44 -5.51 32.51
CA TYR B 210 -16.54 -5.40 31.58
C TYR B 210 -16.46 -4.09 30.81
N HIS B 211 -17.22 -4.03 29.72
CA HIS B 211 -17.23 -2.83 28.90
C HIS B 211 -17.92 -1.70 29.65
N GLY B 212 -17.21 -0.59 29.83
CA GLY B 212 -17.70 0.52 30.63
C GLY B 212 -17.34 0.47 32.10
N GLU B 213 -16.76 -0.64 32.56
CA GLU B 213 -16.38 -0.76 33.96
C GLU B 213 -15.05 -0.05 34.20
N PRO B 214 -14.96 0.81 35.21
CA PRO B 214 -13.71 1.54 35.45
C PRO B 214 -12.59 0.63 35.89
N LEU B 215 -11.36 1.05 35.58
CA LEU B 215 -10.15 0.34 35.95
C LEU B 215 -9.45 1.10 37.08
N ASN B 216 -9.19 0.40 38.18
CA ASN B 216 -8.50 0.98 39.33
C ASN B 216 -7.08 0.43 39.35
N VAL B 217 -6.11 1.31 39.13
CA VAL B 217 -4.69 0.94 39.10
C VAL B 217 -3.97 1.69 40.21
N ASN B 218 -3.23 0.95 41.04
CA ASN B 218 -2.48 1.52 42.15
C ASN B 218 -1.01 1.54 41.80
N VAL B 219 -0.38 2.71 41.97
CA VAL B 219 1.04 2.90 41.67
C VAL B 219 1.73 3.40 42.93
N HIS B 220 2.80 2.73 43.33
CA HIS B 220 3.63 3.13 44.46
C HIS B 220 5.03 3.44 43.94
N VAL B 221 5.51 4.64 44.24
CA VAL B 221 6.80 5.11 43.74
C VAL B 221 7.70 5.41 44.93
N THR B 222 8.93 4.91 44.88
CA THR B 222 9.95 5.14 45.90
C THR B 222 11.15 5.79 45.22
N ASN B 223 11.12 7.13 45.12
CA ASN B 223 12.17 7.89 44.46
C ASN B 223 13.25 8.19 45.47
N ASN B 224 14.27 7.34 45.52
CA ASN B 224 15.39 7.51 46.44
C ASN B 224 16.56 8.25 45.81
N SER B 225 16.45 8.69 44.56
CA SER B 225 17.51 9.39 43.88
C SER B 225 17.28 10.91 43.95
N THR B 226 18.29 11.65 43.53
CA THR B 226 18.18 13.11 43.45
C THR B 226 17.29 13.56 42.31
N LYS B 227 17.04 12.70 41.32
CA LYS B 227 16.15 13.03 40.23
C LYS B 227 14.71 13.10 40.71
N THR B 228 13.95 14.03 40.13
CA THR B 228 12.56 14.24 40.49
C THR B 228 11.66 13.80 39.34
N VAL B 229 10.46 13.36 39.68
CA VAL B 229 9.49 12.93 38.68
C VAL B 229 8.62 14.13 38.30
N LYS B 230 8.66 14.51 37.02
CA LYS B 230 7.91 15.68 36.58
C LYS B 230 6.41 15.42 36.59
N LYS B 231 5.98 14.29 36.03
CA LYS B 231 4.56 13.96 35.98
C LYS B 231 4.39 12.46 35.83
N ILE B 232 3.16 12.01 36.09
CA ILE B 232 2.80 10.59 36.00
C ILE B 232 1.58 10.48 35.09
N LYS B 233 1.65 9.58 34.12
CA LYS B 233 0.54 9.37 33.19
C LYS B 233 0.22 7.88 33.09
N VAL B 234 -1.07 7.57 33.06
CA VAL B 234 -1.57 6.20 32.94
C VAL B 234 -2.46 6.14 31.71
N SER B 235 -2.25 5.11 30.88
CA SER B 235 -2.98 4.97 29.64
C SER B 235 -3.37 3.52 29.43
N VAL B 236 -4.40 3.32 28.60
CA VAL B 236 -4.82 2.01 28.14
C VAL B 236 -4.69 1.98 26.63
N ARG B 237 -3.99 0.97 26.12
CA ARG B 237 -3.72 0.86 24.70
C ARG B 237 -4.26 -0.47 24.18
N GLN B 238 -4.74 -0.45 22.93
CA GLN B 238 -5.28 -1.64 22.28
C GLN B 238 -4.30 -2.11 21.21
N TYR B 239 -3.99 -3.40 21.23
CA TYR B 239 -3.10 -4.02 20.27
C TYR B 239 -3.91 -4.91 19.34
N ALA B 240 -3.86 -4.61 18.03
CA ALA B 240 -4.57 -5.39 17.03
C ALA B 240 -3.54 -6.08 16.14
N ASP B 241 -3.63 -7.39 16.04
CA ASP B 241 -2.70 -8.21 15.26
C ASP B 241 -3.39 -8.67 13.98
N ILE B 242 -2.83 -8.29 12.85
CA ILE B 242 -3.36 -8.65 11.54
C ILE B 242 -2.36 -9.60 10.88
N VAL B 243 -2.80 -10.82 10.59
CA VAL B 243 -1.90 -11.88 10.14
C VAL B 243 -2.33 -12.41 8.78
N LEU B 244 -2.89 -11.54 7.92
CA LEU B 244 -3.38 -11.99 6.63
C LEU B 244 -2.24 -12.56 5.77
N PHE B 245 -1.16 -11.80 5.62
CA PHE B 245 0.04 -12.27 4.93
C PHE B 245 1.26 -12.26 5.82
N SER B 246 1.54 -11.15 6.48
CA SER B 246 2.63 -11.04 7.43
C SER B 246 2.08 -10.48 8.75
N THR B 247 2.80 -10.77 9.84
CA THR B 247 2.33 -10.43 11.17
C THR B 247 2.48 -8.92 11.40
N ALA B 248 1.53 -8.17 10.87
CA ALA B 248 1.44 -6.74 11.15
C ALA B 248 0.80 -6.52 12.52
N GLN B 249 0.83 -5.27 12.97
CA GLN B 249 0.25 -4.94 14.27
C GLN B 249 -0.10 -3.46 14.32
N TYR B 250 -1.31 -3.17 14.79
CA TYR B 250 -1.77 -1.81 15.03
C TYR B 250 -1.98 -1.61 16.52
N LYS B 251 -1.34 -0.60 17.09
CA LYS B 251 -1.53 -0.24 18.49
C LYS B 251 -1.97 1.21 18.59
N VAL B 252 -2.95 1.45 19.46
CA VAL B 252 -3.61 2.76 19.53
C VAL B 252 -4.11 2.97 20.96
N PRO B 253 -3.90 4.14 21.55
CA PRO B 253 -4.38 4.39 22.92
C PRO B 253 -5.88 4.69 22.91
N VAL B 254 -6.62 3.96 23.76
CA VAL B 254 -8.07 4.13 23.83
C VAL B 254 -8.51 4.97 25.03
N ALA B 255 -7.60 5.28 25.96
CA ALA B 255 -7.93 6.07 27.14
C ALA B 255 -6.64 6.52 27.79
N GLN B 256 -6.62 7.78 28.25
CA GLN B 256 -5.46 8.34 28.91
C GLN B 256 -5.91 9.21 30.07
N VAL B 257 -5.08 9.26 31.11
CA VAL B 257 -5.28 10.17 32.23
C VAL B 257 -3.93 10.81 32.56
N GLU B 258 -3.94 12.13 32.76
CA GLU B 258 -2.74 12.89 33.06
C GLU B 258 -2.86 13.53 34.43
N GLN B 259 -1.87 13.30 35.28
CA GLN B 259 -1.82 13.88 36.61
C GLN B 259 -0.45 14.47 36.84
N ASP B 260 -0.40 15.79 37.08
CA ASP B 260 0.85 16.49 37.34
C ASP B 260 1.24 16.30 38.81
N ASP B 261 1.65 15.07 39.13
CA ASP B 261 2.03 14.70 40.48
C ASP B 261 3.55 14.69 40.56
N GLN B 262 4.09 15.55 41.43
CA GLN B 262 5.53 15.66 41.60
C GLN B 262 5.99 14.72 42.71
N VAL B 263 6.90 13.81 42.37
CA VAL B 263 7.50 12.90 43.35
C VAL B 263 8.83 13.50 43.74
N SER B 264 8.89 14.12 44.91
CA SER B 264 10.09 14.79 45.35
C SER B 264 11.22 13.79 45.60
N PRO B 265 12.47 14.20 45.43
CA PRO B 265 13.58 13.28 45.68
C PRO B 265 13.62 12.84 47.13
N SER B 266 14.07 11.59 47.34
CA SER B 266 14.13 10.97 48.66
C SER B 266 12.76 11.01 49.34
N SER B 267 11.73 10.60 48.59
CA SER B 267 10.36 10.58 49.10
C SER B 267 9.60 9.45 48.42
N THR B 268 8.51 9.04 49.07
CA THR B 268 7.68 7.94 48.61
C THR B 268 6.31 8.47 48.18
N PHE B 269 5.74 7.85 47.14
CA PHE B 269 4.48 8.27 46.56
C PHE B 269 3.58 7.06 46.37
N SER B 270 2.27 7.28 46.54
CA SER B 270 1.28 6.23 46.36
C SER B 270 -0.05 6.86 45.99
N LYS B 271 -0.72 6.28 44.99
CA LYS B 271 -1.98 6.83 44.51
C LYS B 271 -2.74 5.74 43.76
N VAL B 272 -4.05 5.97 43.61
CA VAL B 272 -4.93 5.08 42.86
C VAL B 272 -5.58 5.88 41.75
N TYR B 273 -5.45 5.41 40.51
CA TYR B 273 -6.01 6.08 39.35
C TYR B 273 -7.20 5.29 38.80
N THR B 274 -8.22 6.02 38.37
CA THR B 274 -9.41 5.42 37.77
C THR B 274 -9.48 5.83 36.31
N ILE B 275 -9.53 4.84 35.42
CA ILE B 275 -9.56 5.08 33.98
C ILE B 275 -10.57 4.11 33.36
N THR B 276 -11.36 4.61 32.41
CA THR B 276 -12.41 3.82 31.77
C THR B 276 -12.35 4.02 30.27
N PRO B 277 -12.08 2.98 29.49
CA PRO B 277 -12.10 3.12 28.03
C PRO B 277 -13.53 3.09 27.50
N PHE B 278 -13.81 3.98 26.55
CA PHE B 278 -15.10 4.00 25.88
C PHE B 278 -14.92 4.58 24.47
N LEU B 279 -16.01 4.63 23.72
CA LEU B 279 -15.96 4.96 22.30
C LEU B 279 -16.28 6.41 21.99
N ALA B 280 -16.84 7.16 22.94
CA ALA B 280 -17.24 8.54 22.65
C ALA B 280 -16.05 9.42 22.30
N ASN B 281 -14.86 9.09 22.80
CA ASN B 281 -13.67 9.90 22.56
C ASN B 281 -12.70 9.27 21.57
N ASN B 282 -13.05 8.13 20.97
CA ASN B 282 -12.18 7.44 20.04
C ASN B 282 -12.81 7.29 18.66
N ARG B 283 -13.69 8.23 18.29
CA ARG B 283 -14.39 8.14 17.02
C ARG B 283 -13.47 8.41 15.84
N GLU B 284 -12.48 9.29 16.00
CA GLU B 284 -11.63 9.71 14.90
C GLU B 284 -10.43 8.79 14.67
N LYS B 285 -10.17 7.84 15.57
CA LYS B 285 -8.99 6.99 15.47
C LYS B 285 -9.24 5.92 14.43
N ARG B 286 -8.71 6.14 13.22
CA ARG B 286 -8.86 5.16 12.15
C ARG B 286 -8.08 3.89 12.49
N GLY B 287 -8.66 2.75 12.13
CA GLY B 287 -8.05 1.47 12.44
C GLY B 287 -8.34 0.93 13.82
N LEU B 288 -9.15 1.63 14.61
CA LEU B 288 -9.51 1.14 15.93
C LEU B 288 -10.39 -0.09 15.81
N ALA B 289 -10.04 -1.15 16.53
CA ALA B 289 -10.78 -2.40 16.44
C ALA B 289 -12.11 -2.27 17.16
N LEU B 290 -13.19 -2.63 16.48
CA LEU B 290 -14.53 -2.62 17.03
C LEU B 290 -15.13 -4.01 16.89
N ASP B 291 -16.19 -4.25 17.66
CA ASP B 291 -16.86 -5.55 17.59
C ASP B 291 -17.57 -5.72 16.26
N GLY B 292 -17.88 -6.96 15.92
CA GLY B 292 -18.53 -7.26 14.67
C GLY B 292 -19.90 -6.60 14.53
N LYS B 293 -20.11 -5.92 13.41
CA LYS B 293 -21.38 -5.28 13.11
C LYS B 293 -22.18 -6.15 12.16
N LEU B 294 -23.51 -6.10 12.30
CA LEU B 294 -24.37 -6.85 11.39
C LEU B 294 -24.37 -6.17 10.03
N LYS B 295 -24.93 -4.96 9.95
CA LYS B 295 -24.78 -4.14 8.75
C LYS B 295 -24.06 -2.83 9.04
N HIS B 296 -24.63 -1.97 9.88
CA HIS B 296 -23.98 -0.70 10.18
C HIS B 296 -24.18 -0.20 11.61
N GLU B 297 -24.83 -0.97 12.48
CA GLU B 297 -25.21 -0.45 13.79
C GLU B 297 -23.98 -0.16 14.65
N ASP B 298 -24.15 0.77 15.58
CA ASP B 298 -23.06 1.16 16.47
C ASP B 298 -22.72 0.01 17.42
N THR B 299 -21.43 -0.21 17.62
CA THR B 299 -20.94 -1.25 18.52
C THR B 299 -19.74 -0.72 19.29
N ASN B 300 -19.44 -1.38 20.40
CA ASN B 300 -18.43 -0.89 21.33
C ASN B 300 -17.02 -1.25 20.85
N LEU B 301 -16.04 -1.02 21.71
CA LEU B 301 -14.68 -1.44 21.41
C LEU B 301 -14.61 -2.96 21.35
N ALA B 302 -13.75 -3.47 20.47
CA ALA B 302 -13.64 -4.91 20.27
C ALA B 302 -13.21 -5.59 21.57
N SER B 303 -13.87 -6.70 21.89
CA SER B 303 -13.48 -7.48 23.04
C SER B 303 -12.19 -8.23 22.76
N SER B 304 -11.42 -8.49 23.81
CA SER B 304 -10.16 -9.21 23.65
C SER B 304 -10.40 -10.61 23.13
N THR B 305 -9.62 -11.01 22.12
CA THR B 305 -9.75 -12.34 21.52
C THR B 305 -8.94 -13.32 22.35
N ILE B 306 -9.61 -13.93 23.32
CA ILE B 306 -8.93 -14.84 24.23
C ILE B 306 -8.93 -16.25 23.65
N VAL B 307 -7.82 -16.96 23.86
CA VAL B 307 -7.64 -18.33 23.40
C VAL B 307 -7.06 -19.13 24.55
N LYS B 308 -7.61 -20.32 24.80
CA LYS B 308 -7.17 -21.15 25.92
C LYS B 308 -5.95 -21.96 25.51
N GLU B 309 -4.80 -21.62 26.09
CA GLU B 309 -3.53 -22.35 25.96
C GLU B 309 -3.36 -23.04 24.61
N GLY B 310 -3.22 -24.36 24.62
CA GLY B 310 -3.10 -25.11 23.39
C GLY B 310 -1.74 -24.90 22.73
N ALA B 311 -1.69 -25.29 21.45
CA ALA B 311 -0.49 -25.13 20.64
C ALA B 311 -0.38 -23.75 20.02
N ASN B 312 -1.37 -22.87 20.25
CA ASN B 312 -1.40 -21.52 19.69
C ASN B 312 -1.30 -21.57 18.16
N LYS B 313 -2.31 -22.19 17.56
CA LYS B 313 -2.36 -22.31 16.12
C LYS B 313 -2.45 -20.94 15.46
N GLU B 314 -1.82 -20.81 14.29
CA GLU B 314 -1.77 -19.53 13.59
C GLU B 314 -3.17 -19.07 13.18
N VAL B 315 -3.65 -18.00 13.81
CA VAL B 315 -4.93 -17.40 13.46
C VAL B 315 -4.67 -16.25 12.50
N LEU B 316 -5.31 -16.30 11.33
CA LEU B 316 -5.06 -15.36 10.25
C LEU B 316 -6.14 -14.29 10.17
N GLY B 317 -6.73 -13.94 11.31
CA GLY B 317 -7.70 -12.86 11.35
C GLY B 317 -7.17 -11.63 12.06
N ILE B 318 -7.97 -11.04 12.93
CA ILE B 318 -7.55 -9.89 13.74
C ILE B 318 -7.65 -10.28 15.20
N LEU B 319 -6.54 -10.22 15.91
CA LEU B 319 -6.48 -10.50 17.33
C LEU B 319 -6.27 -9.20 18.09
N VAL B 320 -7.14 -8.92 19.04
CA VAL B 320 -7.14 -7.64 19.76
C VAL B 320 -6.87 -7.91 21.24
N SER B 321 -5.93 -7.15 21.80
CA SER B 321 -5.56 -7.24 23.20
C SER B 321 -5.52 -5.85 23.81
N TYR B 322 -5.51 -5.79 25.14
CA TYR B 322 -5.50 -4.53 25.86
C TYR B 322 -4.44 -4.58 26.95
N ARG B 323 -3.75 -3.45 27.15
CA ARG B 323 -2.74 -3.32 28.19
C ARG B 323 -2.82 -1.92 28.79
N VAL B 324 -2.34 -1.82 30.03
CA VAL B 324 -2.28 -0.55 30.75
C VAL B 324 -0.82 -0.12 30.85
N LYS B 325 -0.55 1.12 30.43
CA LYS B 325 0.80 1.65 30.38
C LYS B 325 0.96 2.74 31.44
N VAL B 326 1.90 2.54 32.36
CA VAL B 326 2.22 3.52 33.39
C VAL B 326 3.65 3.99 33.14
N LYS B 327 3.83 5.30 33.01
CA LYS B 327 5.12 5.88 32.64
C LYS B 327 5.46 7.02 33.58
N LEU B 328 6.71 7.05 34.05
CA LEU B 328 7.24 8.16 34.83
C LEU B 328 8.32 8.87 34.02
N VAL B 329 8.17 10.18 33.87
CA VAL B 329 9.14 11.00 33.16
C VAL B 329 9.99 11.70 34.22
N VAL B 330 11.11 11.08 34.58
CA VAL B 330 12.03 11.68 35.54
C VAL B 330 12.74 12.86 34.88
N SER B 331 13.17 13.82 35.69
CA SER B 331 13.76 15.03 35.17
C SER B 331 15.19 14.77 34.68
N ARG B 332 15.69 15.72 33.90
CA ARG B 332 17.03 15.70 33.30
C ARG B 332 17.41 14.31 32.79
N GLY B 333 16.60 13.82 31.87
CA GLY B 333 16.91 12.59 31.14
C GLY B 333 16.34 11.36 31.82
N GLY B 334 16.05 10.35 30.99
CA GLY B 334 15.58 9.06 31.47
C GLY B 334 14.08 9.01 31.66
N ASP B 335 13.57 7.79 31.72
CA ASP B 335 12.16 7.53 31.98
C ASP B 335 11.98 6.05 32.26
N VAL B 336 11.03 5.73 33.14
CA VAL B 336 10.73 4.36 33.53
C VAL B 336 9.26 4.11 33.27
N SER B 337 8.94 2.94 32.71
CA SER B 337 7.58 2.62 32.32
C SER B 337 7.23 1.21 32.76
N VAL B 338 5.93 0.97 32.92
CA VAL B 338 5.38 -0.33 33.31
C VAL B 338 4.20 -0.65 32.42
N GLU B 339 4.12 -1.90 31.97
CA GLU B 339 2.98 -2.39 31.20
C GLU B 339 2.41 -3.63 31.87
N LEU B 340 1.11 -3.63 32.12
CA LEU B 340 0.43 -4.77 32.72
C LEU B 340 -0.85 -5.03 31.94
N PRO B 341 -1.01 -6.21 31.35
CA PRO B 341 -2.16 -6.46 30.47
C PRO B 341 -3.40 -6.91 31.22
N PHE B 342 -4.55 -6.67 30.58
CA PHE B 342 -5.84 -7.09 31.11
C PHE B 342 -6.75 -7.43 29.94
N VAL B 343 -7.78 -8.20 30.22
CA VAL B 343 -8.74 -8.60 29.21
C VAL B 343 -10.02 -7.78 29.40
N LEU B 344 -10.83 -7.72 28.34
CA LEU B 344 -12.01 -6.87 28.34
C LEU B 344 -13.04 -7.50 27.41
N MET B 345 -14.14 -8.00 27.99
CA MET B 345 -15.16 -8.67 27.20
C MET B 345 -16.47 -8.68 27.96
N HIS B 346 -17.55 -9.01 27.24
CA HIS B 346 -18.88 -8.97 27.82
C HIS B 346 -19.11 -10.14 28.77
N PRO B 347 -19.93 -9.94 29.80
CA PRO B 347 -20.32 -11.07 30.65
C PRO B 347 -21.28 -11.99 29.93
N LYS B 348 -21.29 -13.25 30.34
CA LYS B 348 -22.15 -14.24 29.70
C LYS B 348 -23.61 -13.92 29.96
N PRO B 349 -24.46 -13.91 28.94
CA PRO B 349 -25.87 -13.58 29.15
C PRO B 349 -26.59 -14.65 29.95
N HIS B 350 -27.63 -14.21 30.66
CA HIS B 350 -28.44 -15.11 31.47
C HIS B 350 -29.57 -15.73 30.65
N THR C 7 40.97 -11.09 25.48
CA THR C 7 39.86 -10.80 24.58
C THR C 7 38.63 -10.32 25.36
N ARG C 8 37.53 -10.09 24.65
CA ARG C 8 36.29 -9.65 25.27
C ARG C 8 35.13 -10.40 24.63
N VAL C 9 34.02 -10.49 25.37
CA VAL C 9 32.79 -11.09 24.87
C VAL C 9 31.63 -10.18 25.26
N PHE C 10 30.53 -10.34 24.54
CA PHE C 10 29.33 -9.54 24.78
C PHE C 10 28.35 -10.33 25.63
N LYS C 11 27.75 -9.65 26.60
CA LYS C 11 26.86 -10.29 27.56
C LYS C 11 25.59 -9.47 27.70
N LYS C 12 24.44 -10.13 27.61
CA LYS C 12 23.14 -9.50 27.84
C LYS C 12 22.29 -10.44 28.69
N SER C 13 21.45 -9.85 29.53
CA SER C 13 20.65 -10.59 30.49
C SER C 13 19.18 -10.29 30.31
N SER C 14 18.36 -11.22 30.81
CA SER C 14 16.92 -11.07 30.74
C SER C 14 16.46 -9.94 31.65
N PRO C 15 15.31 -9.31 31.35
CA PRO C 15 14.76 -8.31 32.29
C PRO C 15 14.53 -8.86 33.68
N ASN C 16 14.16 -10.15 33.79
CA ASN C 16 14.08 -10.80 35.08
C ASN C 16 15.46 -10.91 35.74
N GLY C 17 16.53 -10.90 34.94
CA GLY C 17 17.87 -10.98 35.50
C GLY C 17 18.36 -12.38 35.78
N LYS C 18 17.63 -13.41 35.33
CA LYS C 18 18.01 -14.79 35.58
C LYS C 18 18.57 -15.50 34.36
N LEU C 19 18.23 -15.05 33.16
CA LEU C 19 18.67 -15.68 31.92
C LEU C 19 19.65 -14.75 31.20
N THR C 20 20.84 -15.26 30.90
CA THR C 20 21.90 -14.47 30.30
C THR C 20 22.51 -15.24 29.14
N VAL C 21 22.73 -14.55 28.03
CA VAL C 21 23.31 -15.13 26.82
C VAL C 21 24.65 -14.46 26.55
N TYR C 22 25.65 -15.27 26.23
CA TYR C 22 26.99 -14.79 25.94
C TYR C 22 27.30 -14.97 24.46
N LEU C 23 27.89 -13.94 23.86
CA LEU C 23 28.23 -13.96 22.44
C LEU C 23 29.64 -13.42 22.26
N GLY C 24 30.35 -13.96 21.26
CA GLY C 24 31.72 -13.54 21.04
C GLY C 24 31.87 -12.35 20.11
N LYS C 25 30.93 -12.19 19.16
CA LYS C 25 30.99 -11.10 18.20
C LYS C 25 29.59 -10.56 17.97
N ARG C 26 29.51 -9.50 17.17
CA ARG C 26 28.24 -8.96 16.72
C ARG C 26 28.09 -8.97 15.21
N ASP C 27 29.17 -8.74 14.47
CA ASP C 27 29.15 -8.78 13.01
C ASP C 27 29.81 -10.08 12.55
N PHE C 28 29.09 -10.86 11.75
CA PHE C 28 29.56 -12.13 11.25
C PHE C 28 29.82 -12.02 9.76
N VAL C 29 31.00 -12.46 9.33
CA VAL C 29 31.49 -12.20 7.98
C VAL C 29 30.94 -13.26 7.04
N ASP C 30 30.64 -12.84 5.80
CA ASP C 30 30.20 -13.72 4.73
C ASP C 30 31.24 -13.64 3.62
N HIS C 31 32.07 -14.68 3.51
CA HIS C 31 33.13 -14.74 2.50
C HIS C 31 32.76 -15.65 1.33
N LEU C 32 31.45 -15.73 1.03
CA LEU C 32 30.88 -16.36 -0.16
C LEU C 32 31.04 -17.87 -0.19
N ASP C 33 31.72 -18.47 0.77
CA ASP C 33 31.81 -19.93 0.83
C ASP C 33 31.32 -20.42 2.19
N LYS C 34 31.57 -19.61 3.23
CA LYS C 34 31.10 -19.88 4.57
C LYS C 34 30.70 -18.57 5.23
N VAL C 35 29.87 -18.67 6.25
CA VAL C 35 29.51 -17.56 7.12
C VAL C 35 29.90 -17.94 8.54
N ASP C 36 30.43 -16.98 9.28
CA ASP C 36 30.91 -17.24 10.63
C ASP C 36 29.79 -17.80 11.49
N PRO C 37 29.96 -18.96 12.11
CA PRO C 37 28.88 -19.52 12.94
C PRO C 37 28.66 -18.69 14.19
N VAL C 38 27.41 -18.71 14.65
CA VAL C 38 27.01 -17.92 15.82
C VAL C 38 27.27 -18.81 17.05
N ASP C 39 28.50 -18.76 17.54
CA ASP C 39 28.88 -19.50 18.73
C ASP C 39 28.59 -18.69 19.97
N GLY C 40 28.29 -19.38 21.07
CA GLY C 40 28.04 -18.72 22.32
C GLY C 40 27.49 -19.70 23.34
N VAL C 41 27.36 -19.20 24.56
CA VAL C 41 26.79 -19.98 25.67
C VAL C 41 25.71 -19.14 26.34
N VAL C 42 24.78 -19.84 26.99
CA VAL C 42 23.68 -19.19 27.70
C VAL C 42 23.71 -19.67 29.15
N LEU C 43 23.61 -18.73 30.08
CA LEU C 43 23.70 -19.02 31.51
C LEU C 43 22.31 -18.94 32.13
N VAL C 44 21.94 -19.98 32.86
CA VAL C 44 20.65 -20.03 33.54
C VAL C 44 20.78 -20.94 34.76
N ASP C 45 20.14 -20.54 35.86
CA ASP C 45 20.18 -21.31 37.09
C ASP C 45 19.11 -22.39 37.05
N PRO C 46 19.48 -23.67 37.18
CA PRO C 46 18.46 -24.74 37.10
C PRO C 46 17.42 -24.69 38.19
N ASP C 47 17.68 -24.03 39.32
CA ASP C 47 16.67 -23.94 40.37
C ASP C 47 15.46 -23.13 39.90
N TYR C 48 15.71 -22.05 39.15
CA TYR C 48 14.62 -21.31 38.56
C TYR C 48 13.94 -22.09 37.44
N LEU C 49 14.71 -22.96 36.76
CA LEU C 49 14.16 -23.73 35.65
C LEU C 49 12.97 -24.58 36.10
N LYS C 50 13.20 -25.52 37.02
CA LYS C 50 12.16 -26.42 37.52
C LYS C 50 11.48 -27.16 36.36
N ASP C 51 12.29 -27.98 35.69
CA ASP C 51 11.89 -28.81 34.54
C ASP C 51 11.56 -27.98 33.30
N ARG C 52 11.82 -26.67 33.32
CA ARG C 52 11.65 -25.86 32.12
C ARG C 52 12.84 -26.03 31.20
N LYS C 53 12.63 -25.67 29.93
CA LYS C 53 13.63 -25.83 28.90
C LYS C 53 14.03 -24.48 28.31
N VAL C 54 15.32 -24.32 28.02
CA VAL C 54 15.85 -23.08 27.46
C VAL C 54 16.03 -23.25 25.97
N PHE C 55 15.46 -22.33 25.20
CA PHE C 55 15.51 -22.37 23.74
C PHE C 55 16.14 -21.09 23.21
N VAL C 56 16.98 -21.24 22.20
CA VAL C 56 17.63 -20.13 21.51
C VAL C 56 17.26 -20.21 20.04
N THR C 57 16.77 -19.10 19.49
CA THR C 57 16.30 -19.03 18.12
C THR C 57 17.03 -17.92 17.37
N LEU C 58 17.53 -18.24 16.19
CA LEU C 58 18.13 -17.25 15.29
C LEU C 58 17.16 -16.97 14.16
N THR C 59 16.77 -15.70 14.01
CA THR C 59 15.78 -15.31 13.01
C THR C 59 16.25 -14.09 12.25
N VAL C 60 16.10 -14.13 10.93
CA VAL C 60 16.30 -12.99 10.06
C VAL C 60 14.95 -12.65 9.44
N ALA C 61 14.52 -11.41 9.60
CA ALA C 61 13.17 -11.02 9.24
C ALA C 61 13.17 -9.71 8.47
N PHE C 62 12.12 -9.52 7.67
CA PHE C 62 11.92 -8.32 6.89
C PHE C 62 11.00 -7.40 7.68
N ARG C 63 11.60 -6.66 8.61
CA ARG C 63 10.86 -5.90 9.60
C ARG C 63 10.64 -4.45 9.17
N TYR C 64 9.65 -3.83 9.80
CA TYR C 64 9.39 -2.40 9.67
C TYR C 64 8.88 -1.92 11.03
N GLY C 65 9.72 -1.20 11.76
CA GLY C 65 9.40 -0.85 13.13
C GLY C 65 9.78 -1.96 14.08
N ARG C 66 9.49 -1.72 15.36
CA ARG C 66 9.85 -2.67 16.41
C ARG C 66 8.88 -2.50 17.57
N GLU C 67 9.06 -3.33 18.60
CA GLU C 67 8.22 -3.29 19.80
C GLU C 67 8.84 -2.39 20.86
N ASP C 68 9.02 -1.12 20.49
CA ASP C 68 9.64 -0.12 21.36
C ASP C 68 8.60 0.82 21.96
N CYS C 69 7.42 0.29 22.29
CA CYS C 69 6.32 1.04 22.89
C CYS C 69 6.02 2.34 22.13
N ASP C 70 6.33 2.34 20.84
CA ASP C 70 6.00 3.48 19.98
C ASP C 70 4.55 3.39 19.56
N VAL C 71 3.79 4.45 19.84
CA VAL C 71 2.36 4.44 19.55
C VAL C 71 2.18 4.72 18.06
N LEU C 72 2.16 3.66 17.26
CA LEU C 72 1.92 3.71 15.83
C LEU C 72 1.83 2.28 15.33
N GLY C 73 0.94 2.04 14.37
CA GLY C 73 0.72 0.72 13.83
C GLY C 73 1.50 0.46 12.56
N LEU C 74 0.97 -0.47 11.77
CA LEU C 74 1.60 -0.89 10.51
C LEU C 74 3.03 -1.35 10.75
N SER C 75 3.25 -2.00 11.89
CA SER C 75 4.57 -2.54 12.24
C SER C 75 4.69 -3.93 11.63
N PHE C 76 5.03 -3.96 10.35
CA PHE C 76 5.10 -5.21 9.61
C PHE C 76 6.27 -6.07 10.08
N ARG C 77 6.16 -7.36 9.81
CA ARG C 77 7.24 -8.30 10.15
C ARG C 77 7.06 -9.54 9.28
N LYS C 78 8.02 -9.79 8.40
CA LYS C 78 8.00 -10.96 7.52
C LYS C 78 9.27 -11.77 7.78
N ASP C 79 9.09 -13.03 8.13
CA ASP C 79 10.23 -13.90 8.39
C ASP C 79 10.91 -14.29 7.09
N LEU C 80 12.21 -14.56 7.19
CA LEU C 80 13.00 -15.04 6.05
C LEU C 80 13.68 -16.37 6.32
N PHE C 81 14.06 -16.65 7.57
CA PHE C 81 14.69 -17.90 7.94
C PHE C 81 14.60 -18.06 9.44
N ILE C 82 14.21 -19.25 9.91
CA ILE C 82 14.01 -19.51 11.33
C ILE C 82 14.81 -20.75 11.70
N ALA C 83 15.59 -20.66 12.76
CA ALA C 83 16.34 -21.79 13.30
C ALA C 83 16.14 -21.85 14.81
N ASN C 84 16.13 -23.07 15.34
CA ASN C 84 15.90 -23.30 16.76
C ASN C 84 16.99 -24.20 17.33
N TYR C 85 17.19 -24.09 18.64
CA TYR C 85 18.22 -24.86 19.32
C TYR C 85 17.80 -25.01 20.78
N GLN C 86 17.85 -26.25 21.29
CA GLN C 86 17.48 -26.53 22.67
C GLN C 86 18.71 -26.40 23.54
N ALA C 87 18.81 -25.30 24.29
CA ALA C 87 19.97 -25.07 25.13
C ALA C 87 20.02 -26.05 26.29
N PHE C 88 18.90 -26.21 27.00
CA PHE C 88 18.84 -27.10 28.15
C PHE C 88 17.47 -27.78 28.11
N PRO C 89 17.41 -29.11 28.31
CA PRO C 89 18.55 -30.00 28.50
C PRO C 89 19.32 -30.25 27.21
N PRO C 90 20.59 -30.61 27.31
CA PRO C 90 21.41 -30.76 26.09
C PRO C 90 20.84 -31.80 25.15
N THR C 91 20.93 -31.50 23.85
CA THR C 91 20.54 -32.40 22.78
C THR C 91 21.73 -33.28 22.43
N PRO C 92 21.60 -34.21 21.48
CA PRO C 92 22.79 -34.95 21.01
C PRO C 92 23.94 -34.02 20.64
N ASN C 93 25.15 -34.54 20.74
CA ASN C 93 26.40 -33.79 20.64
C ASN C 93 26.60 -32.98 19.35
N PRO C 94 26.36 -33.52 18.15
CA PRO C 94 26.81 -32.84 16.92
C PRO C 94 26.27 -31.43 16.82
N PRO C 95 27.13 -30.44 16.54
CA PRO C 95 28.58 -30.57 16.30
C PRO C 95 29.38 -30.98 17.53
N ARG C 96 30.24 -31.97 17.36
CA ARG C 96 30.92 -32.59 18.50
C ARG C 96 31.79 -31.62 19.29
N PRO C 97 32.76 -30.93 18.70
CA PRO C 97 33.66 -30.10 19.49
C PRO C 97 33.15 -28.68 19.68
N PRO C 98 32.88 -28.29 20.92
CA PRO C 98 32.55 -26.89 21.20
C PRO C 98 33.72 -25.99 20.83
N THR C 99 33.41 -24.80 20.35
CA THR C 99 34.44 -23.87 19.90
C THR C 99 35.33 -23.45 21.07
N ARG C 100 36.53 -22.98 20.75
CA ARG C 100 37.47 -22.54 21.78
C ARG C 100 36.85 -21.45 22.66
N LEU C 101 36.16 -20.50 22.04
CA LEU C 101 35.47 -19.48 22.82
C LEU C 101 34.38 -20.10 23.68
N GLN C 102 33.64 -21.06 23.13
CA GLN C 102 32.57 -21.72 23.89
C GLN C 102 33.12 -22.43 25.12
N GLU C 103 34.19 -23.21 24.94
CA GLU C 103 34.75 -23.95 26.06
C GLU C 103 35.42 -23.02 27.06
N ARG C 104 36.05 -21.94 26.59
CA ARG C 104 36.61 -20.96 27.51
C ARG C 104 35.52 -20.31 28.36
N LEU C 105 34.40 -19.95 27.72
CA LEU C 105 33.29 -19.38 28.48
C LEU C 105 32.70 -20.38 29.47
N LEU C 106 32.59 -21.64 29.06
CA LEU C 106 32.09 -22.67 29.97
C LEU C 106 33.01 -22.85 31.16
N ARG C 107 34.32 -22.81 30.93
CA ARG C 107 35.27 -22.87 32.04
C ARG C 107 35.14 -21.67 32.96
N LYS C 108 34.96 -20.48 32.37
CA LYS C 108 34.88 -19.26 33.18
C LYS C 108 33.60 -19.23 34.02
N LEU C 109 32.47 -19.67 33.46
CA LEU C 109 31.19 -19.53 34.12
C LEU C 109 30.80 -20.75 34.95
N GLY C 110 31.37 -21.91 34.67
CA GLY C 110 31.04 -23.10 35.42
C GLY C 110 30.11 -24.04 34.68
N GLN C 111 29.30 -24.80 35.43
CA GLN C 111 28.40 -25.78 34.84
C GLN C 111 26.99 -25.25 34.60
N HIS C 112 26.73 -23.99 34.92
CA HIS C 112 25.41 -23.41 34.72
C HIS C 112 25.25 -22.73 33.36
N ALA C 113 26.27 -22.80 32.51
CA ALA C 113 26.20 -22.27 31.16
C ALA C 113 26.14 -23.42 30.16
N HIS C 114 25.42 -23.20 29.06
CA HIS C 114 25.21 -24.22 28.05
C HIS C 114 25.48 -23.65 26.67
N PRO C 115 26.34 -24.28 25.87
CA PRO C 115 26.63 -23.74 24.55
C PRO C 115 25.46 -23.89 23.59
N PHE C 116 25.37 -22.95 22.66
CA PHE C 116 24.41 -23.02 21.57
C PHE C 116 25.10 -22.66 20.27
N PHE C 117 24.79 -23.39 19.20
CA PHE C 117 25.48 -23.28 17.93
C PHE C 117 24.48 -23.02 16.82
N PHE C 118 24.88 -22.18 15.86
CA PHE C 118 24.05 -21.83 14.72
C PHE C 118 24.90 -21.79 13.47
N THR C 119 24.24 -21.97 12.33
CA THR C 119 24.86 -21.85 11.02
C THR C 119 24.00 -20.97 10.13
N ILE C 120 24.65 -20.11 9.36
CA ILE C 120 23.97 -19.17 8.47
C ILE C 120 24.09 -19.71 7.05
N PRO C 121 22.99 -20.14 6.42
CA PRO C 121 23.07 -20.66 5.05
C PRO C 121 23.50 -19.59 4.06
N GLN C 122 24.07 -20.06 2.94
CA GLN C 122 24.63 -19.15 1.94
C GLN C 122 23.56 -18.27 1.30
N ASN C 123 22.32 -18.75 1.22
CA ASN C 123 21.27 -18.07 0.48
C ASN C 123 20.59 -16.97 1.29
N LEU C 124 21.24 -16.47 2.33
CA LEU C 124 20.62 -15.43 3.15
C LEU C 124 21.18 -14.06 2.79
N PRO C 125 20.39 -13.00 2.98
CA PRO C 125 20.86 -11.66 2.64
C PRO C 125 21.70 -11.06 3.77
N SER C 126 22.31 -9.92 3.45
CA SER C 126 23.07 -9.16 4.43
C SER C 126 22.14 -8.21 5.18
N SER C 127 22.72 -7.39 6.06
CA SER C 127 21.96 -6.43 6.85
C SER C 127 21.85 -5.13 6.05
N VAL C 128 20.64 -4.76 5.68
CA VAL C 128 20.37 -3.54 4.93
C VAL C 128 19.23 -2.80 5.62
N THR C 129 19.41 -1.49 5.81
CA THR C 129 18.38 -0.65 6.42
C THR C 129 17.99 0.44 5.42
N LEU C 130 16.70 0.56 5.17
CA LEU C 130 16.19 1.62 4.31
C LEU C 130 15.98 2.89 5.12
N GLN C 131 16.36 4.02 4.53
CA GLN C 131 16.34 5.28 5.26
C GLN C 131 14.90 5.70 5.56
N PRO C 132 14.58 6.05 6.80
CA PRO C 132 13.21 6.49 7.10
C PRO C 132 12.90 7.85 6.50
N GLY C 133 11.61 8.07 6.23
CA GLY C 133 11.15 9.34 5.74
C GLY C 133 10.62 10.20 6.87
N PRO C 134 10.17 11.43 6.54
CA PRO C 134 9.61 12.29 7.58
C PRO C 134 8.37 11.71 8.25
N GLU C 135 7.55 10.95 7.52
CA GLU C 135 6.35 10.36 8.09
C GLU C 135 6.62 9.11 8.91
N ASP C 136 7.84 8.59 8.89
CA ASP C 136 8.20 7.42 9.67
C ASP C 136 8.94 7.85 10.93
N THR C 137 8.68 7.15 12.03
CA THR C 137 9.34 7.42 13.30
C THR C 137 9.78 6.11 13.93
N GLY C 138 10.81 6.21 14.78
CA GLY C 138 11.32 5.04 15.46
C GLY C 138 12.24 4.19 14.59
N LYS C 139 11.71 3.65 13.50
CA LYS C 139 12.49 2.81 12.60
C LYS C 139 11.80 2.80 11.25
N ALA C 140 12.42 2.11 10.29
CA ALA C 140 11.90 2.01 8.94
C ALA C 140 12.09 0.58 8.45
N LEU C 141 11.84 0.37 7.16
CA LEU C 141 11.96 -0.95 6.57
C LEU C 141 13.42 -1.40 6.52
N GLY C 142 13.62 -2.71 6.66
CA GLY C 142 14.95 -3.27 6.57
C GLY C 142 15.00 -4.71 7.02
N VAL C 143 16.03 -5.44 6.62
CA VAL C 143 16.23 -6.84 7.01
C VAL C 143 17.38 -6.90 8.01
N ASP C 144 17.20 -7.69 9.07
CA ASP C 144 18.19 -7.74 10.13
C ASP C 144 18.11 -9.09 10.82
N PHE C 145 19.19 -9.42 11.54
CA PHE C 145 19.33 -10.70 12.22
C PHE C 145 19.10 -10.52 13.71
N GLU C 146 18.64 -11.58 14.37
CA GLU C 146 18.32 -11.50 15.79
C GLU C 146 18.60 -12.84 16.46
N ILE C 147 19.22 -12.79 17.64
CA ILE C 147 19.41 -13.96 18.49
C ILE C 147 18.53 -13.78 19.72
N ARG C 148 17.63 -14.73 19.95
CA ARG C 148 16.70 -14.66 21.06
C ARG C 148 16.83 -15.90 21.93
N ALA C 149 16.94 -15.69 23.24
CA ALA C 149 17.00 -16.78 24.20
C ALA C 149 15.82 -16.66 25.16
N PHE C 150 15.10 -17.76 25.33
CA PHE C 150 13.93 -17.77 26.20
C PHE C 150 13.80 -19.15 26.84
N VAL C 151 13.05 -19.20 27.92
CA VAL C 151 12.82 -20.44 28.67
C VAL C 151 11.32 -20.71 28.69
N ALA C 152 10.94 -21.95 28.34
CA ALA C 152 9.54 -22.35 28.28
C ALA C 152 9.49 -23.86 28.18
N LYS C 153 8.32 -24.43 28.48
CA LYS C 153 8.12 -25.86 28.31
C LYS C 153 8.15 -26.25 26.84
N SER C 154 7.52 -25.45 25.98
CA SER C 154 7.51 -25.68 24.54
C SER C 154 8.01 -24.42 23.85
N LEU C 155 7.94 -24.42 22.52
CA LEU C 155 8.40 -23.27 21.75
C LEU C 155 7.44 -22.07 21.84
N GLU C 156 6.25 -22.25 22.40
CA GLU C 156 5.27 -21.18 22.51
C GLU C 156 4.58 -21.18 23.87
N GLU C 157 5.31 -21.58 24.92
CA GLU C 157 4.72 -21.72 26.25
C GLU C 157 4.88 -20.46 27.10
N LYS C 158 6.00 -19.74 26.97
CA LYS C 158 6.31 -18.59 27.81
C LYS C 158 6.73 -17.41 26.95
N SER C 159 5.92 -17.10 25.93
CA SER C 159 6.23 -16.04 24.99
C SER C 159 6.21 -14.64 25.59
N HIS C 160 5.98 -14.49 26.90
CA HIS C 160 5.99 -13.18 27.51
C HIS C 160 7.40 -12.60 27.51
N LYS C 161 7.48 -11.28 27.26
CA LYS C 161 8.77 -10.65 27.03
C LYS C 161 9.58 -10.48 28.31
N ARG C 162 8.93 -10.51 29.47
CA ARG C 162 9.63 -10.28 30.73
C ARG C 162 10.53 -11.43 31.15
N ASN C 163 10.70 -12.49 30.36
CA ASN C 163 11.54 -13.61 30.74
C ASN C 163 12.39 -14.10 29.57
N SER C 164 12.67 -13.25 28.60
CA SER C 164 13.48 -13.61 27.45
C SER C 164 14.46 -12.48 27.16
N VAL C 165 15.59 -12.83 26.54
CA VAL C 165 16.63 -11.89 26.17
C VAL C 165 16.83 -11.95 24.67
N ARG C 166 16.84 -10.79 24.02
CA ARG C 166 16.95 -10.68 22.57
C ARG C 166 18.20 -9.88 22.22
N LEU C 167 18.99 -10.38 21.27
CA LEU C 167 20.23 -9.74 20.86
C LEU C 167 20.22 -9.53 19.35
N VAL C 168 20.79 -8.42 18.91
CA VAL C 168 20.84 -8.05 17.50
C VAL C 168 22.26 -8.25 16.98
N ILE C 169 22.39 -8.97 15.88
CA ILE C 169 23.68 -9.23 15.24
C ILE C 169 23.57 -8.83 13.78
N ARG C 170 24.72 -8.82 13.10
CA ARG C 170 24.81 -8.36 11.72
C ARG C 170 25.52 -9.39 10.86
N LYS C 171 25.14 -9.41 9.59
CA LYS C 171 25.83 -10.20 8.56
C LYS C 171 26.39 -9.23 7.54
N VAL C 172 27.71 -9.26 7.35
CA VAL C 172 28.40 -8.24 6.57
C VAL C 172 29.28 -8.91 5.52
N GLN C 173 29.64 -8.11 4.51
CA GLN C 173 30.54 -8.54 3.44
C GLN C 173 31.58 -7.45 3.21
N PHE C 174 32.78 -7.86 2.81
CA PHE C 174 33.87 -6.94 2.57
C PHE C 174 34.36 -7.08 1.13
N ALA C 175 35.23 -6.15 0.74
CA ALA C 175 35.69 -6.08 -0.65
C ALA C 175 36.51 -7.31 -1.00
N PRO C 176 36.18 -8.02 -2.08
CA PRO C 176 37.05 -9.12 -2.54
C PRO C 176 38.41 -8.59 -2.95
N GLU C 177 39.43 -9.39 -2.66
CA GLU C 177 40.81 -9.00 -2.94
C GLU C 177 41.18 -9.11 -4.41
N LYS C 178 40.36 -9.78 -5.21
CA LYS C 178 40.66 -9.94 -6.63
C LYS C 178 40.00 -8.83 -7.43
N PRO C 179 40.76 -7.96 -8.08
CA PRO C 179 40.14 -6.89 -8.87
C PRO C 179 39.37 -7.43 -10.06
N GLY C 180 38.31 -6.70 -10.42
CA GLY C 180 37.44 -7.11 -11.51
C GLY C 180 37.80 -6.43 -12.81
N PRO C 181 37.01 -6.69 -13.85
CA PRO C 181 37.28 -6.08 -15.16
C PRO C 181 37.07 -4.57 -15.11
N GLN C 182 37.83 -3.87 -15.94
CA GLN C 182 37.74 -2.42 -16.01
C GLN C 182 36.45 -2.01 -16.71
N PRO C 183 35.60 -1.20 -16.10
CA PRO C 183 34.34 -0.82 -16.73
C PRO C 183 34.56 -0.02 -18.01
N SER C 184 33.66 -0.21 -18.96
CA SER C 184 33.69 0.50 -20.25
C SER C 184 32.38 0.26 -20.97
N ALA C 185 31.89 1.29 -21.66
CA ALA C 185 30.63 1.18 -22.40
C ALA C 185 30.62 2.21 -23.51
N GLU C 186 30.27 1.77 -24.72
CA GLU C 186 30.21 2.63 -25.90
C GLU C 186 28.86 2.50 -26.57
N THR C 187 28.29 3.63 -26.97
CA THR C 187 27.06 3.66 -27.74
C THR C 187 27.20 4.66 -28.87
N THR C 188 26.77 4.26 -30.06
CA THR C 188 26.82 5.10 -31.25
C THR C 188 25.41 5.49 -31.66
N ARG C 189 25.17 6.81 -31.76
CA ARG C 189 23.86 7.33 -32.17
C ARG C 189 23.87 7.48 -33.68
N HIS C 190 23.33 6.49 -34.38
CA HIS C 190 23.27 6.52 -35.83
C HIS C 190 22.05 7.33 -36.27
N PHE C 191 22.27 8.32 -37.13
CA PHE C 191 21.18 9.08 -37.73
C PHE C 191 20.84 8.39 -39.05
N LEU C 192 19.67 7.76 -39.10
CA LEU C 192 19.32 6.94 -40.25
C LEU C 192 18.77 7.78 -41.41
N MET C 193 19.49 8.84 -41.75
CA MET C 193 19.23 9.62 -42.96
C MET C 193 20.46 9.68 -43.86
N SER C 194 21.62 9.96 -43.30
CA SER C 194 22.90 10.00 -44.02
C SER C 194 23.92 9.15 -43.27
N ASP C 195 25.18 9.27 -43.67
CA ASP C 195 26.27 8.56 -43.00
C ASP C 195 26.70 9.23 -41.71
N ARG C 196 26.00 10.32 -41.36
CA ARG C 196 26.29 11.06 -40.15
C ARG C 196 25.95 10.23 -38.91
N SER C 197 26.80 10.30 -37.89
CA SER C 197 26.61 9.54 -36.67
C SER C 197 27.29 10.25 -35.51
N LEU C 198 26.89 9.85 -34.30
CA LEU C 198 27.45 10.39 -33.06
C LEU C 198 27.92 9.23 -32.20
N HIS C 199 29.13 9.34 -31.65
CA HIS C 199 29.71 8.28 -30.84
C HIS C 199 30.23 8.86 -29.52
N LEU C 200 30.14 8.06 -28.47
CA LEU C 200 30.64 8.46 -27.16
C LEU C 200 31.08 7.22 -26.40
N GLU C 201 32.15 7.35 -25.64
CA GLU C 201 32.71 6.26 -24.85
C GLU C 201 32.89 6.73 -23.41
N ALA C 202 32.57 5.84 -22.47
CA ALA C 202 32.75 6.11 -21.06
C ALA C 202 33.39 4.90 -20.39
N SER C 203 34.24 5.15 -19.40
CA SER C 203 34.92 4.07 -18.70
C SER C 203 35.33 4.56 -17.32
N LEU C 204 35.61 3.61 -16.43
CA LEU C 204 36.05 3.89 -15.08
C LEU C 204 37.45 3.31 -14.87
N ASP C 205 38.20 3.92 -13.95
CA ASP C 205 39.57 3.47 -13.70
C ASP C 205 39.62 2.13 -12.97
N LYS C 206 38.60 1.84 -12.17
CA LYS C 206 38.56 0.59 -11.41
C LYS C 206 37.14 0.04 -11.41
N GLU C 207 37.00 -1.18 -10.91
CA GLU C 207 35.69 -1.81 -10.74
C GLU C 207 35.17 -1.73 -9.32
N LEU C 208 36.06 -1.74 -8.32
CA LEU C 208 35.68 -1.68 -6.93
C LEU C 208 36.18 -0.38 -6.31
N TYR C 209 35.30 0.29 -5.55
CA TYR C 209 35.62 1.54 -4.90
C TYR C 209 35.25 1.46 -3.43
N TYR C 210 36.08 2.07 -2.60
CA TYR C 210 35.78 2.12 -1.17
C TYR C 210 34.80 3.25 -0.88
N HIS C 211 34.24 3.23 0.32
CA HIS C 211 33.30 4.26 0.72
C HIS C 211 34.05 5.55 0.99
N GLY C 212 33.71 6.60 0.24
CA GLY C 212 34.40 7.87 0.31
C GLY C 212 35.48 8.06 -0.74
N GLU C 213 35.87 6.98 -1.43
CA GLU C 213 36.88 7.08 -2.47
C GLU C 213 36.28 7.66 -3.75
N PRO C 214 36.89 8.69 -4.33
CA PRO C 214 36.30 9.31 -5.53
C PRO C 214 36.36 8.39 -6.74
N LEU C 215 35.39 8.58 -7.64
CA LEU C 215 35.32 7.84 -8.89
C LEU C 215 35.77 8.74 -10.03
N ASN C 216 36.70 8.25 -10.84
CA ASN C 216 37.21 8.98 -11.99
C ASN C 216 36.63 8.35 -13.25
N VAL C 217 35.72 9.06 -13.90
CA VAL C 217 35.09 8.61 -15.15
C VAL C 217 35.53 9.55 -16.26
N ASN C 218 35.96 8.98 -17.38
CA ASN C 218 36.41 9.76 -18.53
C ASN C 218 35.52 9.48 -19.72
N VAL C 219 35.07 10.54 -20.38
CA VAL C 219 34.17 10.44 -21.52
C VAL C 219 34.88 10.97 -22.76
N HIS C 220 34.75 10.23 -23.86
CA HIS C 220 35.30 10.64 -25.15
C HIS C 220 34.14 10.71 -26.14
N VAL C 221 33.88 11.91 -26.65
CA VAL C 221 32.75 12.16 -27.55
C VAL C 221 33.30 12.62 -28.89
N THR C 222 32.89 11.95 -29.96
CA THR C 222 33.23 12.33 -31.33
C THR C 222 31.92 12.73 -32.01
N ASN C 223 31.55 14.00 -31.86
CA ASN C 223 30.27 14.49 -32.37
C ASN C 223 30.45 14.88 -33.83
N ASN C 224 30.48 13.87 -34.69
CA ASN C 224 30.55 14.08 -36.14
C ASN C 224 29.14 14.28 -36.71
N SER C 225 28.49 15.34 -36.24
CA SER C 225 27.11 15.60 -36.60
C SER C 225 26.85 17.10 -36.55
N THR C 226 25.78 17.51 -37.23
CA THR C 226 25.36 18.92 -37.16
C THR C 226 24.70 19.24 -35.83
N LYS C 227 24.09 18.24 -35.19
CA LYS C 227 23.49 18.45 -33.88
C LYS C 227 24.55 18.75 -32.84
N THR C 228 24.23 19.63 -31.92
CA THR C 228 25.17 20.10 -30.90
C THR C 228 24.79 19.53 -29.55
N VAL C 229 25.78 19.04 -28.81
CA VAL C 229 25.57 18.57 -27.45
C VAL C 229 25.51 19.79 -26.53
N LYS C 230 24.41 19.92 -25.79
CA LYS C 230 24.19 21.11 -24.98
C LYS C 230 24.64 20.93 -23.53
N LYS C 231 24.51 19.72 -22.99
CA LYS C 231 24.86 19.47 -21.60
C LYS C 231 25.31 18.03 -21.44
N ILE C 232 26.17 17.81 -20.44
CA ILE C 232 26.67 16.48 -20.11
C ILE C 232 26.37 16.21 -18.65
N LYS C 233 25.70 15.09 -18.37
CA LYS C 233 25.32 14.70 -17.02
C LYS C 233 26.01 13.41 -16.64
N VAL C 234 26.66 13.41 -15.47
CA VAL C 234 27.28 12.22 -14.91
C VAL C 234 26.70 12.02 -13.51
N SER C 235 26.20 10.82 -13.24
CA SER C 235 25.53 10.54 -11.98
C SER C 235 25.82 9.11 -11.55
N VAL C 236 25.62 8.86 -10.26
CA VAL C 236 25.72 7.52 -9.67
C VAL C 236 24.36 7.18 -9.09
N ARG C 237 23.84 6.01 -9.45
CA ARG C 237 22.53 5.57 -9.01
C ARG C 237 22.65 4.32 -8.16
N GLN C 238 21.71 4.15 -7.24
CA GLN C 238 21.64 2.98 -6.38
C GLN C 238 20.38 2.19 -6.69
N TYR C 239 20.54 0.91 -6.98
CA TYR C 239 19.42 0.01 -7.29
C TYR C 239 19.20 -0.91 -6.10
N ALA C 240 17.99 -0.89 -5.56
CA ALA C 240 17.62 -1.70 -4.40
C ALA C 240 16.54 -2.68 -4.81
N ASP C 241 16.90 -3.95 -4.91
CA ASP C 241 15.94 -5.01 -5.22
C ASP C 241 15.30 -5.49 -3.92
N ILE C 242 13.98 -5.41 -3.85
CA ILE C 242 13.26 -5.66 -2.60
C ILE C 242 12.39 -6.90 -2.77
N VAL C 243 12.85 -7.86 -3.55
CA VAL C 243 12.07 -9.04 -3.90
C VAL C 243 11.78 -9.85 -2.64
N LEU C 244 10.50 -9.90 -2.26
CA LEU C 244 10.03 -10.76 -1.18
C LEU C 244 8.98 -11.75 -1.64
N PHE C 245 7.95 -11.29 -2.35
CA PHE C 245 7.02 -12.17 -3.04
C PHE C 245 6.83 -11.68 -4.47
N SER C 246 7.02 -10.38 -4.67
CA SER C 246 7.06 -9.76 -5.99
C SER C 246 8.35 -8.97 -6.12
N THR C 247 8.98 -9.06 -7.28
CA THR C 247 10.30 -8.47 -7.48
C THR C 247 10.16 -6.96 -7.70
N ALA C 248 9.98 -6.24 -6.60
CA ALA C 248 9.96 -4.79 -6.65
C ALA C 248 11.39 -4.24 -6.68
N GLN C 249 11.53 -3.03 -7.23
CA GLN C 249 12.83 -2.39 -7.33
C GLN C 249 12.68 -0.91 -6.99
N TYR C 250 13.76 -0.32 -6.50
CA TYR C 250 13.78 1.09 -6.15
C TYR C 250 15.14 1.65 -6.55
N LYS C 251 15.15 2.60 -7.49
CA LYS C 251 16.37 3.24 -7.95
C LYS C 251 16.34 4.72 -7.60
N VAL C 252 17.46 5.22 -7.09
CA VAL C 252 17.56 6.59 -6.59
C VAL C 252 18.96 7.12 -6.85
N PRO C 253 19.10 8.34 -7.38
CA PRO C 253 20.44 8.91 -7.61
C PRO C 253 21.08 9.34 -6.31
N VAL C 254 22.26 8.78 -6.02
CA VAL C 254 22.97 9.10 -4.78
C VAL C 254 24.01 10.20 -4.96
N ALA C 255 24.40 10.52 -6.19
CA ALA C 255 25.37 11.57 -6.44
C ALA C 255 25.25 12.02 -7.88
N GLN C 256 25.41 13.32 -8.11
CA GLN C 256 25.29 13.88 -9.45
C GLN C 256 26.34 14.96 -9.65
N VAL C 257 26.83 15.06 -10.88
CA VAL C 257 27.70 16.16 -11.29
C VAL C 257 27.31 16.56 -12.71
N GLU C 258 27.20 17.87 -12.93
CA GLU C 258 26.77 18.40 -14.22
C GLU C 258 27.79 19.42 -14.71
N GLN C 259 27.99 19.45 -16.03
CA GLN C 259 28.90 20.39 -16.65
C GLN C 259 28.27 20.89 -17.94
N ASP C 260 28.29 22.21 -18.14
CA ASP C 260 27.76 22.82 -19.36
C ASP C 260 28.83 22.78 -20.46
N ASP C 261 29.23 21.57 -20.81
CA ASP C 261 30.27 21.33 -21.81
C ASP C 261 29.59 21.19 -23.16
N GLN C 262 29.62 22.26 -23.95
CA GLN C 262 29.03 22.26 -25.28
C GLN C 262 30.01 21.62 -26.26
N VAL C 263 29.66 20.46 -26.77
CA VAL C 263 30.48 19.78 -27.78
C VAL C 263 30.11 20.35 -29.14
N SER C 264 31.05 21.05 -29.76
CA SER C 264 30.78 21.71 -31.03
C SER C 264 30.50 20.68 -32.12
N PRO C 265 29.64 21.03 -33.09
CA PRO C 265 29.37 20.09 -34.18
C PRO C 265 30.62 19.81 -35.00
N SER C 266 30.75 18.56 -35.44
CA SER C 266 31.89 18.09 -36.22
C SER C 266 33.20 18.38 -35.50
N SER C 267 33.31 17.82 -34.29
CA SER C 267 34.51 17.99 -33.47
C SER C 267 34.62 16.79 -32.54
N THR C 268 35.55 16.88 -31.58
CA THR C 268 35.80 15.81 -30.64
C THR C 268 35.93 16.40 -29.23
N PHE C 269 35.60 15.59 -28.23
CA PHE C 269 35.58 16.04 -26.84
C PHE C 269 36.13 14.93 -25.95
N SER C 270 36.90 15.33 -24.94
CA SER C 270 37.43 14.39 -23.96
C SER C 270 37.59 15.10 -22.62
N LYS C 271 37.16 14.43 -21.55
CA LYS C 271 37.23 15.00 -20.22
C LYS C 271 37.20 13.87 -19.20
N VAL C 272 37.64 14.18 -17.98
CA VAL C 272 37.62 13.26 -16.86
C VAL C 272 36.81 13.88 -15.73
N TYR C 273 35.82 13.14 -15.24
CA TYR C 273 34.92 13.62 -14.21
C TYR C 273 35.17 12.91 -12.89
N THR C 274 35.18 13.65 -11.80
CA THR C 274 35.37 13.12 -10.47
C THR C 274 34.08 13.28 -9.67
N ILE C 275 33.53 12.15 -9.22
CA ILE C 275 32.27 12.15 -8.47
C ILE C 275 32.43 11.18 -7.29
N THR C 276 31.99 11.62 -6.11
CA THR C 276 32.12 10.81 -4.89
C THR C 276 30.75 10.71 -4.23
N PRO C 277 30.21 9.51 -4.04
CA PRO C 277 28.93 9.37 -3.33
C PRO C 277 29.14 9.34 -1.82
N PHE C 278 28.36 10.15 -1.10
CA PHE C 278 28.40 10.19 0.35
C PHE C 278 26.98 10.40 0.88
N LEU C 279 26.86 10.45 2.20
CA LEU C 279 25.56 10.49 2.87
C LEU C 279 25.12 11.88 3.27
N ALA C 280 26.01 12.87 3.25
CA ALA C 280 25.65 14.20 3.73
C ALA C 280 24.56 14.84 2.88
N ASN C 281 24.57 14.56 1.58
CA ASN C 281 23.60 15.15 0.66
C ASN C 281 22.44 14.25 0.34
N ASN C 282 22.34 13.08 0.98
CA ASN C 282 21.27 12.12 0.70
C ASN C 282 20.46 11.81 1.96
N ARG C 283 20.40 12.76 2.90
CA ARG C 283 19.66 12.52 4.13
C ARG C 283 18.16 12.47 3.89
N GLU C 284 17.66 13.30 2.99
CA GLU C 284 16.22 13.42 2.76
C GLU C 284 15.65 12.33 1.88
N LYS C 285 16.48 11.56 1.18
CA LYS C 285 16.01 10.61 0.19
C LYS C 285 15.42 9.39 0.91
N ARG C 286 14.10 9.39 1.05
CA ARG C 286 13.40 8.28 1.69
C ARG C 286 13.54 7.00 0.85
N GLY C 287 13.75 5.89 1.53
CA GLY C 287 13.96 4.62 0.86
C GLY C 287 15.39 4.33 0.46
N LEU C 288 16.32 5.24 0.76
CA LEU C 288 17.72 5.01 0.45
C LEU C 288 18.26 3.86 1.29
N ALA C 289 18.98 2.94 0.65
CA ALA C 289 19.52 1.78 1.34
C ALA C 289 20.77 2.16 2.11
N LEU C 290 20.78 1.84 3.41
CA LEU C 290 21.92 2.09 4.28
C LEU C 290 22.40 0.77 4.85
N ASP C 291 23.65 0.75 5.31
CA ASP C 291 24.18 -0.43 5.95
C ASP C 291 23.42 -0.71 7.25
N GLY C 292 23.31 -1.99 7.60
CA GLY C 292 22.55 -2.40 8.77
C GLY C 292 23.04 -1.78 10.05
N LYS C 293 22.13 -1.15 10.79
CA LYS C 293 22.45 -0.53 12.06
C LYS C 293 22.29 -1.53 13.21
N LEU C 294 22.99 -1.25 14.31
CA LEU C 294 22.81 -2.08 15.50
C LEU C 294 21.57 -1.65 16.27
N LYS C 295 21.57 -0.42 16.81
CA LYS C 295 20.35 0.14 17.38
C LYS C 295 19.89 1.39 16.65
N HIS C 296 20.69 2.46 16.65
CA HIS C 296 20.32 3.67 15.94
C HIS C 296 21.49 4.43 15.33
N GLU C 297 22.71 3.92 15.41
CA GLU C 297 23.87 4.72 15.05
C GLU C 297 23.92 4.96 13.54
N ASP C 298 24.69 5.97 13.16
CA ASP C 298 24.84 6.32 11.75
C ASP C 298 25.65 5.26 11.02
N THR C 299 25.13 4.80 9.89
CA THR C 299 25.84 3.92 8.98
C THR C 299 25.89 4.57 7.59
N ASN C 300 26.89 4.19 6.81
CA ASN C 300 27.13 4.83 5.53
C ASN C 300 26.17 4.30 4.48
N LEU C 301 26.44 4.62 3.22
CA LEU C 301 25.67 4.08 2.12
C LEU C 301 25.81 2.57 2.07
N ALA C 302 24.74 1.89 1.64
CA ALA C 302 24.73 0.43 1.64
C ALA C 302 25.79 -0.10 0.69
N SER C 303 26.55 -1.09 1.17
CA SER C 303 27.52 -1.76 0.33
C SER C 303 26.81 -2.69 -0.65
N SER C 304 27.33 -2.78 -1.87
CA SER C 304 26.73 -3.65 -2.87
C SER C 304 26.80 -5.10 -2.41
N THR C 305 25.71 -5.84 -2.63
CA THR C 305 25.63 -7.22 -2.19
C THR C 305 26.19 -8.11 -3.29
N ILE C 306 27.45 -8.53 -3.14
CA ILE C 306 28.08 -9.43 -4.09
C ILE C 306 27.62 -10.85 -3.81
N VAL C 307 27.73 -11.71 -4.82
CA VAL C 307 27.30 -13.09 -4.75
C VAL C 307 28.39 -13.97 -5.34
N LYS C 308 28.22 -15.28 -5.18
CA LYS C 308 29.17 -16.23 -5.72
C LYS C 308 29.08 -16.27 -7.25
N GLU C 309 30.07 -16.92 -7.86
CA GLU C 309 30.15 -17.00 -9.31
C GLU C 309 29.10 -17.96 -9.85
N GLY C 310 27.85 -17.50 -9.94
CA GLY C 310 26.75 -18.32 -10.40
C GLY C 310 25.92 -18.85 -9.25
N ALA C 311 25.12 -19.87 -9.55
CA ALA C 311 24.27 -20.53 -8.59
C ALA C 311 23.34 -19.54 -7.87
N ASN C 312 22.74 -18.65 -8.66
CA ASN C 312 21.77 -17.71 -8.11
C ASN C 312 20.57 -18.47 -7.55
N LYS C 313 20.13 -18.08 -6.34
CA LYS C 313 19.08 -18.81 -5.66
C LYS C 313 17.94 -17.89 -5.18
N GLU C 314 17.78 -16.72 -5.80
CA GLU C 314 16.66 -15.83 -5.54
C GLU C 314 16.59 -15.43 -4.06
N VAL C 315 17.61 -14.69 -3.64
CA VAL C 315 17.66 -14.18 -2.27
C VAL C 315 16.43 -13.32 -2.01
N LEU C 316 15.79 -13.53 -0.87
CA LEU C 316 14.50 -12.92 -0.56
C LEU C 316 14.62 -11.60 0.20
N GLY C 317 15.83 -11.08 0.39
CA GLY C 317 16.04 -9.85 1.11
C GLY C 317 16.16 -8.65 0.21
N ILE C 318 16.99 -7.69 0.62
CA ILE C 318 17.23 -6.47 -0.13
C ILE C 318 18.62 -6.57 -0.75
N LEU C 319 18.69 -6.43 -2.08
CA LEU C 319 19.94 -6.43 -2.81
C LEU C 319 20.19 -5.04 -3.37
N VAL C 320 21.39 -4.50 -3.11
CA VAL C 320 21.73 -3.14 -3.50
C VAL C 320 22.92 -3.21 -4.46
N SER C 321 22.81 -2.47 -5.57
CA SER C 321 23.88 -2.37 -6.55
C SER C 321 24.00 -0.92 -7.02
N TYR C 322 25.15 -0.59 -7.59
CA TYR C 322 25.45 0.77 -8.00
C TYR C 322 25.85 0.81 -9.46
N ARG C 323 25.46 1.88 -10.14
CA ARG C 323 25.81 2.11 -11.54
C ARG C 323 26.08 3.59 -11.76
N VAL C 324 26.91 3.87 -12.76
CA VAL C 324 27.21 5.24 -13.18
C VAL C 324 26.58 5.48 -14.53
N LYS C 325 25.74 6.51 -14.63
CA LYS C 325 25.05 6.85 -15.86
C LYS C 325 25.60 8.15 -16.42
N VAL C 326 26.01 8.12 -17.69
CA VAL C 326 26.47 9.30 -18.40
C VAL C 326 25.43 9.63 -19.48
N LYS C 327 24.84 10.81 -19.38
CA LYS C 327 23.80 11.24 -20.31
C LYS C 327 24.24 12.52 -21.02
N LEU C 328 24.05 12.55 -22.33
CA LEU C 328 24.40 13.70 -23.16
C LEU C 328 23.11 14.34 -23.66
N VAL C 329 22.92 15.62 -23.35
CA VAL C 329 21.75 16.36 -23.80
C VAL C 329 22.09 17.01 -25.14
N VAL C 330 21.33 16.66 -26.17
CA VAL C 330 21.56 17.13 -27.52
C VAL C 330 20.31 17.86 -28.01
N SER C 331 20.51 18.81 -28.92
CA SER C 331 19.40 19.59 -29.46
C SER C 331 18.54 18.75 -30.40
N ARG C 332 17.28 19.14 -30.50
CA ARG C 332 16.27 18.51 -31.37
C ARG C 332 16.38 16.98 -31.38
N GLY C 333 16.22 16.41 -30.18
CA GLY C 333 16.13 14.97 -30.05
C GLY C 333 17.44 14.25 -30.25
N GLY C 334 17.33 12.94 -30.47
CA GLY C 334 18.50 12.09 -30.66
C GLY C 334 19.34 11.92 -29.41
N ASP C 335 18.71 11.78 -28.24
CA ASP C 335 19.45 11.65 -27.00
C ASP C 335 20.21 10.33 -26.95
N VAL C 336 21.30 10.33 -26.20
CA VAL C 336 22.16 9.15 -26.06
C VAL C 336 22.69 9.11 -24.64
N SER C 337 22.77 7.91 -24.07
CA SER C 337 23.22 7.74 -22.69
C SER C 337 23.99 6.44 -22.57
N VAL C 338 24.79 6.34 -21.51
CA VAL C 338 25.64 5.19 -21.24
C VAL C 338 25.59 4.88 -19.76
N GLU C 339 25.46 3.60 -19.42
CA GLU C 339 25.46 3.13 -18.05
C GLU C 339 26.54 2.07 -17.86
N LEU C 340 27.32 2.20 -16.78
CA LEU C 340 28.38 1.24 -16.48
C LEU C 340 28.40 1.01 -14.98
N PRO C 341 28.33 -0.23 -14.53
CA PRO C 341 28.18 -0.52 -13.10
C PRO C 341 29.52 -0.69 -12.38
N PHE C 342 29.45 -0.50 -11.07
CA PHE C 342 30.61 -0.68 -10.19
C PHE C 342 30.11 -1.13 -8.83
N VAL C 343 31.03 -1.68 -8.04
CA VAL C 343 30.71 -2.17 -6.70
C VAL C 343 31.27 -1.22 -5.66
N LEU C 344 30.67 -1.25 -4.47
CA LEU C 344 31.04 -0.37 -3.37
C LEU C 344 31.12 -1.20 -2.11
N MET C 345 32.32 -1.36 -1.57
CA MET C 345 32.56 -2.20 -0.40
C MET C 345 33.57 -1.56 0.53
N HIS C 346 33.60 -2.07 1.76
CA HIS C 346 34.64 -1.74 2.72
C HIS C 346 35.84 -2.65 2.51
N PRO C 347 37.06 -2.15 2.69
CA PRO C 347 38.22 -3.05 2.64
C PRO C 347 38.22 -4.02 3.80
N LYS C 348 38.77 -5.20 3.55
CA LYS C 348 38.80 -6.23 4.58
C LYS C 348 39.68 -5.77 5.75
N PRO C 349 39.20 -5.86 6.99
CA PRO C 349 40.00 -5.38 8.12
C PRO C 349 41.27 -6.19 8.30
N HIS C 350 42.29 -5.52 8.83
CA HIS C 350 43.59 -6.15 9.09
C HIS C 350 43.62 -6.76 10.49
N VAL D 5 -26.23 6.23 -45.19
CA VAL D 5 -25.03 7.01 -44.96
C VAL D 5 -24.93 8.15 -45.97
N GLN D 6 -24.69 9.36 -45.47
CA GLN D 6 -24.56 10.52 -46.32
C GLN D 6 -23.72 11.57 -45.60
N LEU D 7 -23.18 12.50 -46.39
CA LEU D 7 -22.38 13.60 -45.87
C LEU D 7 -22.66 14.82 -46.71
N VAL D 8 -23.27 15.85 -46.13
CA VAL D 8 -23.63 17.08 -46.82
C VAL D 8 -22.97 18.25 -46.12
N GLU D 9 -22.24 19.06 -46.87
CA GLU D 9 -21.62 20.26 -46.35
C GLU D 9 -22.18 21.49 -47.07
N SER D 10 -22.25 22.59 -46.34
CA SER D 10 -22.80 23.83 -46.88
C SER D 10 -22.12 25.00 -46.20
N GLY D 11 -22.22 26.16 -46.85
CA GLY D 11 -21.61 27.36 -46.33
C GLY D 11 -20.55 27.94 -47.25
N GLY D 12 -20.71 27.74 -48.56
CA GLY D 12 -19.79 28.27 -49.52
C GLY D 12 -20.06 29.74 -49.84
N GLY D 13 -19.43 30.20 -50.91
CA GLY D 13 -19.60 31.56 -51.37
C GLY D 13 -18.26 32.24 -51.55
N LEU D 14 -18.29 33.56 -51.55
CA LEU D 14 -17.10 34.39 -51.72
C LEU D 14 -16.88 35.22 -50.47
N VAL D 15 -15.63 35.27 -50.02
CA VAL D 15 -15.24 36.04 -48.84
C VAL D 15 -14.05 36.91 -49.21
N GLN D 16 -14.09 38.18 -48.81
CA GLN D 16 -12.98 39.08 -49.07
C GLN D 16 -11.74 38.62 -48.32
N PRO D 17 -10.55 38.91 -48.85
CA PRO D 17 -9.31 38.48 -48.17
C PRO D 17 -9.23 39.05 -46.76
N GLY D 18 -8.73 38.24 -45.84
CA GLY D 18 -8.69 38.60 -44.44
C GLY D 18 -9.98 38.33 -43.69
N GLY D 19 -11.02 37.85 -44.35
CA GLY D 19 -12.31 37.61 -43.72
C GLY D 19 -12.35 36.29 -42.98
N SER D 20 -13.55 35.70 -42.92
CA SER D 20 -13.76 34.44 -42.25
C SER D 20 -14.98 33.76 -42.84
N LEU D 21 -15.02 32.43 -42.70
CA LEU D 21 -16.14 31.66 -43.21
C LEU D 21 -16.20 30.34 -42.45
N ARG D 22 -17.41 29.94 -42.07
CA ARG D 22 -17.66 28.70 -41.35
C ARG D 22 -18.46 27.75 -42.22
N LEU D 23 -18.02 26.50 -42.31
CA LEU D 23 -18.69 25.47 -43.09
C LEU D 23 -19.11 24.35 -42.17
N SER D 24 -20.34 23.87 -42.34
CA SER D 24 -20.91 22.82 -41.51
C SER D 24 -21.14 21.59 -42.36
N CYS D 25 -20.59 20.45 -41.94
CA CYS D 25 -20.77 19.17 -42.60
C CYS D 25 -21.72 18.32 -41.77
N ALA D 26 -22.95 18.17 -42.27
CA ALA D 26 -23.97 17.40 -41.58
C ALA D 26 -23.80 15.92 -41.90
N ALA D 27 -23.61 15.11 -40.86
CA ALA D 27 -23.35 13.69 -41.03
C ALA D 27 -24.59 12.89 -40.66
N SER D 28 -24.98 11.96 -41.53
CA SER D 28 -26.13 11.11 -41.32
C SER D 28 -25.76 9.67 -41.62
N GLY D 29 -26.22 8.75 -40.75
CA GLY D 29 -26.04 7.34 -40.96
C GLY D 29 -24.94 6.70 -40.13
N PHE D 30 -24.04 7.49 -39.55
CA PHE D 30 -22.97 6.94 -38.72
C PHE D 30 -22.79 7.81 -37.49
N ASN D 31 -22.32 7.18 -36.42
CA ASN D 31 -22.08 7.87 -35.16
C ASN D 31 -20.82 8.73 -35.25
N VAL D 32 -20.76 9.74 -34.38
CA VAL D 32 -19.62 10.65 -34.39
C VAL D 32 -18.45 10.11 -33.57
N TYR D 33 -18.69 9.15 -32.68
CA TYR D 33 -17.62 8.58 -31.86
C TYR D 33 -16.99 7.34 -32.46
N SER D 34 -17.63 6.73 -33.45
CA SER D 34 -17.08 5.57 -34.14
C SER D 34 -16.47 5.94 -35.49
N SER D 35 -16.34 7.23 -35.77
CA SER D 35 -15.77 7.68 -37.04
C SER D 35 -15.07 9.02 -36.82
N SER D 36 -14.17 9.34 -37.73
CA SER D 36 -13.41 10.57 -37.69
C SER D 36 -13.78 11.43 -38.90
N ILE D 37 -13.77 12.74 -38.71
CA ILE D 37 -14.19 13.69 -39.74
C ILE D 37 -12.97 14.46 -40.20
N HIS D 38 -12.77 14.50 -41.52
CA HIS D 38 -11.63 15.19 -42.13
C HIS D 38 -12.13 16.14 -43.20
N TRP D 39 -11.40 17.23 -43.38
CA TRP D 39 -11.69 18.21 -44.42
C TRP D 39 -10.53 18.21 -45.41
N VAL D 40 -10.83 17.97 -46.68
CA VAL D 40 -9.84 17.95 -47.75
C VAL D 40 -10.29 18.92 -48.83
N ARG D 41 -9.44 19.90 -49.12
CA ARG D 41 -9.72 20.90 -50.14
C ARG D 41 -8.92 20.61 -51.40
N GLN D 42 -9.48 20.99 -52.54
CA GLN D 42 -8.86 20.74 -53.84
C GLN D 42 -8.92 22.04 -54.64
N ALA D 43 -7.77 22.71 -54.76
CA ALA D 43 -7.70 23.93 -55.54
C ALA D 43 -7.99 23.64 -57.00
N PRO D 44 -8.57 24.60 -57.73
CA PRO D 44 -8.85 24.38 -59.15
C PRO D 44 -7.60 23.97 -59.92
N GLY D 45 -7.62 22.76 -60.45
CA GLY D 45 -6.46 22.20 -61.13
C GLY D 45 -5.54 21.40 -60.23
N LYS D 46 -5.13 21.99 -59.12
CA LYS D 46 -4.28 21.29 -58.15
C LYS D 46 -5.04 20.11 -57.54
N GLY D 47 -4.30 19.06 -57.23
CA GLY D 47 -4.88 17.88 -56.63
C GLY D 47 -5.39 18.13 -55.22
N LEU D 48 -5.68 17.03 -54.54
CA LEU D 48 -6.25 17.11 -53.20
C LEU D 48 -5.21 17.59 -52.19
N GLU D 49 -5.70 18.02 -51.03
CA GLU D 49 -4.83 18.55 -49.99
C GLU D 49 -5.57 18.49 -48.66
N TRP D 50 -5.04 17.72 -47.72
CA TRP D 50 -5.66 17.60 -46.41
C TRP D 50 -5.56 18.91 -45.64
N VAL D 51 -6.63 19.26 -44.92
CA VAL D 51 -6.73 20.52 -44.19
C VAL D 51 -6.76 20.29 -42.68
N ALA D 52 -7.76 19.58 -42.19
CA ALA D 52 -7.92 19.41 -40.75
C ALA D 52 -8.75 18.16 -40.48
N SER D 53 -8.61 17.65 -39.25
CA SER D 53 -9.32 16.45 -38.83
C SER D 53 -9.67 16.58 -37.35
N ILE D 54 -10.73 15.87 -36.94
CA ILE D 54 -11.18 15.85 -35.56
C ILE D 54 -11.54 14.43 -35.18
N SER D 55 -11.16 14.03 -33.97
CA SER D 55 -11.50 12.72 -33.41
C SER D 55 -12.30 12.94 -32.13
N SER D 56 -13.61 12.72 -32.19
CA SER D 56 -14.46 12.95 -31.03
C SER D 56 -14.25 11.92 -29.94
N TYR D 57 -13.79 10.71 -30.29
CA TYR D 57 -13.55 9.70 -29.27
C TYR D 57 -12.41 10.10 -28.35
N TYR D 58 -11.28 10.49 -28.92
CA TYR D 58 -10.12 10.91 -28.14
C TYR D 58 -10.11 12.40 -27.85
N GLY D 59 -11.01 13.17 -28.46
CA GLY D 59 -11.02 14.60 -28.25
C GLY D 59 -9.77 15.30 -28.77
N TYR D 60 -9.32 14.91 -29.96
CA TYR D 60 -8.11 15.47 -30.57
C TYR D 60 -8.44 16.05 -31.92
N THR D 61 -7.89 17.24 -32.19
CA THR D 61 -8.06 17.92 -33.48
C THR D 61 -6.69 18.21 -34.06
N TYR D 62 -6.51 17.90 -35.34
CA TYR D 62 -5.24 18.08 -36.03
C TYR D 62 -5.41 19.06 -37.19
N TYR D 63 -4.36 19.83 -37.44
CA TYR D 63 -4.40 20.84 -38.50
C TYR D 63 -3.10 20.76 -39.31
N ALA D 64 -3.21 21.08 -40.60
CA ALA D 64 -2.03 21.23 -41.43
C ALA D 64 -1.27 22.49 -41.05
N ASP D 65 0.03 22.49 -41.36
CA ASP D 65 0.87 23.62 -41.00
C ASP D 65 0.44 24.90 -41.70
N SER D 66 -0.14 24.78 -42.90
CA SER D 66 -0.58 25.96 -43.64
C SER D 66 -1.85 26.59 -43.05
N VAL D 67 -2.54 25.89 -42.14
CA VAL D 67 -3.78 26.40 -41.57
C VAL D 67 -3.69 26.38 -40.05
N LYS D 68 -2.51 26.07 -39.52
CA LYS D 68 -2.35 25.97 -38.07
C LYS D 68 -2.61 27.32 -37.42
N GLY D 69 -3.47 27.32 -36.41
CA GLY D 69 -3.83 28.55 -35.73
C GLY D 69 -4.91 29.33 -36.47
N ARG D 70 -4.83 29.34 -37.79
CA ARG D 70 -5.80 30.09 -38.60
C ARG D 70 -7.16 29.39 -38.60
N PHE D 71 -7.16 28.07 -38.81
CA PHE D 71 -8.40 27.31 -38.95
C PHE D 71 -8.69 26.54 -37.67
N THR D 72 -9.97 26.35 -37.39
CA THR D 72 -10.42 25.61 -36.21
C THR D 72 -11.55 24.67 -36.61
N ILE D 73 -11.42 23.40 -36.23
CA ILE D 73 -12.42 22.37 -36.53
C ILE D 73 -13.04 21.90 -35.22
N SER D 74 -14.37 21.75 -35.23
CA SER D 74 -15.09 21.35 -34.04
C SER D 74 -16.34 20.58 -34.45
N ALA D 75 -16.89 19.84 -33.49
CA ALA D 75 -18.08 19.05 -33.73
C ALA D 75 -18.88 18.92 -32.45
N ASP D 76 -20.17 18.64 -32.60
CA ASP D 76 -21.05 18.37 -31.47
C ASP D 76 -21.72 17.01 -31.65
N THR D 77 -21.82 16.26 -30.56
CA THR D 77 -22.38 14.92 -30.61
C THR D 77 -23.87 14.92 -30.90
N SER D 78 -24.62 15.91 -30.37
CA SER D 78 -26.07 15.86 -30.42
C SER D 78 -26.59 15.85 -31.86
N LYS D 79 -26.04 16.72 -32.71
CA LYS D 79 -26.52 16.84 -34.08
C LYS D 79 -25.72 16.01 -35.07
N ASN D 80 -24.70 15.28 -34.62
CA ASN D 80 -23.81 14.51 -35.50
C ASN D 80 -23.28 15.38 -36.63
N THR D 81 -22.74 16.54 -36.26
CA THR D 81 -22.29 17.53 -37.23
C THR D 81 -20.94 18.08 -36.81
N ALA D 82 -20.10 18.40 -37.79
CA ALA D 82 -18.81 19.02 -37.57
C ALA D 82 -18.72 20.33 -38.34
N TYR D 83 -17.89 21.23 -37.84
CA TYR D 83 -17.73 22.55 -38.44
C TYR D 83 -16.25 22.87 -38.62
N LEU D 84 -15.95 23.69 -39.61
CA LEU D 84 -14.60 24.19 -39.86
C LEU D 84 -14.67 25.72 -39.86
N GLN D 85 -14.20 26.33 -38.79
CA GLN D 85 -14.21 27.79 -38.64
C GLN D 85 -12.90 28.32 -39.21
N MET D 86 -12.97 28.91 -40.40
CA MET D 86 -11.80 29.47 -41.07
C MET D 86 -11.73 30.97 -40.82
N ASN D 87 -10.55 31.44 -40.39
CA ASN D 87 -10.31 32.85 -40.14
C ASN D 87 -9.08 33.29 -40.92
N SER D 88 -8.97 34.60 -41.12
CA SER D 88 -7.86 35.21 -41.86
C SER D 88 -7.71 34.60 -43.24
N LEU D 89 -8.83 34.53 -43.97
CA LEU D 89 -8.83 33.94 -45.30
C LEU D 89 -7.92 34.71 -46.24
N ARG D 90 -7.10 33.97 -46.98
CA ARG D 90 -6.14 34.55 -47.93
C ARG D 90 -6.47 34.03 -49.33
N ALA D 91 -5.68 34.52 -50.31
CA ALA D 91 -5.97 34.22 -51.71
C ALA D 91 -5.72 32.75 -52.05
N GLU D 92 -4.85 32.08 -51.30
CA GLU D 92 -4.55 30.68 -51.57
C GLU D 92 -5.53 29.72 -50.90
N ASP D 93 -6.55 30.22 -50.21
CA ASP D 93 -7.52 29.38 -49.53
C ASP D 93 -8.70 29.00 -50.43
N THR D 94 -8.75 29.51 -51.66
CA THR D 94 -9.84 29.16 -52.55
C THR D 94 -9.67 27.73 -53.06
N ALA D 95 -10.74 26.94 -52.96
CA ALA D 95 -10.74 25.54 -53.35
C ALA D 95 -12.15 25.00 -53.17
N VAL D 96 -12.37 23.80 -53.69
CA VAL D 96 -13.60 23.05 -53.42
C VAL D 96 -13.35 22.19 -52.19
N TYR D 97 -14.17 22.37 -51.16
CA TYR D 97 -13.93 21.74 -49.87
C TYR D 97 -14.83 20.52 -49.73
N TYR D 98 -14.20 19.37 -49.47
CA TYR D 98 -14.89 18.11 -49.22
C TYR D 98 -14.70 17.73 -47.77
N CYS D 99 -15.79 17.40 -47.08
CA CYS D 99 -15.71 16.82 -45.74
C CYS D 99 -15.80 15.31 -45.88
N ALA D 100 -14.78 14.61 -45.39
CA ALA D 100 -14.66 13.18 -45.57
C ALA D 100 -14.74 12.48 -44.22
N ARG D 101 -15.17 11.22 -44.26
CA ARG D 101 -15.30 10.41 -43.06
C ARG D 101 -14.32 9.24 -43.13
N SER D 102 -13.79 8.86 -41.97
CA SER D 102 -12.93 7.69 -41.87
C SER D 102 -13.33 6.90 -40.64
N ARG D 103 -13.08 5.60 -40.69
CA ARG D 103 -13.40 4.74 -39.56
C ARG D 103 -12.47 5.02 -38.39
N GLN D 104 -13.02 5.07 -37.18
CA GLN D 104 -12.21 5.36 -36.01
C GLN D 104 -11.34 4.17 -35.62
N PHE D 105 -11.90 2.96 -35.67
CA PHE D 105 -11.19 1.74 -35.31
C PHE D 105 -11.27 0.77 -36.50
N TRP D 106 -10.36 0.89 -37.46
CA TRP D 106 -9.32 1.90 -37.46
C TRP D 106 -9.27 2.59 -38.82
N TYR D 107 -8.40 3.58 -38.96
CA TYR D 107 -8.33 4.34 -40.21
C TYR D 107 -8.01 3.42 -41.39
N SER D 108 -8.88 3.45 -42.40
CA SER D 108 -8.71 2.66 -43.60
C SER D 108 -9.05 3.48 -44.83
N GLY D 109 -8.61 4.73 -44.85
CA GLY D 109 -8.91 5.62 -45.95
C GLY D 109 -10.20 6.38 -45.76
N LEU D 110 -10.37 7.42 -46.58
CA LEU D 110 -11.56 8.27 -46.54
C LEU D 110 -12.61 7.66 -47.46
N ASP D 111 -13.43 6.77 -46.88
CA ASP D 111 -14.39 6.01 -47.70
C ASP D 111 -15.54 6.90 -48.17
N TYR D 112 -16.08 7.72 -47.30
CA TYR D 112 -17.24 8.55 -47.61
C TYR D 112 -16.81 10.00 -47.75
N TRP D 113 -17.31 10.66 -48.80
CA TRP D 113 -16.99 12.04 -49.09
C TRP D 113 -18.27 12.84 -49.25
N GLY D 114 -18.17 14.15 -49.05
CA GLY D 114 -19.29 15.02 -49.25
C GLY D 114 -19.50 15.37 -50.71
N GLN D 115 -20.61 16.08 -50.97
CA GLN D 115 -20.94 16.46 -52.34
C GLN D 115 -19.92 17.44 -52.91
N GLY D 116 -19.25 18.20 -52.06
CA GLY D 116 -18.28 19.18 -52.52
C GLY D 116 -18.82 20.59 -52.57
N THR D 117 -18.31 21.45 -51.69
CA THR D 117 -18.72 22.85 -51.63
C THR D 117 -17.56 23.73 -52.07
N LEU D 118 -17.90 24.83 -52.74
CA LEU D 118 -16.91 25.70 -53.36
C LEU D 118 -16.73 26.96 -52.53
N VAL D 119 -15.48 27.29 -52.21
CA VAL D 119 -15.13 28.50 -51.47
C VAL D 119 -14.20 29.33 -52.35
N THR D 120 -14.54 30.60 -52.53
CA THR D 120 -13.76 31.52 -53.34
C THR D 120 -13.30 32.71 -52.50
N VAL D 121 -12.09 33.17 -52.78
CA VAL D 121 -11.53 34.35 -52.14
C VAL D 121 -11.01 35.29 -53.21
N SER D 122 -11.49 36.53 -53.20
CA SER D 122 -11.04 37.56 -54.14
C SER D 122 -11.45 38.91 -53.58
N SER D 123 -10.87 39.96 -54.14
CA SER D 123 -11.17 41.32 -53.70
C SER D 123 -12.44 41.84 -54.37
N SER E 1 10.51 14.08 -40.89
CA SER E 1 10.00 15.20 -41.68
C SER E 1 8.74 14.81 -42.45
N ASP E 2 8.24 15.73 -43.25
CA ASP E 2 7.06 15.45 -44.06
C ASP E 2 7.38 14.44 -45.15
N ILE E 3 6.40 13.61 -45.47
CA ILE E 3 6.53 12.56 -46.46
C ILE E 3 5.98 13.06 -47.78
N GLN E 4 6.79 12.99 -48.84
CA GLN E 4 6.38 13.43 -50.16
C GLN E 4 6.05 12.22 -51.02
N MET E 5 4.80 12.14 -51.47
CA MET E 5 4.36 11.07 -52.35
C MET E 5 4.49 11.54 -53.80
N THR E 6 5.33 10.86 -54.56
CA THR E 6 5.57 11.19 -55.96
C THR E 6 4.89 10.13 -56.83
N GLN E 7 3.96 10.57 -57.68
CA GLN E 7 3.19 9.70 -58.53
C GLN E 7 3.48 10.00 -59.99
N SER E 8 3.75 8.97 -60.77
CA SER E 8 4.07 9.10 -62.18
C SER E 8 3.33 8.03 -62.96
N PRO E 9 2.97 8.30 -64.23
CA PRO E 9 3.19 9.56 -64.95
C PRO E 9 2.14 10.62 -64.61
N SER E 10 2.41 11.88 -64.99
CA SER E 10 1.43 12.93 -64.76
C SER E 10 0.15 12.69 -65.55
N SER E 11 0.25 12.03 -66.70
CA SER E 11 -0.92 11.69 -67.50
C SER E 11 -0.55 10.57 -68.46
N LEU E 12 -1.55 9.83 -68.90
CA LEU E 12 -1.37 8.78 -69.89
C LEU E 12 -2.65 8.59 -70.67
N SER E 13 -2.52 8.05 -71.88
CA SER E 13 -3.67 7.81 -72.75
C SER E 13 -3.59 6.40 -73.30
N ALA E 14 -4.71 5.67 -73.21
CA ALA E 14 -4.78 4.32 -73.74
C ALA E 14 -6.21 4.02 -74.13
N SER E 15 -6.38 3.33 -75.26
CA SER E 15 -7.71 3.01 -75.74
C SER E 15 -8.37 1.98 -74.84
N VAL E 16 -9.66 1.74 -75.10
CA VAL E 16 -10.41 0.76 -74.32
C VAL E 16 -9.81 -0.63 -74.46
N GLY E 17 -9.81 -1.38 -73.35
CA GLY E 17 -9.28 -2.73 -73.32
C GLY E 17 -7.80 -2.84 -73.06
N ASP E 18 -7.09 -1.73 -72.92
CA ASP E 18 -5.66 -1.78 -72.66
C ASP E 18 -5.40 -2.02 -71.18
N ARG E 19 -4.11 -2.19 -70.85
CA ARG E 19 -3.66 -2.36 -69.48
C ARG E 19 -2.68 -1.24 -69.14
N VAL E 20 -2.94 -0.56 -68.02
CA VAL E 20 -2.08 0.52 -67.57
C VAL E 20 -1.71 0.28 -66.12
N THR E 21 -0.62 0.92 -65.70
CA THR E 21 -0.18 0.89 -64.31
C THR E 21 0.27 2.28 -63.91
N ILE E 22 0.04 2.62 -62.65
CA ILE E 22 0.43 3.90 -62.09
C ILE E 22 1.22 3.64 -60.82
N THR E 23 2.39 4.26 -60.70
CA THR E 23 3.28 4.03 -59.58
C THR E 23 3.27 5.23 -58.65
N CYS E 24 3.63 4.98 -57.39
CA CYS E 24 3.65 6.00 -56.36
C CYS E 24 4.83 5.73 -55.44
N ARG E 25 5.78 6.64 -55.42
CA ARG E 25 7.01 6.48 -54.64
C ARG E 25 6.94 7.37 -53.41
N ALA E 26 7.15 6.76 -52.24
CA ALA E 26 7.12 7.48 -50.98
C ALA E 26 8.53 7.94 -50.62
N SER E 27 8.65 9.19 -50.19
CA SER E 27 9.95 9.71 -49.78
C SER E 27 10.51 8.92 -48.59
N GLN E 28 9.66 8.58 -47.63
CA GLN E 28 10.04 7.79 -46.48
C GLN E 28 9.08 6.61 -46.36
N SER E 29 9.54 5.56 -45.68
CA SER E 29 8.74 4.36 -45.52
C SER E 29 7.44 4.68 -44.78
N VAL E 30 6.33 4.12 -45.29
CA VAL E 30 5.00 4.35 -44.72
C VAL E 30 4.35 3.08 -44.22
N SER E 31 5.05 1.94 -44.26
CA SER E 31 4.57 0.68 -43.69
C SER E 31 3.24 0.25 -44.31
N SER E 32 3.16 0.34 -45.64
CA SER E 32 2.02 -0.15 -46.42
C SER E 32 0.71 0.51 -46.03
N ALA E 33 0.76 1.72 -45.48
CA ALA E 33 -0.46 2.48 -45.15
C ALA E 33 -0.76 3.46 -46.29
N VAL E 34 -1.11 2.90 -47.44
CA VAL E 34 -1.32 3.66 -48.67
C VAL E 34 -2.71 3.38 -49.20
N ALA E 35 -3.40 4.44 -49.62
CA ALA E 35 -4.73 4.33 -50.18
C ALA E 35 -4.78 5.01 -51.54
N TRP E 36 -5.62 4.49 -52.43
CA TRP E 36 -5.79 5.01 -53.78
C TRP E 36 -7.21 5.49 -53.97
N TYR E 37 -7.37 6.68 -54.53
CA TYR E 37 -8.67 7.28 -54.77
C TYR E 37 -8.81 7.66 -56.24
N GLN E 38 -10.04 7.53 -56.74
CA GLN E 38 -10.36 7.87 -58.12
C GLN E 38 -11.37 9.00 -58.14
N GLN E 39 -11.09 10.03 -58.93
CA GLN E 39 -11.94 11.21 -59.02
C GLN E 39 -12.42 11.39 -60.44
N LYS E 40 -13.73 11.34 -60.64
CA LYS E 40 -14.31 11.72 -61.92
C LYS E 40 -14.27 13.25 -62.06
N PRO E 41 -14.26 13.77 -63.29
CA PRO E 41 -14.24 15.22 -63.46
C PRO E 41 -15.46 15.88 -62.82
N GLY E 42 -15.19 16.84 -61.95
CA GLY E 42 -16.25 17.55 -61.25
C GLY E 42 -17.05 16.72 -60.28
N LYS E 43 -16.39 15.87 -59.49
CA LYS E 43 -17.07 15.03 -58.52
C LYS E 43 -16.12 14.68 -57.39
N ALA E 44 -16.70 14.20 -56.29
CA ALA E 44 -15.91 13.82 -55.14
C ALA E 44 -15.16 12.51 -55.40
N PRO E 45 -13.96 12.36 -54.84
CA PRO E 45 -13.21 11.11 -55.03
C PRO E 45 -13.89 9.93 -54.35
N LYS E 46 -13.61 8.74 -54.88
CA LYS E 46 -14.12 7.49 -54.33
C LYS E 46 -12.94 6.58 -53.99
N LEU E 47 -12.93 6.06 -52.77
CA LEU E 47 -11.86 5.17 -52.35
C LEU E 47 -11.91 3.87 -53.15
N LEU E 48 -10.72 3.43 -53.61
CA LEU E 48 -10.60 2.21 -54.39
C LEU E 48 -9.87 1.11 -53.61
N ILE E 49 -8.67 1.39 -53.12
CA ILE E 49 -7.84 0.40 -52.43
C ILE E 49 -7.30 1.05 -51.17
N TYR E 50 -7.44 0.36 -50.04
CA TYR E 50 -6.85 0.79 -48.78
C TYR E 50 -5.82 -0.24 -48.34
N SER E 51 -4.85 0.22 -47.54
CA SER E 51 -3.70 -0.59 -47.11
C SER E 51 -2.84 -1.03 -48.28
N ALA E 52 -3.02 -0.37 -49.44
CA ALA E 52 -2.20 -0.52 -50.64
C ALA E 52 -2.45 -1.85 -51.36
N SER E 53 -3.22 -2.75 -50.76
CA SER E 53 -3.59 -3.98 -51.45
C SER E 53 -5.02 -4.42 -51.24
N SER E 54 -5.74 -3.90 -50.24
CA SER E 54 -7.08 -4.37 -49.92
C SER E 54 -8.10 -3.58 -50.76
N LEU E 55 -8.84 -4.30 -51.60
CA LEU E 55 -9.82 -3.66 -52.47
C LEU E 55 -11.06 -3.28 -51.67
N TYR E 56 -11.50 -2.04 -51.84
CA TYR E 56 -12.68 -1.55 -51.13
C TYR E 56 -13.94 -2.24 -51.64
N SER E 57 -14.93 -2.36 -50.75
CA SER E 57 -16.17 -3.04 -51.09
C SER E 57 -16.89 -2.31 -52.21
N GLY E 58 -17.34 -3.07 -53.21
CA GLY E 58 -18.03 -2.53 -54.35
C GLY E 58 -17.14 -2.15 -55.52
N VAL E 59 -15.84 -2.06 -55.30
CA VAL E 59 -14.91 -1.72 -56.39
C VAL E 59 -14.74 -2.93 -57.31
N PRO E 60 -14.84 -2.77 -58.63
CA PRO E 60 -14.66 -3.91 -59.53
C PRO E 60 -13.28 -4.54 -59.39
N SER E 61 -13.23 -5.85 -59.61
CA SER E 61 -12.01 -6.63 -59.38
C SER E 61 -10.88 -6.29 -60.34
N ARG E 62 -11.15 -5.55 -61.42
CA ARG E 62 -10.09 -5.21 -62.36
C ARG E 62 -9.06 -4.26 -61.76
N PHE E 63 -9.42 -3.53 -60.70
CA PHE E 63 -8.46 -2.67 -60.02
C PHE E 63 -7.57 -3.51 -59.11
N SER E 64 -6.26 -3.27 -59.17
CA SER E 64 -5.30 -4.04 -58.40
C SER E 64 -4.28 -3.09 -57.78
N GLY E 65 -3.71 -3.53 -56.66
CA GLY E 65 -2.70 -2.76 -55.98
C GLY E 65 -1.66 -3.67 -55.36
N SER E 66 -0.43 -3.18 -55.32
CA SER E 66 0.68 -3.97 -54.79
C SER E 66 1.69 -3.03 -54.14
N ARG E 67 2.51 -3.60 -53.27
CA ARG E 67 3.58 -2.88 -52.59
C ARG E 67 4.91 -3.54 -52.88
N SER E 68 5.92 -2.71 -53.17
CA SER E 68 7.30 -3.18 -53.36
C SER E 68 8.20 -2.20 -52.62
N GLY E 69 8.47 -2.49 -51.35
CA GLY E 69 9.27 -1.62 -50.52
C GLY E 69 8.60 -0.29 -50.26
N THR E 70 9.19 0.79 -50.77
CA THR E 70 8.62 2.12 -50.65
C THR E 70 7.90 2.56 -51.92
N ASP E 71 7.69 1.65 -52.86
CA ASP E 71 7.02 1.95 -54.12
C ASP E 71 5.68 1.25 -54.15
N PHE E 72 4.63 1.97 -54.53
CA PHE E 72 3.27 1.43 -54.57
C PHE E 72 2.68 1.67 -55.94
N THR E 73 2.08 0.62 -56.51
CA THR E 73 1.56 0.66 -57.86
C THR E 73 0.07 0.32 -57.87
N LEU E 74 -0.68 1.05 -58.69
CA LEU E 74 -2.09 0.79 -58.93
C LEU E 74 -2.27 0.32 -60.36
N THR E 75 -2.88 -0.84 -60.55
CA THR E 75 -2.99 -1.49 -61.85
C THR E 75 -4.44 -1.74 -62.20
N ILE E 76 -4.77 -1.54 -63.48
CA ILE E 76 -6.09 -1.82 -64.01
C ILE E 76 -5.94 -2.86 -65.12
N SER E 77 -6.69 -3.96 -65.01
CA SER E 77 -6.53 -5.06 -65.96
C SER E 77 -7.00 -4.66 -67.35
N SER E 78 -8.19 -4.05 -67.45
CA SER E 78 -8.73 -3.63 -68.73
C SER E 78 -9.49 -2.33 -68.52
N LEU E 79 -9.07 -1.28 -69.20
CA LEU E 79 -9.68 0.04 -69.03
C LEU E 79 -11.10 0.04 -69.59
N GLN E 80 -12.08 0.07 -68.71
CA GLN E 80 -13.46 0.16 -69.13
C GLN E 80 -13.72 1.52 -69.77
N PRO E 81 -14.76 1.65 -70.59
CA PRO E 81 -15.05 2.95 -71.22
C PRO E 81 -15.35 4.05 -70.21
N GLU E 82 -15.72 3.70 -68.98
CA GLU E 82 -15.96 4.68 -67.92
C GLU E 82 -14.80 4.79 -66.95
N ASP E 83 -13.68 4.12 -67.22
CA ASP E 83 -12.55 4.10 -66.29
C ASP E 83 -11.65 5.31 -66.41
N PHE E 84 -11.90 6.24 -67.33
CA PHE E 84 -11.09 7.44 -67.41
C PHE E 84 -11.37 8.32 -66.20
N ALA E 85 -10.29 8.81 -65.56
CA ALA E 85 -10.38 9.62 -64.36
C ALA E 85 -9.01 10.10 -63.92
N THR E 86 -8.96 10.87 -62.85
CA THR E 86 -7.71 11.26 -62.21
C THR E 86 -7.54 10.43 -60.94
N TYR E 87 -6.42 9.73 -60.82
CA TYR E 87 -6.18 8.81 -59.73
C TYR E 87 -5.13 9.40 -58.79
N TYR E 88 -5.38 9.29 -57.48
CA TYR E 88 -4.53 9.88 -56.47
C TYR E 88 -4.01 8.80 -55.52
N CYS E 89 -2.79 8.99 -55.05
CA CYS E 89 -2.14 8.10 -54.11
C CYS E 89 -1.96 8.81 -52.78
N GLN E 90 -2.40 8.18 -51.70
CA GLN E 90 -2.37 8.79 -50.38
C GLN E 90 -1.72 7.84 -49.38
N GLN E 91 -0.93 8.40 -48.47
CA GLN E 91 -0.39 7.67 -47.33
C GLN E 91 -0.99 8.25 -46.05
N TYR E 92 -1.22 7.37 -45.07
CA TYR E 92 -1.76 7.82 -43.79
C TYR E 92 -1.02 7.19 -42.62
N LYS E 93 0.28 6.93 -42.79
CA LYS E 93 1.08 6.44 -41.67
C LYS E 93 1.41 7.55 -40.69
N TYR E 94 1.66 8.76 -41.19
CA TYR E 94 2.04 9.88 -40.36
C TYR E 94 1.13 11.07 -40.63
N VAL E 95 0.96 11.92 -39.62
CA VAL E 95 0.22 13.17 -39.74
C VAL E 95 1.20 14.28 -40.08
N PRO E 96 0.92 15.13 -41.09
CA PRO E 96 -0.28 15.14 -41.94
C PRO E 96 -0.28 14.07 -43.02
N VAL E 97 -1.45 13.73 -43.52
CA VAL E 97 -1.57 12.78 -44.63
C VAL E 97 -1.36 13.52 -45.94
N THR E 98 -0.53 12.94 -46.81
CA THR E 98 -0.15 13.58 -48.06
C THR E 98 -0.71 12.81 -49.24
N PHE E 99 -1.13 13.54 -50.26
CA PHE E 99 -1.73 12.97 -51.46
C PHE E 99 -0.74 13.02 -52.62
N GLY E 100 -1.02 12.21 -53.64
CA GLY E 100 -0.26 12.26 -54.86
C GLY E 100 -0.69 13.43 -55.74
N GLN E 101 0.09 13.66 -56.80
CA GLN E 101 -0.19 14.76 -57.70
C GLN E 101 -1.25 14.43 -58.74
N GLY E 102 -1.67 13.18 -58.83
CA GLY E 102 -2.71 12.80 -59.78
C GLY E 102 -2.13 12.25 -61.07
N THR E 103 -2.94 11.43 -61.74
CA THR E 103 -2.56 10.82 -63.02
C THR E 103 -3.81 10.76 -63.88
N LYS E 104 -3.91 11.69 -64.83
CA LYS E 104 -5.09 11.77 -65.69
C LYS E 104 -5.02 10.67 -66.75
N VAL E 105 -5.86 9.65 -66.60
CA VAL E 105 -5.95 8.57 -67.57
C VAL E 105 -6.99 8.95 -68.62
N GLU E 106 -6.53 9.16 -69.84
CA GLU E 106 -7.39 9.62 -70.93
C GLU E 106 -7.83 8.45 -71.80
N ILE E 107 -8.77 8.74 -72.70
CA ILE E 107 -9.30 7.74 -73.61
C ILE E 107 -8.45 7.65 -74.87
N GLU F 6 18.49 -1.99 -32.06
CA GLU F 6 17.78 -0.72 -32.12
C GLU F 6 16.33 -0.91 -31.68
N ASN F 7 15.40 -0.68 -32.60
CA ASN F 7 13.98 -0.89 -32.32
C ASN F 7 13.34 -1.78 -33.38
N TPO F 8 12.04 -1.98 -33.29
CA TPO F 8 11.31 -2.87 -34.18
CB TPO F 8 9.96 -3.23 -33.58
CG2 TPO F 8 9.32 -4.38 -34.37
OG1 TPO F 8 10.11 -3.62 -32.22
P TPO F 8 9.41 -2.49 -31.31
O1P TPO F 8 9.43 -1.21 -32.04
O2P TPO F 8 7.89 -2.91 -31.01
O3P TPO F 8 10.22 -2.35 -29.92
C TPO F 8 11.14 -2.27 -35.57
O TPO F 8 10.83 -1.10 -35.72
N VAL F 9 11.34 -3.10 -36.59
CA VAL F 9 11.19 -2.67 -37.97
C VAL F 9 10.77 -3.87 -38.81
N SEP F 10 10.22 -3.63 -39.99
CA SEP F 10 9.70 -4.69 -40.84
CB SEP F 10 8.35 -4.28 -41.43
OG SEP F 10 8.52 -3.20 -42.35
C SEP F 10 10.67 -5.05 -41.96
O SEP F 10 11.61 -4.32 -42.25
P SEP F 10 7.10 -2.55 -42.71
O1P SEP F 10 6.63 -1.61 -41.50
O2P SEP F 10 6.02 -3.70 -42.96
O3P SEP F 10 7.27 -1.66 -44.05
N TPO F 11 10.43 -6.20 -42.58
CA TPO F 11 11.21 -6.62 -43.73
CB TPO F 11 12.43 -7.43 -43.30
CG2 TPO F 11 12.06 -8.38 -42.15
OG1 TPO F 11 12.93 -8.18 -44.40
P TPO F 11 14.43 -7.63 -44.67
O1P TPO F 11 14.56 -6.12 -44.14
O2P TPO F 11 14.75 -7.68 -46.25
O3P TPO F 11 15.40 -8.49 -43.94
C TPO F 11 10.35 -7.43 -44.71
O TPO F 11 9.20 -7.74 -44.41
N SER F 12 10.92 -7.78 -45.85
CA SER F 12 10.15 -8.31 -46.98
C SER F 12 9.67 -9.75 -46.80
N LEU F 13 10.58 -10.64 -46.43
CA LEU F 13 10.32 -12.08 -46.27
C LEU F 13 10.16 -12.76 -47.63
N GLY F 14 10.13 -11.97 -48.71
CA GLY F 14 9.99 -12.51 -50.04
C GLY F 14 8.65 -13.18 -50.29
N VAL G 5 -27.15 0.82 45.15
CA VAL G 5 -27.75 1.38 43.95
C VAL G 5 -28.92 2.28 44.33
N GLN G 6 -28.87 3.54 43.87
CA GLN G 6 -29.94 4.48 44.16
C GLN G 6 -29.89 5.60 43.12
N LEU G 7 -31.02 6.27 42.96
CA LEU G 7 -31.13 7.45 42.11
C LEU G 7 -32.00 8.47 42.84
N VAL G 8 -31.53 9.71 42.90
CA VAL G 8 -32.21 10.78 43.62
C VAL G 8 -32.39 11.96 42.68
N GLU G 9 -33.62 12.42 42.51
CA GLU G 9 -33.90 13.62 41.74
C GLU G 9 -33.93 14.84 42.65
N SER G 10 -33.61 15.99 42.08
CA SER G 10 -33.62 17.24 42.82
C SER G 10 -33.89 18.38 41.86
N GLY G 11 -34.51 19.44 42.38
CA GLY G 11 -34.83 20.58 41.55
C GLY G 11 -36.31 20.72 41.22
N GLY G 12 -37.17 20.44 42.18
CA GLY G 12 -38.59 20.60 42.00
C GLY G 12 -39.03 22.04 42.23
N GLY G 13 -40.35 22.23 42.26
CA GLY G 13 -40.91 23.53 42.53
C GLY G 13 -41.85 24.03 41.44
N LEU G 14 -42.09 25.34 41.42
CA LEU G 14 -42.98 25.97 40.46
C LEU G 14 -42.21 27.01 39.66
N VAL G 15 -42.44 27.03 38.35
CA VAL G 15 -41.81 27.98 37.45
C VAL G 15 -42.89 28.61 36.57
N GLN G 16 -42.84 29.93 36.42
CA GLN G 16 -43.79 30.63 35.59
C GLN G 16 -43.62 30.19 34.13
N PRO G 17 -44.69 30.23 33.34
CA PRO G 17 -44.58 29.79 31.93
C PRO G 17 -43.54 30.60 31.18
N GLY G 18 -42.80 29.92 30.32
CA GLY G 18 -41.70 30.53 29.61
C GLY G 18 -40.38 30.53 30.36
N GLY G 19 -40.36 30.08 31.61
CA GLY G 19 -39.17 30.09 32.42
C GLY G 19 -38.24 28.93 32.12
N SER G 20 -37.52 28.49 33.15
CA SER G 20 -36.58 27.38 33.00
C SER G 20 -36.35 26.75 34.36
N LEU G 21 -35.89 25.50 34.34
CA LEU G 21 -35.63 24.76 35.57
C LEU G 21 -34.73 23.57 35.21
N ARG G 22 -33.68 23.36 36.00
CA ARG G 22 -32.73 22.28 35.79
C ARG G 22 -32.88 21.26 36.91
N LEU G 23 -32.98 19.99 36.53
CA LEU G 23 -33.10 18.89 37.48
C LEU G 23 -31.82 18.05 37.46
N SER G 24 -31.35 17.67 38.64
CA SER G 24 -30.14 16.88 38.79
C SER G 24 -30.49 15.51 39.35
N CYS G 25 -30.09 14.46 38.63
CA CYS G 25 -30.31 13.08 39.05
C CYS G 25 -28.96 12.53 39.51
N ALA G 26 -28.76 12.48 40.82
CA ALA G 26 -27.52 11.99 41.40
C ALA G 26 -27.55 10.47 41.47
N ALA G 27 -26.63 9.83 40.77
CA ALA G 27 -26.58 8.38 40.69
C ALA G 27 -25.55 7.81 41.66
N SER G 28 -25.82 6.61 42.16
CA SER G 28 -24.93 5.94 43.09
C SER G 28 -25.02 4.44 42.88
N GLY G 29 -23.88 3.76 43.01
CA GLY G 29 -23.84 2.32 42.94
C GLY G 29 -23.59 1.75 41.56
N PHE G 30 -23.61 2.55 40.51
CA PHE G 30 -23.32 2.07 39.17
C PHE G 30 -22.54 3.13 38.41
N ASN G 31 -21.82 2.66 37.39
CA ASN G 31 -21.00 3.55 36.57
C ASN G 31 -21.85 4.23 35.51
N VAL G 32 -21.45 5.45 35.14
CA VAL G 32 -22.20 6.20 34.14
C VAL G 32 -21.91 5.71 32.72
N TYR G 33 -20.84 4.95 32.53
CA TYR G 33 -20.49 4.44 31.20
C TYR G 33 -21.05 3.05 30.94
N SER G 34 -21.36 2.29 31.98
CA SER G 34 -21.97 0.97 31.84
C SER G 34 -23.48 1.02 31.95
N SER G 35 -24.08 2.21 32.05
CA SER G 35 -25.51 2.36 32.14
C SER G 35 -25.93 3.63 31.42
N SER G 36 -27.20 3.68 31.04
CA SER G 36 -27.79 4.82 30.34
C SER G 36 -28.86 5.45 31.22
N ILE G 37 -28.95 6.78 31.19
CA ILE G 37 -29.85 7.54 32.05
C ILE G 37 -30.99 8.08 31.20
N HIS G 38 -32.22 7.82 31.63
CA HIS G 38 -33.42 8.25 30.93
C HIS G 38 -34.32 9.01 31.88
N TRP G 39 -35.06 9.97 31.32
CA TRP G 39 -36.02 10.77 32.08
C TRP G 39 -37.42 10.45 31.59
N VAL G 40 -38.31 10.13 32.52
CA VAL G 40 -39.71 9.83 32.23
C VAL G 40 -40.58 10.68 33.14
N ARG G 41 -41.51 11.41 32.54
CA ARG G 41 -42.43 12.26 33.30
C ARG G 41 -43.84 11.68 33.23
N GLN G 42 -44.58 11.87 34.32
CA GLN G 42 -45.95 11.35 34.44
C GLN G 42 -46.86 12.50 34.87
N ALA G 43 -47.66 12.99 33.94
CA ALA G 43 -48.60 14.05 34.24
C ALA G 43 -49.63 13.54 35.25
N PRO G 44 -50.19 14.43 36.09
CA PRO G 44 -51.23 14.01 37.03
C PRO G 44 -52.40 13.32 36.35
N GLY G 45 -52.59 12.03 36.65
CA GLY G 45 -53.62 11.25 36.01
C GLY G 45 -53.12 10.50 34.79
N LYS G 46 -52.55 11.23 33.83
CA LYS G 46 -52.00 10.63 32.62
C LYS G 46 -50.83 9.72 32.98
N GLY G 47 -50.67 8.64 32.23
CA GLY G 47 -49.60 7.68 32.47
C GLY G 47 -48.21 8.22 32.16
N LEU G 48 -47.27 7.32 31.95
CA LEU G 48 -45.87 7.70 31.80
C LEU G 48 -45.61 8.28 30.41
N GLU G 49 -44.46 8.92 30.27
CA GLU G 49 -44.08 9.56 29.01
C GLU G 49 -42.59 9.80 29.02
N TRP G 50 -41.87 9.26 28.04
CA TRP G 50 -40.43 9.43 27.96
C TRP G 50 -40.10 10.75 27.26
N VAL G 51 -39.18 11.51 27.84
CA VAL G 51 -38.84 12.85 27.36
C VAL G 51 -37.42 12.91 26.80
N ALA G 52 -36.44 12.38 27.52
CA ALA G 52 -35.05 12.53 27.10
C ALA G 52 -34.22 11.36 27.61
N SER G 53 -33.07 11.15 26.95
CA SER G 53 -32.15 10.08 27.30
C SER G 53 -30.74 10.49 26.89
N ILE G 54 -29.76 9.88 27.55
CA ILE G 54 -28.35 10.16 27.28
C ILE G 54 -27.57 8.85 27.36
N SER G 55 -26.58 8.70 26.49
CA SER G 55 -25.69 7.54 26.49
C SER G 55 -24.26 8.06 26.58
N SER G 56 -23.65 7.96 27.77
CA SER G 56 -22.32 8.50 27.97
C SER G 56 -21.25 7.67 27.25
N TYR G 57 -21.50 6.39 27.03
CA TYR G 57 -20.52 5.55 26.36
C TYR G 57 -20.32 5.98 24.92
N TYR G 58 -21.40 6.15 24.16
CA TYR G 58 -21.31 6.58 22.77
C TYR G 58 -21.32 8.09 22.62
N GLY G 59 -21.93 8.80 23.56
CA GLY G 59 -22.03 10.25 23.46
C GLY G 59 -23.22 10.70 22.66
N TYR G 60 -24.36 10.05 22.88
CA TYR G 60 -25.60 10.36 22.17
C TYR G 60 -26.67 10.81 23.15
N THR G 61 -27.42 11.83 22.77
CA THR G 61 -28.55 12.32 23.56
C THR G 61 -29.78 12.35 22.67
N TYR G 62 -30.89 11.80 23.17
CA TYR G 62 -32.13 11.69 22.42
C TYR G 62 -33.24 12.43 23.16
N TYR G 63 -34.14 13.04 22.40
CA TYR G 63 -35.24 13.81 22.96
C TYR G 63 -36.53 13.47 22.24
N ALA G 64 -37.63 13.49 22.99
CA ALA G 64 -38.95 13.38 22.38
C ALA G 64 -39.25 14.62 21.57
N ASP G 65 -40.06 14.45 20.52
CA ASP G 65 -40.37 15.56 19.63
C ASP G 65 -41.11 16.69 20.33
N SER G 66 -41.81 16.40 21.43
CA SER G 66 -42.49 17.44 22.20
C SER G 66 -41.54 18.29 23.02
N VAL G 67 -40.29 17.85 23.21
CA VAL G 67 -39.30 18.59 23.98
C VAL G 67 -38.05 18.90 23.18
N LYS G 68 -38.01 18.55 21.89
CA LYS G 68 -36.83 18.79 21.08
C LYS G 68 -36.50 20.28 21.03
N GLY G 69 -35.24 20.61 21.24
CA GLY G 69 -34.82 22.01 21.29
C GLY G 69 -34.99 22.68 22.62
N ARG G 70 -36.17 22.54 23.25
CA ARG G 70 -36.40 23.18 24.53
C ARG G 70 -35.61 22.51 25.64
N PHE G 71 -35.61 21.19 25.69
CA PHE G 71 -34.99 20.44 26.77
C PHE G 71 -33.61 19.95 26.35
N THR G 72 -32.67 19.95 27.29
CA THR G 72 -31.30 19.49 27.03
C THR G 72 -30.86 18.63 28.20
N ILE G 73 -30.35 17.44 27.90
CA ILE G 73 -29.89 16.49 28.91
C ILE G 73 -28.38 16.36 28.79
N SER G 74 -27.70 16.35 29.94
CA SER G 74 -26.25 16.22 29.98
C SER G 74 -25.86 15.48 31.25
N ALA G 75 -24.66 14.89 31.24
CA ALA G 75 -24.18 14.12 32.36
C ALA G 75 -22.74 14.49 32.66
N ASP G 76 -22.43 14.64 33.95
CA ASP G 76 -21.08 14.87 34.42
C ASP G 76 -20.52 13.56 34.94
N THR G 77 -19.61 12.96 34.18
CA THR G 77 -19.09 11.63 34.48
C THR G 77 -18.17 11.62 35.70
N SER G 78 -17.71 12.78 36.16
CA SER G 78 -16.82 12.82 37.31
C SER G 78 -17.52 12.34 38.58
N LYS G 79 -18.76 12.75 38.78
CA LYS G 79 -19.51 12.42 39.99
C LYS G 79 -20.72 11.52 39.72
N ASN G 80 -20.82 10.96 38.52
CA ASN G 80 -21.93 10.07 38.15
C ASN G 80 -23.28 10.76 38.38
N THR G 81 -23.48 11.85 37.65
CA THR G 81 -24.67 12.67 37.82
C THR G 81 -25.14 13.16 36.46
N ALA G 82 -26.45 13.16 36.25
CA ALA G 82 -27.06 13.65 35.02
C ALA G 82 -27.92 14.87 35.33
N TYR G 83 -28.04 15.76 34.33
CA TYR G 83 -28.84 16.97 34.46
C TYR G 83 -29.78 17.08 33.26
N LEU G 84 -30.96 17.63 33.51
CA LEU G 84 -31.95 17.91 32.48
C LEU G 84 -32.26 19.41 32.52
N GLN G 85 -31.72 20.16 31.57
CA GLN G 85 -31.93 21.59 31.50
C GLN G 85 -33.17 21.86 30.66
N MET G 86 -34.25 22.26 31.32
CA MET G 86 -35.52 22.55 30.66
C MET G 86 -35.64 24.05 30.41
N ASN G 87 -36.01 24.42 29.19
CA ASN G 87 -36.17 25.80 28.80
C ASN G 87 -37.49 25.98 28.08
N SER G 88 -37.99 27.23 28.09
CA SER G 88 -39.27 27.57 27.48
C SER G 88 -40.39 26.72 28.08
N LEU G 89 -40.47 26.70 29.41
CA LEU G 89 -41.46 25.89 30.10
C LEU G 89 -42.87 26.36 29.74
N ARG G 90 -43.74 25.40 29.43
CA ARG G 90 -45.13 25.67 29.08
C ARG G 90 -46.04 24.95 30.06
N ALA G 91 -47.35 25.21 29.89
CA ALA G 91 -48.34 24.71 30.85
C ALA G 91 -48.45 23.19 30.83
N GLU G 92 -48.12 22.56 29.70
CA GLU G 92 -48.23 21.10 29.60
C GLU G 92 -46.96 20.38 30.04
N ASP G 93 -45.98 21.10 30.57
CA ASP G 93 -44.75 20.49 31.07
C ASP G 93 -44.85 20.07 32.53
N THR G 94 -45.97 20.32 33.19
CA THR G 94 -46.11 19.95 34.59
C THR G 94 -46.33 18.45 34.71
N ALA G 95 -45.52 17.80 35.54
CA ALA G 95 -45.56 16.35 35.76
C ALA G 95 -44.56 15.99 36.83
N VAL G 96 -44.74 14.81 37.41
CA VAL G 96 -43.73 14.25 38.30
C VAL G 96 -42.65 13.62 37.44
N TYR G 97 -41.40 14.05 37.64
CA TYR G 97 -40.29 13.63 36.79
C TYR G 97 -39.49 12.55 37.49
N TYR G 98 -39.33 11.41 36.83
CA TYR G 98 -38.51 10.31 37.32
C TYR G 98 -37.28 10.18 36.44
N CYS G 99 -36.11 10.14 37.05
CA CYS G 99 -34.90 9.78 36.34
C CYS G 99 -34.69 8.27 36.48
N ALA G 100 -34.52 7.59 35.36
CA ALA G 100 -34.45 6.14 35.34
C ALA G 100 -33.15 5.68 34.73
N ARG G 101 -32.76 4.46 35.07
CA ARG G 101 -31.51 3.87 34.63
C ARG G 101 -31.79 2.60 33.83
N SER G 102 -30.95 2.35 32.83
CA SER G 102 -31.00 1.12 32.07
C SER G 102 -29.58 0.73 31.71
N ARG G 103 -29.40 -0.57 31.43
CA ARG G 103 -28.08 -1.05 31.03
C ARG G 103 -27.66 -0.40 29.72
N GLN G 104 -26.43 0.14 29.70
CA GLN G 104 -25.94 0.77 28.47
C GLN G 104 -25.83 -0.25 27.36
N PHE G 105 -25.39 -1.45 27.67
CA PHE G 105 -25.21 -2.51 26.69
C PHE G 105 -26.40 -3.45 26.79
N TRP G 106 -27.16 -3.53 25.69
CA TRP G 106 -28.33 -4.41 25.60
C TRP G 106 -29.38 -4.03 26.64
N TYR G 107 -29.94 -2.84 26.41
CA TYR G 107 -31.09 -2.30 27.12
C TYR G 107 -32.11 -3.38 27.42
N SER G 108 -32.53 -3.45 28.68
CA SER G 108 -33.48 -4.46 29.14
C SER G 108 -34.52 -3.83 30.05
N GLY G 109 -35.01 -2.65 29.68
CA GLY G 109 -36.02 -1.97 30.47
C GLY G 109 -35.42 -1.07 31.54
N LEU G 110 -36.24 -0.14 32.03
CA LEU G 110 -35.84 0.81 33.06
C LEU G 110 -35.98 0.13 34.42
N ASP G 111 -34.91 -0.53 34.85
CA ASP G 111 -34.97 -1.32 36.07
C ASP G 111 -35.00 -0.44 37.32
N TYR G 112 -34.18 0.61 37.34
CA TYR G 112 -34.05 1.48 38.50
C TYR G 112 -34.70 2.83 38.22
N TRP G 113 -35.47 3.31 39.20
CA TRP G 113 -36.15 4.60 39.10
C TRP G 113 -35.85 5.43 40.33
N GLY G 114 -35.98 6.74 40.18
CA GLY G 114 -35.88 7.65 41.31
C GLY G 114 -37.21 7.85 42.01
N GLN G 115 -37.16 8.53 43.16
CA GLN G 115 -38.37 8.76 43.93
C GLN G 115 -39.31 9.76 43.26
N GLY G 116 -38.81 10.55 42.31
CA GLY G 116 -39.65 11.48 41.59
C GLY G 116 -39.72 12.85 42.23
N THR G 117 -39.66 13.90 41.41
CA THR G 117 -39.80 15.28 41.87
C THR G 117 -40.92 15.95 41.08
N LEU G 118 -41.84 16.58 41.81
CA LEU G 118 -42.99 17.21 41.20
C LEU G 118 -42.59 18.56 40.60
N VAL G 119 -42.98 18.79 39.35
CA VAL G 119 -42.72 20.04 38.67
C VAL G 119 -44.06 20.63 38.23
N THR G 120 -44.29 21.90 38.57
CA THR G 120 -45.53 22.59 38.25
C THR G 120 -45.25 23.82 37.41
N VAL G 121 -46.14 24.09 36.46
CA VAL G 121 -46.09 25.30 35.64
C VAL G 121 -47.47 25.94 35.68
N SER G 122 -47.52 27.20 36.11
CA SER G 122 -48.78 27.94 36.16
C SER G 122 -48.51 29.45 36.24
N SER H 1 -45.49 8.42 12.72
CA SER H 1 -44.54 7.37 12.39
C SER H 1 -44.13 6.58 13.63
N ASP H 2 -44.37 7.18 14.80
CA ASP H 2 -44.02 6.54 16.05
C ASP H 2 -44.95 5.35 16.32
N ILE H 3 -44.44 4.39 17.10
CA ILE H 3 -45.21 3.20 17.42
C ILE H 3 -46.29 3.54 18.44
N GLN H 4 -47.52 3.16 18.14
CA GLN H 4 -48.65 3.38 19.04
C GLN H 4 -48.95 2.09 19.78
N MET H 5 -48.85 2.13 21.11
CA MET H 5 -49.10 0.97 21.96
C MET H 5 -50.41 1.20 22.70
N THR H 6 -51.35 0.29 22.54
CA THR H 6 -52.66 0.37 23.17
C THR H 6 -52.89 -0.90 23.98
N GLN H 7 -53.29 -0.74 25.24
CA GLN H 7 -53.58 -1.87 26.11
C GLN H 7 -54.99 -1.75 26.65
N SER H 8 -55.62 -2.90 26.86
CA SER H 8 -57.01 -2.97 27.30
C SER H 8 -57.13 -4.04 28.38
N PRO H 9 -58.10 -3.89 29.30
CA PRO H 9 -59.06 -2.79 29.42
C PRO H 9 -58.47 -1.56 30.10
N SER H 10 -59.22 -0.45 30.10
CA SER H 10 -58.78 0.72 30.85
C SER H 10 -58.80 0.45 32.36
N SER H 11 -59.69 -0.43 32.81
CA SER H 11 -59.75 -0.80 34.21
C SER H 11 -60.45 -2.14 34.34
N LEU H 12 -60.23 -2.80 35.47
CA LEU H 12 -60.87 -4.08 35.75
C LEU H 12 -60.90 -4.28 37.27
N SER H 13 -61.76 -5.19 37.70
CA SER H 13 -61.91 -5.48 39.13
C SER H 13 -61.95 -6.99 39.35
N ALA H 14 -61.22 -7.43 40.37
CA ALA H 14 -61.23 -8.83 40.79
C ALA H 14 -61.06 -8.85 42.30
N SER H 15 -61.89 -9.63 43.00
CA SER H 15 -61.91 -9.60 44.45
C SER H 15 -60.55 -10.01 45.04
N VAL H 16 -60.19 -11.28 44.88
CA VAL H 16 -58.91 -11.82 45.33
C VAL H 16 -58.69 -13.18 44.69
N GLY H 17 -57.44 -13.46 44.31
CA GLY H 17 -57.10 -14.77 43.78
C GLY H 17 -57.69 -15.10 42.43
N ASP H 18 -58.26 -14.13 41.73
CA ASP H 18 -58.84 -14.38 40.43
C ASP H 18 -57.76 -14.35 39.35
N ARG H 19 -58.12 -14.80 38.16
CA ARG H 19 -57.22 -14.78 37.01
C ARG H 19 -57.44 -13.48 36.25
N VAL H 20 -56.41 -12.64 36.24
CA VAL H 20 -56.48 -11.33 35.59
C VAL H 20 -55.41 -11.31 34.50
N THR H 21 -55.83 -11.02 33.27
CA THR H 21 -54.92 -10.90 32.15
C THR H 21 -55.11 -9.54 31.49
N ILE H 22 -54.02 -8.98 30.99
CA ILE H 22 -54.02 -7.68 30.32
C ILE H 22 -53.29 -7.84 28.99
N THR H 23 -53.90 -7.34 27.93
CA THR H 23 -53.32 -7.43 26.60
C THR H 23 -52.79 -6.07 26.16
N CYS H 24 -51.79 -6.11 25.27
CA CYS H 24 -51.17 -4.90 24.75
C CYS H 24 -50.83 -5.13 23.29
N ARG H 25 -51.38 -4.31 22.41
CA ARG H 25 -51.25 -4.49 20.97
C ARG H 25 -50.41 -3.37 20.39
N ALA H 26 -49.35 -3.73 19.67
CA ALA H 26 -48.48 -2.76 19.03
C ALA H 26 -48.98 -2.43 17.63
N SER H 27 -48.94 -1.15 17.28
CA SER H 27 -49.37 -0.73 15.95
C SER H 27 -48.48 -1.34 14.87
N GLN H 28 -47.17 -1.35 15.10
CA GLN H 28 -46.20 -1.94 14.19
C GLN H 28 -45.33 -2.91 14.97
N SER H 29 -44.84 -3.94 14.28
CA SER H 29 -44.05 -4.98 14.92
C SER H 29 -42.84 -4.40 15.63
N VAL H 30 -42.57 -4.88 16.83
CA VAL H 30 -41.46 -4.39 17.64
C VAL H 30 -40.52 -5.53 18.03
N ALA H 33 -39.03 -7.06 22.53
CA ALA H 33 -38.68 -5.69 22.87
C ALA H 33 -39.84 -4.98 23.56
N VAL H 34 -40.46 -5.68 24.52
CA VAL H 34 -41.59 -5.16 25.27
C VAL H 34 -41.35 -5.38 26.75
N ALA H 35 -41.61 -4.34 27.54
CA ALA H 35 -41.43 -4.39 28.99
C ALA H 35 -42.72 -3.99 29.69
N TRP H 36 -42.96 -4.59 30.85
CA TRP H 36 -44.13 -4.32 31.66
C TRP H 36 -43.71 -3.75 33.01
N TYR H 37 -44.37 -2.66 33.42
CA TYR H 37 -44.04 -1.98 34.67
C TYR H 37 -45.29 -1.86 35.53
N GLN H 38 -45.11 -1.99 36.83
CA GLN H 38 -46.18 -1.84 37.80
C GLN H 38 -45.93 -0.60 38.66
N GLN H 39 -46.94 0.24 38.79
CA GLN H 39 -46.84 1.47 39.56
C GLN H 39 -47.89 1.45 40.67
N LYS H 40 -47.42 1.44 41.92
CA LYS H 40 -48.31 1.67 43.04
C LYS H 40 -48.71 3.14 43.08
N PRO H 41 -49.89 3.46 43.60
CA PRO H 41 -50.33 4.86 43.64
C PRO H 41 -49.41 5.69 44.53
N GLY H 42 -48.88 6.78 43.97
CA GLY H 42 -48.02 7.68 44.70
C GLY H 42 -46.56 7.28 44.75
N LYS H 43 -46.14 6.25 44.01
CA LYS H 43 -44.77 5.78 44.01
C LYS H 43 -44.27 5.59 42.58
N ALA H 44 -42.97 5.41 42.45
CA ALA H 44 -42.33 5.21 41.16
C ALA H 44 -42.57 3.80 40.64
N PRO H 45 -42.63 3.63 39.32
CA PRO H 45 -42.81 2.29 38.75
C PRO H 45 -41.60 1.41 38.99
N LYS H 46 -41.83 0.10 38.96
CA LYS H 46 -40.78 -0.88 39.06
C LYS H 46 -40.96 -1.94 37.98
N LEU H 47 -39.86 -2.31 37.34
CA LEU H 47 -39.92 -3.22 36.20
C LEU H 47 -40.36 -4.62 36.64
N LEU H 48 -41.22 -5.24 35.85
CA LEU H 48 -41.70 -6.59 36.10
C LEU H 48 -41.18 -7.61 35.10
N ILE H 49 -41.38 -7.36 33.81
CA ILE H 49 -40.98 -8.28 32.75
C ILE H 49 -40.26 -7.48 31.67
N TYR H 50 -39.12 -7.99 31.20
CA TYR H 50 -38.42 -7.41 30.07
C TYR H 50 -38.34 -8.44 28.96
N SER H 51 -38.20 -7.95 27.72
CA SER H 51 -38.24 -8.78 26.52
C SER H 51 -39.56 -9.50 26.34
N ALA H 52 -40.60 -9.05 27.06
CA ALA H 52 -41.98 -9.50 26.97
C ALA H 52 -42.18 -10.90 27.56
N SER H 53 -41.09 -11.58 27.91
CA SER H 53 -41.21 -12.88 28.56
C SER H 53 -40.26 -13.09 29.73
N SER H 54 -39.13 -12.38 29.80
CA SER H 54 -38.12 -12.65 30.81
C SER H 54 -38.52 -11.99 32.12
N LEU H 55 -38.69 -12.81 33.16
CA LEU H 55 -39.04 -12.29 34.47
C LEU H 55 -37.89 -11.50 35.07
N TYR H 56 -38.20 -10.38 35.69
CA TYR H 56 -37.18 -9.61 36.38
C TYR H 56 -36.79 -10.30 37.69
N SER H 57 -35.57 -10.01 38.14
CA SER H 57 -35.06 -10.65 39.34
C SER H 57 -35.78 -10.10 40.58
N GLY H 58 -36.28 -11.00 41.42
CA GLY H 58 -36.88 -10.66 42.69
C GLY H 58 -38.38 -10.57 42.68
N VAL H 59 -39.01 -10.42 41.52
CA VAL H 59 -40.46 -10.30 41.43
C VAL H 59 -41.08 -11.69 41.58
N PRO H 60 -42.30 -11.80 42.10
CA PRO H 60 -42.91 -13.12 42.29
C PRO H 60 -43.17 -13.82 40.97
N SER H 61 -43.18 -15.16 41.02
CA SER H 61 -43.33 -15.98 39.84
C SER H 61 -44.76 -16.00 39.30
N ARG H 62 -45.73 -15.47 40.05
CA ARG H 62 -47.10 -15.45 39.56
C ARG H 62 -47.25 -14.58 38.31
N PHE H 63 -46.50 -13.48 38.24
CA PHE H 63 -46.51 -12.65 37.05
C PHE H 63 -45.89 -13.41 35.87
N SER H 64 -46.46 -13.22 34.69
CA SER H 64 -45.96 -13.89 33.50
C SER H 64 -46.36 -13.08 32.27
N GLY H 65 -45.61 -13.29 31.18
CA GLY H 65 -45.88 -12.60 29.95
C GLY H 65 -45.63 -13.51 28.76
N SER H 66 -46.28 -13.18 27.66
CA SER H 66 -46.18 -13.97 26.44
C SER H 66 -46.35 -13.07 25.24
N ARG H 67 -45.90 -13.55 24.08
CA ARG H 67 -46.02 -12.83 22.81
C ARG H 67 -46.81 -13.67 21.82
N SER H 68 -47.72 -13.00 21.10
CA SER H 68 -48.48 -13.63 20.02
C SER H 68 -48.52 -12.60 18.88
N GLY H 69 -47.55 -12.68 17.98
CA GLY H 69 -47.45 -11.72 16.91
C GLY H 69 -47.14 -10.32 17.39
N THR H 70 -48.00 -9.37 17.05
CA THR H 70 -47.86 -7.99 17.49
C THR H 70 -48.72 -7.68 18.72
N ASP H 71 -49.16 -8.71 19.44
CA ASP H 71 -49.95 -8.56 20.65
C ASP H 71 -49.19 -9.15 21.82
N PHE H 72 -49.20 -8.44 22.94
CA PHE H 72 -48.46 -8.85 24.13
C PHE H 72 -49.39 -8.89 25.32
N THR H 73 -49.24 -9.92 26.15
CA THR H 73 -50.19 -10.22 27.22
C THR H 73 -49.46 -10.30 28.55
N LEU H 74 -49.99 -9.62 29.57
CA LEU H 74 -49.50 -9.72 30.93
C LEU H 74 -50.54 -10.46 31.76
N THR H 75 -50.11 -11.53 32.43
CA THR H 75 -51.02 -12.40 33.16
C THR H 75 -50.57 -12.55 34.60
N ILE H 76 -51.54 -12.52 35.51
CA ILE H 76 -51.30 -12.78 36.93
C ILE H 76 -52.12 -13.99 37.31
N SER H 77 -51.44 -15.02 37.84
CA SER H 77 -52.13 -16.27 38.17
C SER H 77 -53.10 -16.09 39.33
N SER H 78 -52.63 -15.46 40.41
CA SER H 78 -53.47 -15.20 41.57
C SER H 78 -53.18 -13.80 42.08
N LEU H 79 -54.24 -13.04 42.36
CA LEU H 79 -54.11 -11.65 42.77
C LEU H 79 -53.85 -11.59 44.28
N GLN H 80 -52.66 -11.15 44.65
CA GLN H 80 -52.33 -10.94 46.04
C GLN H 80 -53.14 -9.77 46.59
N PRO H 81 -53.32 -9.70 47.91
CA PRO H 81 -54.06 -8.56 48.49
C PRO H 81 -53.38 -7.22 48.27
N GLU H 82 -52.09 -7.20 47.92
CA GLU H 82 -51.36 -5.98 47.66
C GLU H 82 -51.09 -5.73 46.18
N ASP H 83 -51.80 -6.44 45.30
CA ASP H 83 -51.51 -6.40 43.88
C ASP H 83 -52.32 -5.36 43.12
N PHE H 84 -53.12 -4.55 43.80
CA PHE H 84 -53.82 -3.48 43.10
C PHE H 84 -52.84 -2.36 42.74
N ALA H 85 -52.83 -1.99 41.46
CA ALA H 85 -51.90 -1.00 40.94
C ALA H 85 -52.27 -0.74 39.48
N THR H 86 -51.54 0.18 38.86
CA THR H 86 -51.68 0.47 37.44
C THR H 86 -50.49 -0.12 36.70
N TYR H 87 -50.77 -0.89 35.65
CA TYR H 87 -49.75 -1.61 34.91
C TYR H 87 -49.56 -0.97 33.54
N TYR H 88 -48.30 -0.88 33.11
CA TYR H 88 -47.95 -0.18 31.88
C TYR H 88 -47.20 -1.11 30.94
N CYS H 89 -47.40 -0.89 29.64
CA CYS H 89 -46.80 -1.68 28.59
C CYS H 89 -45.91 -0.78 27.74
N GLN H 90 -44.65 -1.18 27.57
CA GLN H 90 -43.66 -0.36 26.90
C GLN H 90 -42.97 -1.16 25.81
N GLN H 91 -42.59 -0.46 24.74
CA GLN H 91 -41.71 -1.01 23.70
C GLN H 91 -40.44 -0.17 23.63
N TYR H 92 -39.32 -0.83 23.34
CA TYR H 92 -38.06 -0.11 23.17
C TYR H 92 -37.32 -0.59 21.94
N LYS H 93 -38.04 -1.06 20.92
CA LYS H 93 -37.41 -1.43 19.66
C LYS H 93 -36.99 -0.19 18.87
N TYR H 94 -37.78 0.87 18.91
CA TYR H 94 -37.50 2.08 18.16
C TYR H 94 -37.56 3.30 19.09
N VAL H 95 -36.80 4.32 18.73
CA VAL H 95 -36.79 5.59 19.44
C VAL H 95 -37.79 6.52 18.75
N PRO H 96 -38.68 7.19 19.48
CA PRO H 96 -38.83 7.16 20.94
C PRO H 96 -39.55 5.93 21.48
N VAL H 97 -39.35 5.62 22.75
CA VAL H 97 -40.07 4.53 23.39
C VAL H 97 -41.44 5.03 23.81
N THR H 98 -42.44 4.14 23.74
CA THR H 98 -43.81 4.50 24.02
C THR H 98 -44.39 3.59 25.10
N PHE H 99 -45.19 4.18 25.98
CA PHE H 99 -45.81 3.46 27.09
C PHE H 99 -47.29 3.22 26.81
N GLY H 100 -47.85 2.27 27.55
CA GLY H 100 -49.28 2.03 27.47
C GLY H 100 -50.07 3.05 28.28
N GLN H 101 -51.39 3.00 28.12
CA GLN H 101 -52.26 3.95 28.80
C GLN H 101 -52.57 3.54 30.23
N GLY H 102 -52.20 2.33 30.64
CA GLY H 102 -52.41 1.88 31.99
C GLY H 102 -53.64 0.99 32.14
N THR H 103 -53.63 0.17 33.18
CA THR H 103 -54.73 -0.74 33.51
C THR H 103 -54.87 -0.76 35.03
N LYS H 104 -55.77 0.07 35.54
CA LYS H 104 -56.01 0.15 36.99
C LYS H 104 -56.73 -1.10 37.45
N VAL H 105 -55.98 -2.04 38.02
CA VAL H 105 -56.53 -3.29 38.52
C VAL H 105 -57.04 -3.03 39.94
N GLU H 106 -58.35 -2.84 40.06
CA GLU H 106 -58.95 -2.54 41.35
C GLU H 106 -59.12 -3.81 42.18
N ILE H 107 -59.41 -3.61 43.46
CA ILE H 107 -59.58 -4.73 44.39
C ILE H 107 -60.91 -5.45 44.13
N VAL I 5 51.17 11.72 1.34
CA VAL I 5 50.32 12.14 2.45
C VAL I 5 51.03 13.20 3.28
N GLN I 6 50.37 14.34 3.45
CA GLN I 6 50.92 15.42 4.25
C GLN I 6 49.80 16.32 4.72
N LEU I 7 50.07 17.06 5.79
CA LEU I 7 49.16 18.08 6.31
C LEU I 7 49.99 19.31 6.66
N VAL I 8 49.54 20.48 6.23
CA VAL I 8 50.27 21.73 6.43
C VAL I 8 49.35 22.74 7.07
N GLU I 9 49.79 23.33 8.18
CA GLU I 9 49.05 24.38 8.85
C GLU I 9 49.58 25.75 8.45
N SER I 10 48.67 26.71 8.35
CA SER I 10 49.04 28.08 8.01
C SER I 10 48.06 29.02 8.68
N GLY I 11 48.54 30.22 9.02
CA GLY I 11 47.70 31.21 9.66
C GLY I 11 48.05 31.48 11.10
N GLY I 12 49.34 31.42 11.43
CA GLY I 12 49.80 31.71 12.77
C GLY I 12 49.95 33.21 12.99
N GLY I 13 50.56 33.54 14.13
CA GLY I 13 50.84 34.91 14.49
C GLY I 13 50.26 35.24 15.85
N LEU I 14 50.11 36.54 16.11
CA LEU I 14 49.59 37.04 17.37
C LEU I 14 48.33 37.86 17.12
N VAL I 15 47.32 37.66 17.96
CA VAL I 15 46.05 38.37 17.87
C VAL I 15 45.73 38.98 19.22
N GLN I 16 45.26 40.23 19.21
CA GLN I 16 44.86 40.89 20.44
C GLN I 16 43.66 40.15 21.05
N PRO I 17 43.52 40.19 22.39
CA PRO I 17 42.39 39.51 23.03
C PRO I 17 41.06 40.04 22.50
N GLY I 18 40.12 39.11 22.32
CA GLY I 18 38.85 39.44 21.70
C GLY I 18 38.85 39.46 20.20
N GLY I 19 40.00 39.24 19.56
CA GLY I 19 40.11 39.27 18.12
C GLY I 19 39.64 37.99 17.46
N SER I 20 40.26 37.66 16.33
CA SER I 20 39.88 36.48 15.57
C SER I 20 41.06 36.06 14.71
N LEU I 21 41.08 34.77 14.36
CA LEU I 21 42.13 34.24 13.50
C LEU I 21 41.63 32.93 12.89
N ARG I 22 41.88 32.77 11.60
CA ARG I 22 41.50 31.57 10.86
C ARG I 22 42.75 30.87 10.35
N LEU I 23 42.84 29.57 10.58
CA LEU I 23 43.95 28.76 10.10
C LEU I 23 43.44 27.74 9.09
N SER I 24 44.24 27.48 8.06
CA SER I 24 43.89 26.57 6.98
C SER I 24 44.81 25.36 7.04
N CYS I 25 44.22 24.17 7.13
CA CYS I 25 44.96 22.91 7.10
C CYS I 25 44.86 22.35 5.69
N ALA I 26 45.93 22.48 4.91
CA ALA I 26 45.95 22.04 3.53
C ALA I 26 46.28 20.54 3.50
N ALA I 27 45.29 19.73 3.17
CA ALA I 27 45.45 18.29 3.13
C ALA I 27 45.95 17.85 1.76
N SER I 28 46.68 16.73 1.76
CA SER I 28 47.24 16.19 0.53
C SER I 28 47.45 14.69 0.70
N GLY I 29 47.21 13.94 -0.37
CA GLY I 29 47.43 12.51 -0.38
C GLY I 29 46.27 11.67 0.08
N PHE I 30 45.20 12.27 0.58
CA PHE I 30 44.03 11.53 1.00
C PHE I 30 42.77 12.32 0.68
N ASN I 31 41.66 11.61 0.56
CA ASN I 31 40.38 12.23 0.24
C ASN I 31 39.73 12.79 1.50
N VAL I 32 38.96 13.86 1.33
CA VAL I 32 38.32 14.49 2.46
C VAL I 32 37.06 13.73 2.91
N TYR I 33 36.52 12.86 2.07
CA TYR I 33 35.35 12.08 2.43
C TYR I 33 35.69 10.73 3.03
N SER I 34 36.92 10.25 2.83
CA SER I 34 37.37 9.00 3.41
C SER I 34 38.19 9.19 4.68
N SER I 35 38.28 10.43 5.16
CA SER I 35 39.03 10.72 6.38
C SER I 35 38.37 11.91 7.09
N SER I 36 38.68 12.03 8.37
CA SER I 36 38.15 13.10 9.20
C SER I 36 39.29 14.00 9.66
N ILE I 37 38.98 15.27 9.86
CA ILE I 37 39.98 16.28 10.22
C ILE I 37 39.70 16.77 11.63
N HIS I 38 40.72 16.77 12.47
CA HIS I 38 40.63 17.19 13.86
C HIS I 38 41.71 18.23 14.14
N TRP I 39 41.39 19.17 15.02
CA TRP I 39 42.35 20.19 15.46
C TRP I 39 42.66 19.96 16.93
N VAL I 40 43.94 19.79 17.23
CA VAL I 40 44.40 19.54 18.60
C VAL I 40 45.45 20.60 18.92
N ARG I 41 45.23 21.33 20.03
CA ARG I 41 46.14 22.36 20.47
C ARG I 41 46.89 21.91 21.72
N GLN I 42 48.11 22.41 21.87
CA GLN I 42 48.98 22.04 22.98
C GLN I 42 49.54 23.32 23.60
N ALA I 43 48.88 23.79 24.65
CA ALA I 43 49.33 25.00 25.32
C ALA I 43 50.72 24.77 25.94
N PRO I 44 51.60 25.76 25.90
CA PRO I 44 52.92 25.58 26.53
C PRO I 44 52.78 25.27 28.01
N GLY I 45 53.62 24.34 28.48
CA GLY I 45 53.48 23.87 29.85
C GLY I 45 52.26 23.01 30.08
N LYS I 46 51.72 22.40 29.04
CA LYS I 46 50.51 21.61 29.13
C LYS I 46 50.51 20.61 27.98
N GLY I 47 49.97 19.42 28.22
CA GLY I 47 49.88 18.41 27.19
C GLY I 47 48.90 18.74 26.09
N LEU I 48 48.45 17.72 25.37
CA LEU I 48 47.57 17.91 24.22
C LEU I 48 46.13 18.15 24.68
N GLU I 49 45.30 18.59 23.74
CA GLU I 49 43.89 18.83 24.02
C GLU I 49 43.14 18.95 22.69
N TRP I 50 42.02 18.25 22.60
CA TRP I 50 41.20 18.28 21.39
C TRP I 50 40.33 19.53 21.36
N VAL I 51 40.21 20.13 20.18
CA VAL I 51 39.50 21.39 20.00
C VAL I 51 38.23 21.22 19.17
N ALA I 52 38.37 20.76 17.92
CA ALA I 52 37.22 20.67 17.02
C ALA I 52 37.45 19.57 16.00
N SER I 53 36.34 19.12 15.41
CA SER I 53 36.37 18.03 14.45
C SER I 53 35.27 18.24 13.40
N ILE I 54 35.51 17.72 12.21
CA ILE I 54 34.54 17.79 11.11
C ILE I 54 34.52 16.46 10.39
N SER I 55 33.33 15.99 10.03
CA SER I 55 33.14 14.78 9.25
C SER I 55 32.41 15.15 7.96
N SER I 56 33.17 15.21 6.85
CA SER I 56 32.57 15.62 5.58
C SER I 56 31.60 14.57 5.05
N TYR I 57 31.82 13.30 5.37
CA TYR I 57 30.94 12.24 4.86
C TYR I 57 29.55 12.37 5.45
N TYR I 58 29.45 12.48 6.77
CA TYR I 58 28.15 12.61 7.43
C TYR I 58 27.69 14.06 7.54
N GLY I 59 28.54 15.03 7.20
CA GLY I 59 28.19 16.42 7.36
C GLY I 59 28.01 16.84 8.80
N TYR I 60 28.87 16.36 9.69
CA TYR I 60 28.81 16.66 11.10
C TYR I 60 30.02 17.48 11.53
N THR I 61 29.86 18.17 12.66
CA THR I 61 30.91 19.04 13.18
C THR I 61 30.79 19.08 14.69
N TYR I 62 31.89 18.80 15.39
CA TYR I 62 31.92 18.69 16.84
C TYR I 62 32.91 19.69 17.43
N TYR I 63 32.58 20.22 18.60
CA TYR I 63 33.42 21.19 19.29
C TYR I 63 33.53 20.83 20.76
N ALA I 64 34.68 21.15 21.35
CA ALA I 64 34.83 21.05 22.79
C ALA I 64 34.00 22.12 23.47
N ASP I 65 33.60 21.83 24.72
CA ASP I 65 32.74 22.75 25.46
C ASP I 65 33.40 24.09 25.72
N SER I 66 34.73 24.17 25.68
CA SER I 66 35.42 25.42 25.89
C SER I 66 35.46 26.30 24.64
N VAL I 67 35.04 25.78 23.50
CA VAL I 67 35.08 26.54 22.24
C VAL I 67 33.71 26.52 21.59
N LYS I 68 32.70 26.04 22.32
CA LYS I 68 31.36 25.92 21.77
C LYS I 68 30.81 27.28 21.38
N GLY I 69 30.44 27.42 20.11
CA GLY I 69 29.93 28.68 19.61
C GLY I 69 31.02 29.67 19.25
N ARG I 70 32.10 29.66 20.02
CA ARG I 70 33.20 30.59 19.76
C ARG I 70 33.96 30.20 18.50
N PHE I 71 34.30 28.93 18.34
CA PHE I 71 35.11 28.45 17.23
C PHE I 71 34.22 27.75 16.20
N THR I 72 34.65 27.81 14.94
CA THR I 72 33.93 27.17 13.84
C THR I 72 34.94 26.55 12.88
N ILE I 73 34.73 25.28 12.55
CA ILE I 73 35.61 24.55 11.65
C ILE I 73 34.79 24.10 10.44
N SER I 74 35.31 24.36 9.25
CA SER I 74 34.65 23.98 8.02
C SER I 74 35.68 23.43 7.04
N ALA I 75 35.20 22.61 6.09
CA ALA I 75 36.05 21.97 5.12
C ALA I 75 35.61 22.32 3.71
N ASP I 76 36.59 22.58 2.84
CA ASP I 76 36.34 22.84 1.43
C ASP I 76 36.69 21.56 0.68
N THR I 77 35.67 20.75 0.42
CA THR I 77 35.90 19.43 -0.16
C THR I 77 36.43 19.48 -1.59
N SER I 78 36.30 20.62 -2.27
CA SER I 78 36.76 20.72 -3.64
C SER I 78 38.27 20.58 -3.74
N LYS I 79 39.01 21.20 -2.81
CA LYS I 79 40.47 21.22 -2.85
C LYS I 79 41.10 20.51 -1.66
N ASN I 80 40.32 19.72 -0.92
CA ASN I 80 40.82 18.93 0.21
C ASN I 80 41.52 19.83 1.23
N THR I 81 40.75 20.74 1.81
CA THR I 81 41.27 21.71 2.77
C THR I 81 40.23 21.93 3.87
N ALA I 82 40.71 22.20 5.07
CA ALA I 82 39.85 22.50 6.21
C ALA I 82 40.33 23.78 6.88
N TYR I 83 39.40 24.51 7.47
CA TYR I 83 39.69 25.77 8.13
C TYR I 83 39.09 25.77 9.52
N LEU I 84 39.74 26.48 10.44
CA LEU I 84 39.25 26.67 11.80
C LEU I 84 39.15 28.16 12.06
N GLN I 85 37.91 28.67 12.11
CA GLN I 85 37.67 30.10 12.31
C GLN I 85 37.47 30.35 13.81
N MET I 86 38.46 30.97 14.43
CA MET I 86 38.41 31.31 15.85
C MET I 86 37.92 32.74 16.02
N ASN I 87 36.98 32.94 16.93
CA ASN I 87 36.46 34.26 17.26
C ASN I 87 36.49 34.44 18.77
N SER I 88 36.49 35.70 19.20
CA SER I 88 36.55 36.05 20.62
C SER I 88 37.76 35.41 21.30
N LEU I 89 38.92 35.55 20.66
CA LEU I 89 40.14 34.96 21.18
C LEU I 89 40.47 35.50 22.56
N ARG I 90 40.80 34.60 23.48
CA ARG I 90 41.14 34.95 24.85
C ARG I 90 42.58 34.53 25.15
N ALA I 91 43.06 34.97 26.30
CA ALA I 91 44.45 34.71 26.69
C ALA I 91 44.74 33.23 26.89
N GLU I 92 43.72 32.41 27.16
CA GLU I 92 43.91 30.99 27.36
C GLU I 92 43.91 30.20 26.05
N ASP I 93 43.74 30.87 24.91
CA ASP I 93 43.69 30.21 23.62
C ASP I 93 45.07 30.08 22.96
N THR I 94 46.11 30.59 23.60
CA THR I 94 47.44 30.48 23.02
C THR I 94 47.96 29.05 23.14
N ALA I 95 48.44 28.50 22.02
CA ALA I 95 48.92 27.13 21.95
C ALA I 95 49.49 26.90 20.55
N VAL I 96 50.19 25.78 20.41
CA VAL I 96 50.61 25.30 19.09
C VAL I 96 49.50 24.39 18.56
N TYR I 97 48.95 24.75 17.41
CA TYR I 97 47.78 24.08 16.86
C TYR I 97 48.22 23.07 15.81
N TYR I 98 47.85 21.81 16.01
CA TYR I 98 48.10 20.75 15.04
C TYR I 98 46.76 20.32 14.44
N CYS I 99 46.72 20.22 13.12
CA CYS I 99 45.58 19.63 12.44
C CYS I 99 45.90 18.17 12.16
N ALA I 100 45.07 17.27 12.70
CA ALA I 100 45.31 15.84 12.61
C ALA I 100 44.28 15.19 11.70
N ARG I 101 44.54 13.94 11.34
CA ARG I 101 43.67 13.18 10.46
C ARG I 101 43.39 11.82 11.09
N SER I 102 42.17 11.34 10.91
CA SER I 102 41.82 9.98 11.27
C SER I 102 40.95 9.41 10.15
N ARG I 103 40.96 8.08 10.04
CA ARG I 103 40.12 7.42 9.06
C ARG I 103 38.66 7.72 9.34
N GLN I 104 37.92 8.13 8.31
CA GLN I 104 36.52 8.46 8.50
C GLN I 104 35.72 7.25 8.97
N PHE I 105 36.02 6.09 8.40
CA PHE I 105 35.29 4.86 8.70
C PHE I 105 36.10 4.06 9.70
N TRP I 106 35.56 3.95 10.92
CA TRP I 106 36.19 3.18 11.98
C TRP I 106 37.57 3.75 12.31
N TYR I 107 37.55 5.00 12.79
CA TYR I 107 38.77 5.73 13.09
C TYR I 107 39.64 4.97 14.09
N SER I 108 40.95 4.97 13.82
CA SER I 108 41.90 4.25 14.65
C SER I 108 42.97 5.19 15.18
N GLY I 109 42.57 6.33 15.72
CA GLY I 109 43.49 7.30 16.24
C GLY I 109 43.96 8.29 15.19
N LEU I 110 44.62 9.35 15.67
CA LEU I 110 45.10 10.43 14.81
C LEU I 110 46.48 10.04 14.27
N ASP I 111 46.49 9.34 13.14
CA ASP I 111 47.74 8.80 12.61
C ASP I 111 48.61 9.90 12.00
N TYR I 112 48.00 10.81 11.24
CA TYR I 112 48.74 11.85 10.53
C TYR I 112 48.54 13.19 11.23
N TRP I 113 49.64 13.91 11.44
CA TRP I 113 49.62 15.21 12.10
C TRP I 113 50.35 16.23 11.23
N GLY I 114 49.93 17.48 11.36
CA GLY I 114 50.65 18.56 10.71
C GLY I 114 51.88 18.99 11.49
N GLN I 115 52.67 19.85 10.86
CA GLN I 115 53.90 20.32 11.50
C GLN I 115 53.63 21.22 12.69
N GLY I 116 52.41 21.74 12.83
CA GLY I 116 52.07 22.58 13.95
C GLY I 116 52.38 24.05 13.73
N THR I 117 51.42 24.91 14.04
CA THR I 117 51.58 26.35 13.93
C THR I 117 51.26 27.00 15.26
N LEU I 118 52.01 28.05 15.59
CA LEU I 118 51.93 28.69 16.89
C LEU I 118 50.94 29.85 16.84
N VAL I 119 50.02 29.89 17.79
CA VAL I 119 49.05 30.96 17.94
C VAL I 119 49.24 31.58 19.32
N THR I 120 49.41 32.90 19.35
CA THR I 120 49.66 33.62 20.58
C THR I 120 48.59 34.69 20.79
N VAL I 121 48.14 34.85 22.03
CA VAL I 121 47.17 35.87 22.39
C VAL I 121 47.74 36.65 23.56
N SER I 122 47.91 37.96 23.37
CA SER I 122 48.38 38.84 24.44
C SER I 122 47.99 40.27 24.08
N SER I 123 48.02 41.13 25.10
CA SER I 123 47.67 42.55 24.92
C SER I 123 48.90 43.31 24.43
N ALA I 124 49.23 43.07 23.16
CA ALA I 124 50.38 43.70 22.54
C ALA I 124 49.97 44.46 21.28
N SER J 1 29.27 11.72 31.66
CA SER J 1 30.14 12.88 31.85
C SER J 1 31.44 12.70 31.07
N ASP J 2 32.26 13.74 31.08
CA ASP J 2 33.56 13.68 30.39
C ASP J 2 34.48 12.68 31.09
N ILE J 3 35.26 11.97 30.30
CA ILE J 3 36.14 10.92 30.82
C ILE J 3 37.37 11.57 31.41
N GLN J 4 37.65 11.26 32.68
CA GLN J 4 38.86 11.73 33.35
C GLN J 4 39.95 10.67 33.15
N MET J 5 40.89 10.97 32.27
CA MET J 5 41.95 10.02 31.91
C MET J 5 43.24 10.46 32.60
N THR J 6 43.72 9.64 33.53
CA THR J 6 44.90 9.93 34.33
C THR J 6 45.96 8.87 34.10
N GLN J 7 47.18 9.31 33.80
CA GLN J 7 48.31 8.41 33.59
C GLN J 7 49.44 8.77 34.54
N SER J 8 50.18 7.76 34.97
CA SER J 8 51.25 7.91 35.94
C SER J 8 52.41 7.01 35.54
N PRO J 9 53.64 7.38 35.92
CA PRO J 9 54.02 8.58 36.68
C PRO J 9 54.15 9.81 35.80
N SER J 10 54.19 11.00 36.42
CA SER J 10 54.38 12.22 35.66
C SER J 10 55.74 12.24 34.96
N SER J 11 56.76 11.63 35.57
CA SER J 11 58.07 11.53 34.97
C SER J 11 58.76 10.30 35.51
N LEU J 12 59.68 9.76 34.71
CA LEU J 12 60.50 8.63 35.13
C LEU J 12 61.81 8.67 34.38
N SER J 13 62.88 8.20 35.04
CA SER J 13 64.21 8.20 34.47
C SER J 13 64.79 6.80 34.50
N ALA J 14 65.35 6.38 33.37
CA ALA J 14 65.97 5.07 33.27
C ALA J 14 67.05 5.13 32.21
N SER J 15 68.17 4.46 32.48
CA SER J 15 69.26 4.42 31.51
C SER J 15 68.89 3.55 30.32
N VAL J 16 69.71 3.65 29.27
CA VAL J 16 69.44 2.91 28.04
C VAL J 16 69.51 1.42 28.32
N GLY J 17 68.51 0.69 27.81
CA GLY J 17 68.44 -0.74 27.99
C GLY J 17 67.49 -1.20 29.07
N ASP J 18 67.01 -0.29 29.92
CA ASP J 18 66.10 -0.65 30.99
C ASP J 18 64.70 -0.91 30.43
N ARG J 19 63.86 -1.51 31.26
CA ARG J 19 62.46 -1.78 30.93
C ARG J 19 61.58 -0.86 31.75
N VAL J 20 60.67 -0.14 31.09
CA VAL J 20 59.78 0.81 31.74
C VAL J 20 58.35 0.52 31.34
N THR J 21 57.43 0.99 32.16
CA THR J 21 56.01 0.84 31.89
C THR J 21 55.28 2.09 32.37
N ILE J 22 54.21 2.44 31.65
CA ILE J 22 53.37 3.59 31.98
C ILE J 22 51.93 3.12 32.00
N THR J 23 51.21 3.45 33.07
CA THR J 23 49.83 3.04 33.23
C THR J 23 48.89 4.20 32.88
N CYS J 24 47.62 3.88 32.74
CA CYS J 24 46.61 4.86 32.35
C CYS J 24 45.25 4.34 32.76
N ARG J 25 44.55 5.07 33.63
CA ARG J 25 43.24 4.66 34.15
C ARG J 25 42.20 5.70 33.76
N ALA J 26 41.08 5.24 33.22
CA ALA J 26 39.98 6.10 32.85
C ALA J 26 39.01 6.27 34.01
N SER J 27 38.22 7.34 33.94
CA SER J 27 37.17 7.53 34.95
C SER J 27 36.12 6.43 34.87
N GLN J 28 35.69 6.08 33.67
CA GLN J 28 34.75 5.00 33.45
C GLN J 28 35.14 4.25 32.19
N SER J 29 34.50 3.10 31.97
CA SER J 29 34.88 2.21 30.88
C SER J 29 34.75 2.89 29.53
N VAL J 30 35.69 2.62 28.64
CA VAL J 30 35.71 3.19 27.31
C VAL J 30 35.81 2.10 26.25
N ALA J 33 39.43 1.18 22.85
CA ALA J 33 39.25 2.52 22.32
C ALA J 33 40.25 3.48 22.93
N VAL J 34 41.49 3.00 23.11
CA VAL J 34 42.56 3.78 23.72
C VAL J 34 43.76 3.79 22.78
N ALA J 35 44.32 4.99 22.57
CA ALA J 35 45.47 5.15 21.70
C ALA J 35 46.60 5.85 22.45
N TRP J 36 47.83 5.52 22.06
CA TRP J 36 49.03 6.08 22.67
C TRP J 36 49.84 6.84 21.63
N TYR J 37 50.32 8.02 22.01
CA TYR J 37 51.10 8.87 21.12
C TYR J 37 52.41 9.26 21.80
N GLN J 38 53.47 9.36 21.00
CA GLN J 38 54.78 9.76 21.48
C GLN J 38 55.18 11.07 20.81
N GLN J 39 55.57 12.05 21.63
CA GLN J 39 55.94 13.37 21.14
C GLN J 39 57.37 13.67 21.57
N LYS J 40 58.24 13.88 20.58
CA LYS J 40 59.56 14.44 20.86
C LYS J 40 59.43 15.94 21.09
N PRO J 41 60.33 16.52 21.89
CA PRO J 41 60.26 17.97 22.13
C PRO J 41 60.39 18.75 20.83
N GLY J 42 59.51 19.72 20.64
CA GLY J 42 59.51 20.51 19.44
C GLY J 42 59.00 19.82 18.19
N LYS J 43 58.22 18.76 18.34
CA LYS J 43 57.73 17.99 17.21
C LYS J 43 56.28 17.61 17.43
N ALA J 44 55.60 17.28 16.33
CA ALA J 44 54.22 16.83 16.40
C ALA J 44 54.16 15.40 16.92
N PRO J 45 53.09 15.03 17.62
CA PRO J 45 52.98 13.66 18.14
C PRO J 45 52.90 12.64 17.02
N LYS J 46 53.35 11.43 17.33
CA LYS J 46 53.34 10.31 16.40
C LYS J 46 52.63 9.13 17.02
N LEU J 47 51.62 8.60 16.32
CA LEU J 47 50.82 7.51 16.86
C LEU J 47 51.65 6.25 17.02
N LEU J 48 51.46 5.55 18.13
CA LEU J 48 52.14 4.29 18.40
C LEU J 48 51.20 3.09 18.43
N ILE J 49 50.15 3.15 19.25
CA ILE J 49 49.22 2.05 19.43
C ILE J 49 47.80 2.58 19.33
N TYR J 50 46.95 1.85 18.62
CA TYR J 50 45.52 2.12 18.57
C TYR J 50 44.77 0.91 19.08
N SER J 51 43.57 1.14 19.60
CA SER J 51 42.74 0.12 20.24
C SER J 51 43.43 -0.51 21.45
N ALA J 52 44.48 0.15 21.94
CA ALA J 52 45.20 -0.19 23.18
C ALA J 52 46.05 -1.44 23.04
N SER J 53 45.95 -2.15 21.91
CA SER J 53 46.77 -3.33 21.71
C SER J 53 47.40 -3.37 20.32
N SER J 54 46.74 -2.76 19.34
CA SER J 54 47.16 -2.86 17.96
C SER J 54 48.31 -1.90 17.68
N LEU J 55 49.48 -2.45 17.36
CA LEU J 55 50.64 -1.63 17.07
C LEU J 55 50.50 -0.97 15.70
N TYR J 56 50.77 0.32 15.63
CA TYR J 56 50.69 1.04 14.38
C TYR J 56 51.80 0.60 13.43
N SER J 57 51.53 0.73 12.13
CA SER J 57 52.49 0.31 11.11
C SER J 57 53.76 1.15 11.19
N GLY J 58 54.91 0.48 11.18
CA GLY J 58 56.19 1.14 11.22
C GLY J 58 56.77 1.35 12.61
N VAL J 59 55.97 1.13 13.66
CA VAL J 59 56.44 1.29 15.03
C VAL J 59 57.32 0.10 15.42
N PRO J 60 58.46 0.33 16.05
CA PRO J 60 59.30 -0.80 16.48
C PRO J 60 58.57 -1.70 17.46
N SER J 61 58.90 -2.99 17.41
CA SER J 61 58.20 -4.01 18.18
C SER J 61 58.41 -3.90 19.68
N ARG J 62 59.36 -3.09 20.14
CA ARG J 62 59.59 -2.97 21.58
C ARG J 62 58.39 -2.35 22.29
N PHE J 63 57.66 -1.48 21.62
CA PHE J 63 56.46 -0.90 22.21
C PHE J 63 55.34 -1.93 22.31
N SER J 64 54.63 -1.91 23.43
CA SER J 64 53.58 -2.88 23.69
C SER J 64 52.41 -2.18 24.37
N GLY J 65 51.23 -2.77 24.22
CA GLY J 65 50.03 -2.25 24.85
C GLY J 65 49.18 -3.39 25.36
N SER J 66 48.52 -3.13 26.48
CA SER J 66 47.69 -4.14 27.13
C SER J 66 46.49 -3.48 27.78
N ARG J 67 45.47 -4.29 28.04
CA ARG J 67 44.25 -3.84 28.70
C ARG J 67 43.99 -4.69 29.93
N SER J 68 43.51 -4.05 30.99
CA SER J 68 43.08 -4.76 32.19
C SER J 68 41.91 -3.96 32.77
N GLY J 69 40.70 -4.33 32.36
CA GLY J 69 39.52 -3.61 32.81
C GLY J 69 39.53 -2.17 32.32
N THR J 70 39.64 -1.24 33.26
CA THR J 70 39.66 0.19 32.97
C THR J 70 41.09 0.72 32.90
N ASP J 71 42.07 -0.01 33.43
CA ASP J 71 43.46 0.42 33.44
C ASP J 71 44.12 0.00 32.13
N PHE J 72 44.88 0.92 31.54
CA PHE J 72 45.63 0.67 30.31
C PHE J 72 47.10 0.97 30.55
N THR J 73 47.97 0.10 30.04
CA THR J 73 49.41 0.21 30.27
C THR J 73 50.15 0.26 28.94
N LEU J 74 51.17 1.10 28.87
CA LEU J 74 52.09 1.18 27.75
C LEU J 74 53.47 0.72 28.23
N THR J 75 54.04 -0.25 27.54
CA THR J 75 55.29 -0.88 27.98
C THR J 75 56.30 -0.88 26.84
N ILE J 76 57.55 -0.59 27.19
CA ILE J 76 58.69 -0.70 26.27
C ILE J 76 59.61 -1.78 26.81
N SER J 77 59.78 -2.85 26.05
CA SER J 77 60.57 -3.99 26.54
C SER J 77 62.03 -3.62 26.69
N SER J 78 62.63 -3.03 25.65
CA SER J 78 64.02 -2.60 25.68
C SER J 78 64.07 -1.15 25.23
N LEU J 79 64.46 -0.26 26.13
CA LEU J 79 64.36 1.18 25.91
C LEU J 79 65.56 1.64 25.09
N GLN J 80 65.32 1.97 23.81
CA GLN J 80 66.37 2.39 22.91
C GLN J 80 66.89 3.78 23.30
N PRO J 81 68.11 4.13 22.88
CA PRO J 81 68.64 5.45 23.23
C PRO J 81 67.84 6.62 22.67
N GLU J 82 66.99 6.39 21.67
CA GLU J 82 66.17 7.44 21.09
C GLU J 82 64.72 7.42 21.59
N ASP J 83 64.38 6.50 22.49
CA ASP J 83 63.01 6.37 22.96
C ASP J 83 62.65 7.34 24.08
N PHE J 84 63.53 8.28 24.40
CA PHE J 84 63.25 9.27 25.45
C PHE J 84 62.40 10.39 24.86
N ALA J 85 61.16 10.47 25.29
CA ALA J 85 60.22 11.49 24.83
C ALA J 85 59.07 11.57 25.83
N THR J 86 58.02 12.30 25.45
CA THR J 86 56.81 12.43 26.26
C THR J 86 55.70 11.61 25.63
N TYR J 87 55.03 10.78 26.43
CA TYR J 87 54.04 9.84 25.94
C TYR J 87 52.66 10.23 26.46
N TYR J 88 51.65 10.05 25.62
CA TYR J 88 50.29 10.48 25.94
C TYR J 88 49.32 9.33 25.77
N CYS J 89 48.20 9.42 26.49
CA CYS J 89 47.17 8.39 26.55
C CYS J 89 45.84 9.02 26.16
N GLN J 90 45.17 8.44 25.17
CA GLN J 90 43.96 9.03 24.62
C GLN J 90 42.86 7.99 24.52
N GLN J 91 41.61 8.43 24.72
CA GLN J 91 40.43 7.61 24.47
C GLN J 91 39.60 8.26 23.37
N TYR J 92 38.93 7.43 22.58
CA TYR J 92 38.02 7.93 21.56
C TYR J 92 36.70 7.15 21.55
N LYS J 93 36.28 6.66 22.72
CA LYS J 93 34.99 6.00 22.81
C LYS J 93 33.84 7.00 22.79
N TYR J 94 34.01 8.15 23.45
CA TYR J 94 33.00 9.19 23.51
C TYR J 94 33.58 10.52 23.11
N VAL J 95 32.70 11.42 22.67
CA VAL J 95 33.06 12.79 22.33
C VAL J 95 32.75 13.65 23.56
N PRO J 96 33.68 14.52 24.00
CA PRO J 96 35.01 14.79 23.43
C PRO J 96 36.05 13.72 23.75
N VAL J 97 37.13 13.70 22.98
CA VAL J 97 38.23 12.77 23.19
C VAL J 97 39.22 13.42 24.14
N THR J 98 39.60 12.68 25.18
CA THR J 98 40.46 13.21 26.23
C THR J 98 41.87 12.63 26.11
N PHE J 99 42.85 13.41 26.55
CA PHE J 99 44.25 13.04 26.50
C PHE J 99 44.81 12.90 27.91
N GLY J 100 45.85 12.09 28.04
CA GLY J 100 46.55 11.98 29.30
C GLY J 100 47.42 13.19 29.57
N GLN J 101 47.90 13.26 30.82
CA GLN J 101 48.72 14.40 31.23
C GLN J 101 50.16 14.30 30.75
N GLY J 102 50.57 13.16 30.22
CA GLY J 102 51.92 12.99 29.72
C GLY J 102 52.83 12.33 30.73
N THR J 103 53.92 11.75 30.23
CA THR J 103 54.91 11.08 31.06
C THR J 103 56.26 11.25 30.39
N LYS J 104 57.12 12.08 30.97
CA LYS J 104 58.43 12.35 30.39
C LYS J 104 59.42 11.26 30.79
N VAL J 105 59.88 10.49 29.81
CA VAL J 105 60.89 9.46 30.02
C VAL J 105 62.25 10.06 29.74
N GLU J 106 63.14 10.02 30.72
CA GLU J 106 64.43 10.69 30.65
C GLU J 106 65.56 9.68 30.82
N ILE J 107 66.78 10.17 30.65
CA ILE J 107 67.98 9.37 30.81
C ILE J 107 68.34 9.27 32.28
N GLU K 6 -35.62 -9.91 0.49
CA GLU K 6 -35.07 -8.58 0.31
C GLU K 6 -34.44 -8.06 1.60
N ASN K 7 -34.99 -8.48 2.74
CA ASN K 7 -34.48 -8.10 4.04
C ASN K 7 -34.64 -9.25 5.04
N TPO K 8 -33.85 -9.22 6.10
CA TPO K 8 -33.95 -10.23 7.14
CB TPO K 8 -32.66 -10.32 7.93
CG2 TPO K 8 -32.71 -11.54 8.85
OG1 TPO K 8 -31.55 -10.44 7.04
P TPO K 8 -30.72 -9.05 7.13
O1P TPO K 8 -31.63 -7.95 7.50
O2P TPO K 8 -29.58 -9.20 8.26
O3P TPO K 8 -30.03 -8.74 5.71
C TPO K 8 -35.12 -9.92 8.06
O TPO K 8 -35.15 -8.87 8.71
N VAL K 9 -36.08 -10.82 8.12
CA VAL K 9 -37.26 -10.63 8.96
C VAL K 9 -37.50 -11.87 9.78
N SEP K 10 -38.24 -11.74 10.87
CA SEP K 10 -38.50 -12.85 11.76
CB SEP K 10 -38.45 -12.39 13.22
OG SEP K 10 -39.50 -11.47 13.49
C SEP K 10 -39.85 -13.50 11.47
O SEP K 10 -40.73 -12.87 10.87
P SEP K 10 -39.41 -10.96 15.01
O1P SEP K 10 -38.27 -9.84 15.14
O2P SEP K 10 -40.83 -10.34 15.44
O3P SEP K 10 -39.07 -12.20 15.97
N TPO K 11 -40.01 -14.74 11.89
CA TPO K 11 -41.28 -15.44 11.77
CB TPO K 11 -41.33 -16.26 10.50
CG2 TPO K 11 -40.02 -17.05 10.34
OG1 TPO K 11 -42.43 -17.17 10.57
P TPO K 11 -43.48 -16.74 9.43
O1P TPO K 11 -43.07 -15.31 8.81
O2P TPO K 11 -44.95 -16.64 10.07
O3P TPO K 11 -43.47 -17.75 8.34
C TPO K 11 -41.51 -16.32 12.99
O TPO K 11 -40.58 -16.66 13.70
N SER K 12 -42.77 -16.69 13.22
CA SER K 12 -43.15 -17.42 14.42
C SER K 12 -42.99 -18.93 14.29
N LEU K 13 -42.04 -19.49 15.02
CA LEU K 13 -41.89 -20.92 15.09
C LEU K 13 -43.09 -21.54 15.80
N GLY K 14 -43.48 -22.74 15.37
CA GLY K 14 -44.61 -23.43 15.96
C GLY K 14 -44.45 -23.75 17.43
N GLU L 6 19.81 -6.29 31.00
CA GLU L 6 19.02 -5.13 30.60
C GLU L 6 19.66 -4.41 29.41
N ASN L 7 20.97 -4.61 29.25
CA ASN L 7 21.72 -3.98 28.16
C ASN L 7 22.95 -4.81 27.81
N TPO L 8 23.50 -4.56 26.63
CA TPO L 8 24.68 -5.29 26.18
CB TPO L 8 24.72 -5.33 24.66
CG2 TPO L 8 25.80 -6.32 24.21
OG1 TPO L 8 23.46 -5.76 24.14
P TPO L 8 22.82 -4.49 23.36
O1P TPO L 8 23.52 -3.26 23.74
O2P TPO L 8 22.99 -4.72 21.77
O3P TPO L 8 21.25 -4.37 23.72
C TPO L 8 25.96 -4.67 26.73
O TPO L 8 26.22 -3.49 26.51
N VAL L 9 26.74 -5.46 27.44
CA VAL L 9 28.01 -5.00 27.98
C VAL L 9 29.11 -5.97 27.55
N SEP L 10 30.27 -5.86 28.19
CA SEP L 10 31.40 -6.72 27.84
CB SEP L 10 32.48 -5.92 27.11
OG SEP L 10 33.00 -4.90 27.93
C SEP L 10 31.98 -7.40 29.07
O SEP L 10 31.73 -6.98 30.20
P SEP L 10 33.84 -3.87 27.04
O1P SEP L 10 32.85 -2.75 26.42
O2P SEP L 10 34.56 -4.67 25.84
O3P SEP L 10 34.96 -3.16 27.95
N TPO L 11 32.75 -8.46 28.84
CA TPO L 11 33.31 -9.25 29.93
CB TPO L 11 32.33 -10.40 30.30
CG2 TPO L 11 32.99 -11.77 30.49
OG1 TPO L 11 31.52 -10.02 31.43
P TPO L 11 32.24 -10.23 32.88
O1P TPO L 11 31.67 -9.22 33.80
O2P TPO L 11 31.90 -11.69 33.46
O3P TPO L 11 33.83 -10.01 32.86
C TPO L 11 34.69 -9.80 29.56
O TPO L 11 34.97 -10.06 28.39
N SER L 12 35.54 -9.95 30.57
CA SER L 12 36.95 -10.28 30.37
C SER L 12 37.21 -11.65 29.70
N LEU L 13 36.55 -12.68 30.22
CA LEU L 13 36.71 -14.07 29.76
C LEU L 13 38.05 -14.64 30.20
N GLY L 14 38.90 -13.81 30.79
CA GLY L 14 40.20 -14.26 31.25
C GLY L 14 41.13 -14.71 30.15
#